data_6N50
#
_entry.id   6N50
#
_cell.length_a   150.433
_cell.length_b   157.159
_cell.length_c   208.112
_cell.angle_alpha   90.000
_cell.angle_beta   90.000
_cell.angle_gamma   90.000
#
_symmetry.space_group_name_H-M   'I 21 21 21'
#
loop_
_entity.id
_entity.type
_entity.pdbx_description
1 polymer 'Metabotropic glutamate receptor 5'
2 polymer 'Nanobody 43'
3 non-polymer 2-acetamido-2-deoxy-beta-D-glucopyranose
4 non-polymer '(S)-2-AMINO-3-(3,5-DIOXO-[1,2,4]OXADIAZOLIDIN-2-YL)-PROPIONIC ACID'
#
loop_
_entity_poly.entity_id
_entity_poly.type
_entity_poly.pdbx_seq_one_letter_code
_entity_poly.pdbx_strand_id
1 'polypeptide(L)'
;MLLVNQSHQGFNKEHTSKMVSAIVLYVLLAAAAHSAFQSSERRVVAHMPGDIIIGALFSVHHQPTVDKVHERKCGAVREQ
YGIQRVEAMLHTLERINSDPTLLPNITLGCEIRDSCWHSAVALEQSIEFIRDSLISSEEEEGLVRCVDGSSSSFRSKKPI
VGVIGPGSSSVAIQVQNLLQLFNIPQIAYSATSMDLSDKTLFKYFMRVVPSDAQQARAMVDIVKRYNWTYVSAVHTEGNY
GESGMEAFKDMSAKEGICIAHSYKIYSNAGEQSFDKLLKKLTSHLPKARVVACFCEGMTVRGLLMAMRRLGLAGEFLLLG
SDGWADRYDVTDGYQREAVGGITIKLQSPDVKWFDDYYLKLRPETNHRNPWFQEFWQHRFQCRLEGFPQENSKYNKTCNS
SLTLKTHHVQDSKMGFVINAIYSMAYGLHNMQMSLCPGYAGLCDAMKPIDGRKLLESLMKTNFTGVSGDTILFDENGDSP
GRYEIMNFKEMGKDYFDYINVGSWDNGELKMDDDEVWSKKSNIIRSVCSEPCEKGQIKVIRKGEVSCCWTCTPCKENEYV
FDEYTCKACQLGSWPTDDLTGCDLIPVQHHHHHHHH
;
A,B,C
2 'polypeptide(L)'
;QVQLVESGGGLVQAGGSLRLSCAASGRTFTSYAMGWFRQAPGKERESVAAISSSGGSTHYADSVKGRFTISRDNSKNTVY
LQMNSLKPEDTAVYYCAAAMYGSRWPDWEYDYWGQGTQVTVSS
;
E
#
# COMPACT_ATOMS: atom_id res chain seq x y z
N ARG A 42 -3.75 -19.47 -4.86
CA ARG A 42 -2.89 -19.25 -6.00
C ARG A 42 -3.49 -18.22 -6.95
N ARG A 43 -2.70 -17.81 -7.95
CA ARG A 43 -3.17 -16.86 -8.95
C ARG A 43 -3.80 -17.59 -10.12
N VAL A 44 -4.89 -17.01 -10.63
CA VAL A 44 -5.53 -17.55 -11.82
C VAL A 44 -4.71 -17.21 -13.04
N VAL A 45 -4.73 -18.10 -14.03
CA VAL A 45 -3.93 -17.97 -15.24
C VAL A 45 -4.88 -17.94 -16.43
N ALA A 46 -4.43 -17.32 -17.52
CA ALA A 46 -5.17 -17.34 -18.77
C ALA A 46 -4.64 -18.53 -19.57
N HIS A 47 -5.44 -19.59 -19.64
CA HIS A 47 -5.05 -20.85 -20.27
C HIS A 47 -5.52 -20.91 -21.71
N MET A 48 -4.67 -21.51 -22.56
CA MET A 48 -5.04 -21.81 -23.94
C MET A 48 -4.26 -23.06 -24.33
N PRO A 49 -4.93 -24.10 -24.84
CA PRO A 49 -4.25 -25.34 -25.20
C PRO A 49 -3.63 -25.29 -26.59
N GLY A 50 -2.70 -26.20 -26.82
CA GLY A 50 -2.05 -26.31 -28.11
C GLY A 50 -0.95 -27.35 -28.06
N ASP A 51 -0.38 -27.61 -29.24
CA ASP A 51 0.73 -28.57 -29.34
C ASP A 51 2.02 -28.01 -28.79
N ILE A 52 2.13 -26.69 -28.68
CA ILE A 52 3.29 -26.02 -28.09
C ILE A 52 2.77 -24.86 -27.26
N ILE A 53 3.01 -24.90 -25.95
CA ILE A 53 2.56 -23.88 -25.03
C ILE A 53 3.68 -22.88 -24.78
N ILE A 54 3.37 -21.59 -24.95
CA ILE A 54 4.32 -20.51 -24.80
C ILE A 54 3.91 -19.65 -23.61
N GLY A 55 4.87 -19.33 -22.75
CA GLY A 55 4.59 -18.53 -21.58
C GLY A 55 4.47 -17.05 -21.90
N ALA A 56 3.73 -16.34 -21.05
CA ALA A 56 3.52 -14.90 -21.20
C ALA A 56 3.36 -14.26 -19.82
N LEU A 57 3.99 -13.10 -19.64
CA LEU A 57 3.93 -12.35 -18.39
C LEU A 57 3.47 -10.92 -18.69
N PHE A 58 2.22 -10.62 -18.36
CA PHE A 58 1.65 -9.28 -18.55
C PHE A 58 1.22 -8.68 -17.22
N SER A 59 1.39 -7.37 -17.09
CA SER A 59 1.02 -6.63 -15.89
C SER A 59 -0.49 -6.42 -15.85
N VAL A 60 -1.20 -7.49 -15.50
CA VAL A 60 -2.66 -7.41 -15.40
C VAL A 60 -3.06 -6.51 -14.25
N HIS A 61 -2.38 -6.62 -13.11
CA HIS A 61 -2.66 -5.81 -11.94
C HIS A 61 -1.50 -4.84 -11.71
N HIS A 62 -1.71 -3.87 -10.82
CA HIS A 62 -0.66 -2.94 -10.45
C HIS A 62 0.27 -3.54 -9.41
N GLN A 63 1.41 -2.88 -9.22
CA GLN A 63 2.36 -3.27 -8.20
C GLN A 63 1.69 -3.28 -6.83
N PRO A 64 1.95 -4.29 -6.01
CA PRO A 64 1.31 -4.36 -4.69
C PRO A 64 1.65 -3.13 -3.85
N THR A 65 0.71 -2.74 -3.01
CA THR A 65 0.89 -1.58 -2.14
C THR A 65 2.02 -1.83 -1.15
N VAL A 66 2.80 -0.78 -0.88
CA VAL A 66 3.92 -0.82 0.05
C VAL A 66 3.51 -1.41 1.40
N ASP A 67 2.22 -1.34 1.72
CA ASP A 67 1.71 -1.95 2.94
C ASP A 67 1.77 -3.48 2.87
N LYS A 68 1.17 -4.05 1.83
CA LYS A 68 1.08 -5.50 1.67
C LYS A 68 2.01 -6.03 0.57
N VAL A 69 3.27 -5.59 0.57
CA VAL A 69 4.21 -6.08 -0.44
C VAL A 69 4.63 -7.52 -0.14
N HIS A 70 4.97 -7.81 1.12
CA HIS A 70 5.33 -9.17 1.47
C HIS A 70 4.18 -10.14 1.18
N GLU A 71 2.94 -9.69 1.41
CA GLU A 71 1.76 -10.49 1.11
C GLU A 71 1.61 -10.75 -0.38
N ARG A 72 2.18 -9.90 -1.23
CA ARG A 72 2.08 -10.04 -2.69
C ARG A 72 0.64 -9.93 -3.18
N LYS A 73 -0.13 -9.04 -2.55
CA LYS A 73 -1.50 -8.75 -2.94
C LYS A 73 -1.49 -7.58 -3.92
N CYS A 74 -1.59 -7.89 -5.22
CA CYS A 74 -1.48 -6.89 -6.26
C CYS A 74 -2.65 -5.91 -6.25
N GLY A 75 -2.39 -4.71 -6.77
CA GLY A 75 -3.36 -3.63 -6.79
C GLY A 75 -4.39 -3.69 -7.91
N ALA A 76 -4.87 -2.51 -8.31
CA ALA A 76 -5.93 -2.37 -9.30
C ALA A 76 -5.56 -3.00 -10.64
N VAL A 77 -6.60 -3.43 -11.37
CA VAL A 77 -6.43 -4.03 -12.69
C VAL A 77 -6.01 -2.96 -13.70
N ARG A 78 -5.25 -3.40 -14.71
CA ARG A 78 -4.74 -2.53 -15.76
C ARG A 78 -5.30 -2.96 -17.11
N GLU A 79 -5.71 -1.98 -17.92
CA GLU A 79 -6.24 -2.28 -19.26
C GLU A 79 -5.14 -2.36 -20.32
N GLN A 80 -4.48 -1.23 -20.60
CA GLN A 80 -3.52 -1.18 -21.70
C GLN A 80 -2.32 -2.08 -21.46
N TYR A 81 -1.70 -1.99 -20.29
CA TYR A 81 -0.58 -2.88 -19.98
C TYR A 81 -1.03 -4.25 -19.52
N GLY A 82 -2.32 -4.44 -19.25
CA GLY A 82 -2.83 -5.71 -18.78
C GLY A 82 -3.76 -6.41 -19.76
N ILE A 83 -5.06 -6.26 -19.51
CA ILE A 83 -6.15 -6.91 -20.24
C ILE A 83 -5.92 -6.90 -21.76
N GLN A 84 -5.59 -5.72 -22.30
CA GLN A 84 -5.40 -5.59 -23.74
C GLN A 84 -4.27 -6.48 -24.24
N ARG A 85 -3.13 -6.46 -23.54
CA ARG A 85 -2.00 -7.31 -23.93
C ARG A 85 -2.36 -8.79 -23.86
N VAL A 86 -3.14 -9.18 -22.84
CA VAL A 86 -3.56 -10.57 -22.70
C VAL A 86 -4.41 -11.00 -23.90
N GLU A 87 -5.43 -10.19 -24.22
CA GLU A 87 -6.29 -10.52 -25.35
C GLU A 87 -5.50 -10.53 -26.66
N ALA A 88 -4.51 -9.64 -26.79
CA ALA A 88 -3.65 -9.63 -27.97
C ALA A 88 -2.87 -10.93 -28.09
N MET A 89 -2.26 -11.37 -26.99
CA MET A 89 -1.61 -12.67 -26.93
C MET A 89 -2.53 -13.76 -27.47
N LEU A 90 -3.73 -13.85 -26.89
CA LEU A 90 -4.69 -14.89 -27.28
C LEU A 90 -5.00 -14.83 -28.76
N HIS A 91 -5.40 -13.65 -29.26
CA HIS A 91 -5.83 -13.53 -30.64
C HIS A 91 -4.67 -13.76 -31.62
N THR A 92 -3.48 -13.26 -31.28
CA THR A 92 -2.32 -13.47 -32.15
C THR A 92 -2.00 -14.95 -32.27
N LEU A 93 -2.12 -15.71 -31.17
CA LEU A 93 -1.91 -17.15 -31.29
C LEU A 93 -3.00 -17.79 -32.12
N GLU A 94 -4.24 -17.31 -31.99
CA GLU A 94 -5.31 -17.82 -32.86
C GLU A 94 -4.96 -17.58 -34.33
N ARG A 95 -4.41 -16.41 -34.65
CA ARG A 95 -4.04 -16.10 -36.02
C ARG A 95 -2.89 -16.98 -36.50
N ILE A 96 -1.90 -17.20 -35.65
CA ILE A 96 -0.77 -18.05 -36.04
C ILE A 96 -1.24 -19.46 -36.34
N ASN A 97 -2.21 -19.95 -35.56
CA ASN A 97 -2.81 -21.24 -35.89
C ASN A 97 -3.54 -21.18 -37.23
N SER A 98 -4.36 -20.15 -37.43
CA SER A 98 -5.10 -20.00 -38.67
C SER A 98 -4.17 -19.90 -39.88
N ASP A 99 -3.06 -19.20 -39.73
CA ASP A 99 -2.12 -18.99 -40.84
C ASP A 99 -1.50 -20.32 -41.27
N PRO A 100 -1.75 -20.79 -42.51
CA PRO A 100 -1.16 -22.07 -42.93
C PRO A 100 0.31 -21.97 -43.31
N THR A 101 0.83 -20.77 -43.56
CA THR A 101 2.24 -20.63 -43.87
C THR A 101 3.10 -20.68 -42.62
N LEU A 102 2.65 -20.04 -41.54
CA LEU A 102 3.39 -20.00 -40.28
C LEU A 102 2.98 -21.19 -39.42
N LEU A 103 3.95 -22.06 -39.11
CA LEU A 103 3.76 -23.25 -38.29
C LEU A 103 2.57 -24.09 -38.75
N PRO A 104 2.70 -24.79 -39.87
CA PRO A 104 1.59 -25.63 -40.36
C PRO A 104 1.48 -26.93 -39.57
N ASN A 105 0.23 -27.34 -39.32
CA ASN A 105 -0.10 -28.56 -38.59
C ASN A 105 0.37 -28.50 -37.15
N ILE A 106 0.70 -27.31 -36.66
CA ILE A 106 1.20 -27.10 -35.30
C ILE A 106 0.27 -26.12 -34.60
N THR A 107 -0.24 -26.51 -33.44
CA THR A 107 -1.11 -25.66 -32.65
C THR A 107 -0.32 -24.99 -31.54
N LEU A 108 -0.52 -23.69 -31.36
CA LEU A 108 0.19 -22.91 -30.35
C LEU A 108 -0.75 -22.61 -29.18
N GLY A 109 -0.42 -23.15 -28.01
CA GLY A 109 -1.11 -22.80 -26.79
C GLY A 109 -0.27 -21.83 -25.96
N CYS A 110 -0.87 -21.34 -24.88
CA CYS A 110 -0.19 -20.38 -24.02
C CYS A 110 -0.70 -20.47 -22.59
N GLU A 111 0.15 -19.98 -21.68
CA GLU A 111 -0.13 -19.90 -20.25
C GLU A 111 0.23 -18.47 -19.85
N ILE A 112 -0.79 -17.62 -19.73
CA ILE A 112 -0.60 -16.19 -19.51
C ILE A 112 -0.71 -15.89 -18.02
N ARG A 113 0.37 -15.38 -17.42
CA ARG A 113 0.45 -15.14 -15.99
C ARG A 113 0.65 -13.66 -15.66
N ASP A 114 0.17 -13.28 -14.48
CA ASP A 114 0.26 -11.91 -13.99
C ASP A 114 1.70 -11.57 -13.58
N SER A 115 2.26 -10.52 -14.19
CA SER A 115 3.56 -10.02 -13.76
C SER A 115 3.42 -9.07 -12.57
N CYS A 116 2.42 -8.19 -12.61
CA CYS A 116 2.15 -7.16 -11.61
C CYS A 116 3.21 -6.07 -11.57
N TRP A 117 4.06 -6.00 -12.59
CA TRP A 117 5.15 -5.02 -12.65
C TRP A 117 6.01 -5.08 -11.38
N HIS A 118 6.16 -6.30 -10.84
CA HIS A 118 6.86 -6.51 -9.58
C HIS A 118 7.79 -7.70 -9.75
N SER A 119 9.03 -7.56 -9.28
CA SER A 119 10.01 -8.62 -9.40
C SER A 119 9.54 -9.91 -8.73
N ALA A 120 9.13 -9.81 -7.46
CA ALA A 120 8.78 -11.02 -6.69
C ALA A 120 7.59 -11.76 -7.31
N VAL A 121 6.57 -11.04 -7.75
CA VAL A 121 5.37 -11.69 -8.26
C VAL A 121 5.65 -12.37 -9.59
N ALA A 122 6.34 -11.66 -10.50
CA ALA A 122 6.69 -12.27 -11.77
C ALA A 122 7.65 -13.43 -11.56
N LEU A 123 8.50 -13.37 -10.52
CA LEU A 123 9.40 -14.48 -10.26
C LEU A 123 8.65 -15.71 -9.75
N GLU A 124 7.68 -15.52 -8.84
CA GLU A 124 6.87 -16.66 -8.41
C GLU A 124 6.12 -17.28 -9.59
N GLN A 125 5.59 -16.44 -10.48
CA GLN A 125 4.85 -17.00 -11.60
C GLN A 125 5.79 -17.67 -12.61
N SER A 126 7.03 -17.17 -12.72
CA SER A 126 8.01 -17.85 -13.56
C SER A 126 8.40 -19.19 -12.96
N ILE A 127 8.46 -19.28 -11.62
CA ILE A 127 8.65 -20.56 -10.97
C ILE A 127 7.49 -21.49 -11.30
N GLU A 128 6.27 -20.95 -11.28
CA GLU A 128 5.12 -21.74 -11.70
C GLU A 128 5.21 -22.17 -13.16
N PHE A 129 5.95 -21.43 -13.98
CA PHE A 129 6.27 -21.94 -15.32
C PHE A 129 7.24 -23.11 -15.21
N ILE A 130 8.28 -22.97 -14.39
CA ILE A 130 9.32 -23.98 -14.26
C ILE A 130 8.83 -25.23 -13.55
N ARG A 131 7.72 -25.14 -12.82
CA ARG A 131 7.13 -26.20 -12.02
C ARG A 131 7.15 -27.58 -12.69
N ASP A 132 6.92 -27.63 -14.01
CA ASP A 132 6.93 -28.89 -14.72
C ASP A 132 8.26 -29.63 -14.59
N SER A 133 9.34 -29.01 -15.07
CA SER A 133 10.65 -29.66 -15.03
C SER A 133 11.28 -29.61 -13.64
N LYS A 158 2.58 -30.20 -20.25
CA LYS A 158 3.29 -29.62 -21.39
C LYS A 158 4.25 -28.54 -20.90
N PRO A 159 5.50 -28.58 -21.34
CA PRO A 159 6.48 -27.60 -20.87
C PRO A 159 6.33 -26.27 -21.59
N ILE A 160 6.86 -25.24 -20.96
CA ILE A 160 6.88 -23.90 -21.53
C ILE A 160 8.06 -23.79 -22.48
N VAL A 161 7.77 -23.54 -23.76
CA VAL A 161 8.83 -23.46 -24.76
C VAL A 161 9.54 -22.12 -24.70
N GLY A 162 8.77 -21.03 -24.67
CA GLY A 162 9.35 -19.70 -24.57
C GLY A 162 8.47 -18.82 -23.71
N VAL A 163 8.99 -17.63 -23.40
CA VAL A 163 8.32 -16.67 -22.54
C VAL A 163 8.32 -15.30 -23.21
N ILE A 164 7.18 -14.62 -23.13
CA ILE A 164 7.00 -13.29 -23.69
C ILE A 164 6.86 -12.31 -22.53
N GLY A 165 7.64 -11.22 -22.58
CA GLY A 165 7.63 -10.21 -21.54
C GLY A 165 8.72 -10.41 -20.53
N PRO A 166 8.58 -9.80 -19.33
CA PRO A 166 7.53 -8.88 -18.89
C PRO A 166 7.79 -7.42 -19.26
N GLY A 167 7.14 -6.50 -18.55
CA GLY A 167 7.26 -5.09 -18.85
C GLY A 167 8.54 -4.39 -18.39
N SER A 168 8.72 -4.27 -17.08
CA SER A 168 9.87 -3.55 -16.55
C SER A 168 11.17 -4.33 -16.79
N SER A 169 12.20 -3.60 -17.23
CA SER A 169 13.52 -4.21 -17.43
C SER A 169 14.04 -4.83 -16.14
N SER A 170 13.86 -4.13 -15.02
CA SER A 170 14.31 -4.66 -13.73
C SER A 170 13.65 -5.99 -13.41
N VAL A 171 12.36 -6.11 -13.70
CA VAL A 171 11.64 -7.36 -13.47
C VAL A 171 12.04 -8.40 -14.51
N ALA A 172 12.25 -7.95 -15.76
CA ALA A 172 12.65 -8.85 -16.82
C ALA A 172 13.98 -9.51 -16.50
N ILE A 173 14.90 -8.79 -15.86
CA ILE A 173 16.16 -9.40 -15.44
C ILE A 173 15.92 -10.50 -14.42
N GLN A 174 15.10 -10.22 -13.40
CA GLN A 174 14.80 -11.22 -12.39
C GLN A 174 14.21 -12.48 -13.02
N VAL A 175 13.37 -12.30 -14.04
CA VAL A 175 12.76 -13.44 -14.72
C VAL A 175 13.79 -14.18 -15.56
N GLN A 176 14.55 -13.44 -16.37
CA GLN A 176 15.59 -14.02 -17.22
C GLN A 176 16.58 -14.84 -16.43
N ASN A 177 17.04 -14.31 -15.29
CA ASN A 177 17.97 -15.06 -14.44
C ASN A 177 17.47 -16.47 -14.14
N LEU A 178 16.16 -16.63 -13.98
CA LEU A 178 15.57 -17.95 -13.75
C LEU A 178 15.42 -18.73 -15.04
N LEU A 179 14.89 -18.10 -16.10
CA LEU A 179 14.61 -18.81 -17.34
C LEU A 179 15.87 -19.33 -18.00
N GLN A 180 16.95 -18.53 -18.01
CA GLN A 180 18.21 -18.95 -18.61
C GLN A 180 18.70 -20.29 -18.07
N LEU A 181 18.46 -20.56 -16.79
CA LEU A 181 18.94 -21.81 -16.19
C LEU A 181 18.28 -23.02 -16.83
N PHE A 182 17.06 -22.86 -17.33
CA PHE A 182 16.33 -23.96 -17.97
C PHE A 182 16.23 -23.78 -19.48
N ASN A 183 17.08 -22.93 -20.04
CA ASN A 183 17.18 -22.71 -21.49
C ASN A 183 15.83 -22.38 -22.13
N ILE A 184 15.13 -21.42 -21.54
CA ILE A 184 13.86 -20.94 -22.06
C ILE A 184 14.09 -19.54 -22.63
N PRO A 185 14.02 -19.37 -23.95
CA PRO A 185 14.21 -18.04 -24.53
C PRO A 185 13.09 -17.08 -24.16
N GLN A 186 13.48 -15.86 -23.79
CA GLN A 186 12.56 -14.80 -23.40
C GLN A 186 12.62 -13.68 -24.43
N ILE A 187 11.46 -13.14 -24.78
CA ILE A 187 11.36 -12.01 -25.70
C ILE A 187 10.52 -10.92 -25.04
N ALA A 188 11.15 -9.79 -24.73
CA ALA A 188 10.50 -8.69 -24.04
C ALA A 188 10.01 -7.64 -25.01
N TYR A 189 8.79 -7.14 -24.79
CA TYR A 189 8.20 -6.12 -25.64
C TYR A 189 8.53 -4.70 -25.23
N SER A 190 8.72 -4.42 -23.93
CA SER A 190 8.95 -3.05 -23.48
C SER A 190 10.22 -2.85 -22.66
N ALA A 191 10.95 -3.92 -22.33
CA ALA A 191 12.17 -3.80 -21.54
C ALA A 191 13.29 -3.28 -22.44
N THR A 192 13.75 -2.06 -22.20
CA THR A 192 14.67 -1.36 -23.08
C THR A 192 16.10 -1.22 -22.52
N SER A 193 16.31 -1.50 -21.24
CA SER A 193 17.60 -1.24 -20.58
C SER A 193 18.78 -1.79 -21.38
N MET A 194 19.90 -1.07 -21.33
CA MET A 194 21.10 -1.49 -22.04
C MET A 194 21.73 -2.73 -21.41
N ASP A 195 21.55 -2.90 -20.09
CA ASP A 195 22.16 -4.05 -19.42
C ASP A 195 21.65 -5.37 -20.00
N LEU A 196 20.43 -5.38 -20.53
CA LEU A 196 19.87 -6.57 -21.14
C LEU A 196 20.47 -6.87 -22.52
N SER A 197 21.41 -6.06 -22.98
CA SER A 197 22.15 -6.35 -24.20
C SER A 197 23.37 -7.22 -23.96
N ASP A 198 23.68 -7.51 -22.71
CA ASP A 198 24.78 -8.41 -22.36
C ASP A 198 24.28 -9.84 -22.52
N LYS A 199 24.84 -10.57 -23.49
CA LYS A 199 24.41 -11.93 -23.75
C LYS A 199 25.24 -12.97 -23.01
N THR A 200 26.36 -12.57 -22.40
CA THR A 200 27.03 -13.45 -21.46
C THR A 200 26.28 -13.49 -20.14
N LEU A 201 25.68 -12.38 -19.74
CA LEU A 201 24.84 -12.36 -18.55
C LEU A 201 23.44 -12.89 -18.84
N PHE A 202 22.91 -12.62 -20.04
CA PHE A 202 21.53 -12.97 -20.40
C PHE A 202 21.54 -13.65 -21.76
N LYS A 203 21.95 -14.93 -21.77
CA LYS A 203 22.07 -15.67 -23.03
C LYS A 203 20.73 -15.80 -23.74
N TYR A 204 19.69 -16.18 -23.01
CA TYR A 204 18.38 -16.48 -23.60
C TYR A 204 17.42 -15.31 -23.51
N PHE A 205 17.89 -14.08 -23.72
CA PHE A 205 17.03 -12.92 -23.71
C PHE A 205 17.14 -12.17 -25.03
N MET A 206 15.97 -11.72 -25.52
CA MET A 206 15.87 -10.93 -26.74
C MET A 206 14.72 -9.95 -26.54
N ARG A 207 14.74 -8.87 -27.31
CA ARG A 207 13.65 -7.91 -27.24
C ARG A 207 13.42 -7.28 -28.60
N VAL A 208 12.15 -6.99 -28.90
CA VAL A 208 11.77 -6.36 -30.15
C VAL A 208 11.92 -4.85 -30.14
N VAL A 209 12.37 -4.27 -29.03
CA VAL A 209 12.60 -2.84 -28.93
C VAL A 209 14.11 -2.58 -28.90
N PRO A 210 14.57 -1.40 -29.29
CA PRO A 210 16.00 -1.13 -29.30
C PRO A 210 16.53 -0.81 -27.91
N SER A 211 17.85 -0.89 -27.79
CA SER A 211 18.53 -0.56 -26.54
C SER A 211 18.30 0.91 -26.17
N ASP A 212 18.29 1.18 -24.87
CA ASP A 212 18.14 2.56 -24.40
C ASP A 212 19.38 3.41 -24.65
N ALA A 213 20.45 2.84 -25.20
CA ALA A 213 21.60 3.65 -25.61
C ALA A 213 21.23 4.62 -26.72
N GLN A 214 20.16 4.34 -27.45
CA GLN A 214 19.64 5.26 -28.46
C GLN A 214 18.70 6.30 -27.85
N GLN A 215 17.78 5.87 -26.99
CA GLN A 215 16.83 6.80 -26.39
C GLN A 215 17.55 7.82 -25.50
N ALA A 216 18.61 7.39 -24.80
CA ALA A 216 19.42 8.34 -24.03
C ALA A 216 20.10 9.34 -24.95
N ARG A 217 20.67 8.85 -26.05
CA ARG A 217 21.29 9.74 -27.04
C ARG A 217 20.28 10.73 -27.60
N ALA A 218 19.05 10.27 -27.83
CA ALA A 218 17.99 11.14 -28.33
C ALA A 218 17.62 12.20 -27.30
N MET A 219 17.53 11.83 -26.03
CA MET A 219 17.23 12.80 -24.99
C MET A 219 18.35 13.85 -24.91
N VAL A 220 19.59 13.41 -25.02
CA VAL A 220 20.72 14.34 -25.05
C VAL A 220 20.62 15.26 -26.26
N ASP A 221 20.27 14.70 -27.42
CA ASP A 221 20.13 15.52 -28.63
C ASP A 221 19.00 16.53 -28.49
N ILE A 222 17.94 16.18 -27.78
CA ILE A 222 16.85 17.13 -27.55
C ILE A 222 17.34 18.26 -26.65
N VAL A 223 18.08 17.92 -25.59
CA VAL A 223 18.67 18.95 -24.74
C VAL A 223 19.59 19.86 -25.55
N LYS A 224 20.42 19.25 -26.42
CA LYS A 224 21.34 20.02 -27.26
C LYS A 224 20.60 20.98 -28.19
N ARG A 225 19.54 20.49 -28.85
CA ARG A 225 18.85 21.29 -29.86
C ARG A 225 18.25 22.56 -29.28
N TYR A 226 17.67 22.47 -28.08
CA TYR A 226 17.02 23.60 -27.43
C TYR A 226 17.95 24.35 -26.48
N ASN A 227 19.26 24.29 -26.71
CA ASN A 227 20.27 25.06 -25.96
C ASN A 227 20.11 25.00 -24.45
N TRP A 228 19.70 23.86 -23.92
CA TRP A 228 19.59 23.66 -22.48
C TRP A 228 20.91 23.12 -21.93
N THR A 229 21.43 23.73 -20.88
CA THR A 229 22.69 23.27 -20.31
C THR A 229 22.62 22.88 -18.84
N TYR A 230 21.95 23.67 -18.00
CA TYR A 230 21.86 23.38 -16.57
C TYR A 230 20.50 22.75 -16.30
N VAL A 231 20.48 21.42 -16.16
CA VAL A 231 19.25 20.65 -16.06
C VAL A 231 19.26 19.86 -14.76
N SER A 232 18.07 19.54 -14.26
CA SER A 232 17.92 18.59 -13.17
C SER A 232 17.63 17.21 -13.75
N ALA A 233 17.94 16.16 -13.01
CA ALA A 233 17.84 14.79 -13.52
C ALA A 233 17.16 13.88 -12.51
N VAL A 234 16.00 13.33 -12.87
CA VAL A 234 15.28 12.37 -12.05
C VAL A 234 15.15 11.07 -12.84
N HIS A 235 15.24 9.93 -12.15
CA HIS A 235 15.05 8.65 -12.82
C HIS A 235 14.37 7.68 -11.84
N THR A 236 13.67 6.70 -12.39
CA THR A 236 13.00 5.71 -11.55
C THR A 236 14.01 4.69 -11.01
N GLU A 237 14.01 4.50 -9.68
CA GLU A 237 14.92 3.57 -9.05
C GLU A 237 14.68 2.15 -9.57
N GLY A 238 15.61 1.65 -10.36
CA GLY A 238 15.49 0.37 -11.02
C GLY A 238 16.54 0.29 -12.10
N ASN A 239 16.56 -0.85 -12.80
CA ASN A 239 17.53 -0.97 -13.89
C ASN A 239 17.22 -0.01 -15.02
N TYR A 240 15.95 0.09 -15.42
CA TYR A 240 15.59 0.96 -16.54
C TYR A 240 16.01 2.39 -16.26
N GLY A 241 15.55 2.94 -15.13
CA GLY A 241 15.89 4.30 -14.78
C GLY A 241 17.38 4.51 -14.60
N GLU A 242 18.03 3.63 -13.84
CA GLU A 242 19.45 3.82 -13.54
C GLU A 242 20.32 3.70 -14.80
N SER A 243 20.12 2.64 -15.59
CA SER A 243 20.89 2.48 -16.82
C SER A 243 20.68 3.67 -17.75
N GLY A 244 19.43 4.05 -17.99
CA GLY A 244 19.16 5.18 -18.85
C GLY A 244 19.77 6.47 -18.34
N MET A 245 19.60 6.75 -17.05
CA MET A 245 20.13 7.97 -16.45
C MET A 245 21.65 8.01 -16.51
N GLU A 246 22.33 6.91 -16.22
CA GLU A 246 23.79 6.91 -16.29
C GLU A 246 24.28 7.05 -17.73
N ALA A 247 23.54 6.52 -18.71
CA ALA A 247 23.94 6.74 -20.09
C ALA A 247 23.72 8.20 -20.48
N PHE A 248 22.62 8.79 -20.00
CA PHE A 248 22.36 10.21 -20.21
C PHE A 248 23.45 11.06 -19.55
N LYS A 249 23.90 10.65 -18.37
CA LYS A 249 24.99 11.35 -17.69
C LYS A 249 26.28 11.29 -18.51
N ASP A 250 26.64 10.10 -18.97
CA ASP A 250 27.87 9.95 -19.75
C ASP A 250 27.81 10.71 -21.07
N MET A 251 26.62 10.81 -21.68
CA MET A 251 26.53 11.48 -22.97
C MET A 251 26.40 13.00 -22.81
N SER A 252 25.53 13.45 -21.91
CA SER A 252 25.32 14.89 -21.72
C SER A 252 26.58 15.59 -21.23
N ALA A 253 27.24 15.02 -20.21
CA ALA A 253 28.46 15.61 -19.70
C ALA A 253 29.54 15.68 -20.77
N LYS A 254 29.64 14.64 -21.61
CA LYS A 254 30.58 14.67 -22.72
C LYS A 254 30.22 15.74 -23.73
N GLU A 255 28.92 15.96 -23.97
CA GLU A 255 28.44 16.99 -24.87
C GLU A 255 28.28 18.35 -24.19
N GLY A 256 28.88 18.51 -23.01
CA GLY A 256 28.84 19.78 -22.30
C GLY A 256 27.47 20.17 -21.79
N ILE A 257 26.91 19.35 -20.90
CA ILE A 257 25.62 19.62 -20.29
C ILE A 257 25.74 19.37 -18.79
N CYS A 258 25.49 20.40 -18.00
CA CYS A 258 25.63 20.30 -16.55
C CYS A 258 24.39 19.67 -15.92
N ILE A 259 24.60 18.72 -15.02
CA ILE A 259 23.54 18.05 -14.28
C ILE A 259 23.51 18.66 -12.88
N ALA A 260 22.50 19.48 -12.61
CA ALA A 260 22.38 20.13 -11.30
C ALA A 260 22.46 19.12 -10.17
N HIS A 261 21.68 18.03 -10.27
CA HIS A 261 21.68 16.97 -9.28
C HIS A 261 20.86 15.81 -9.83
N SER A 262 21.27 14.59 -9.51
CA SER A 262 20.58 13.38 -9.96
C SER A 262 19.78 12.81 -8.80
N TYR A 263 18.47 12.62 -9.01
CA TYR A 263 17.56 12.12 -7.99
C TYR A 263 16.95 10.80 -8.44
N LYS A 264 16.76 9.89 -7.48
CA LYS A 264 16.17 8.57 -7.74
C LYS A 264 15.06 8.32 -6.74
N ILE A 265 13.94 7.76 -7.22
CA ILE A 265 12.80 7.48 -6.37
C ILE A 265 12.04 6.27 -6.92
N TYR A 266 11.52 5.43 -6.03
CA TYR A 266 10.68 4.33 -6.49
C TYR A 266 9.31 4.82 -6.93
N SER A 267 8.73 4.13 -7.92
CA SER A 267 7.43 4.51 -8.45
C SER A 267 6.35 4.53 -7.37
N ASN A 268 6.36 3.54 -6.46
CA ASN A 268 5.32 3.43 -5.44
C ASN A 268 5.68 4.15 -4.15
N ALA A 269 6.47 5.21 -4.21
CA ALA A 269 6.82 5.97 -3.02
C ALA A 269 5.65 6.87 -2.60
N GLY A 270 5.54 7.08 -1.30
CA GLY A 270 4.43 7.84 -0.74
C GLY A 270 4.42 9.29 -1.18
N GLU A 271 3.30 9.95 -0.85
CA GLU A 271 3.11 11.36 -1.18
C GLU A 271 4.22 12.23 -0.61
N GLN A 272 4.57 12.01 0.66
CA GLN A 272 5.62 12.78 1.31
C GLN A 272 6.96 12.62 0.57
N SER A 273 7.23 11.43 0.05
CA SER A 273 8.49 11.21 -0.64
C SER A 273 8.58 12.06 -1.89
N PHE A 274 7.50 12.12 -2.67
CA PHE A 274 7.54 12.97 -3.87
C PHE A 274 7.50 14.44 -3.50
N ASP A 275 6.83 14.80 -2.39
CA ASP A 275 6.90 16.19 -1.92
C ASP A 275 8.34 16.59 -1.64
N LYS A 276 9.08 15.72 -0.94
CA LYS A 276 10.50 15.98 -0.68
C LYS A 276 11.27 16.08 -1.99
N LEU A 277 10.98 15.20 -2.95
CA LEU A 277 11.67 15.25 -4.24
C LEU A 277 11.41 16.57 -4.95
N LEU A 278 10.16 17.02 -4.96
CA LEU A 278 9.83 18.28 -5.63
C LEU A 278 10.48 19.48 -4.93
N LYS A 279 10.56 19.45 -3.60
CA LYS A 279 11.27 20.52 -2.90
C LYS A 279 12.74 20.53 -3.26
N LYS A 280 13.36 19.35 -3.31
CA LYS A 280 14.76 19.26 -3.70
C LYS A 280 14.96 19.67 -5.15
N LEU A 281 13.92 19.56 -5.98
CA LEU A 281 13.99 20.06 -7.35
C LEU A 281 13.87 21.58 -7.39
N THR A 282 13.04 22.17 -6.52
CA THR A 282 12.96 23.62 -6.44
C THR A 282 14.17 24.23 -5.74
N SER A 283 15.08 23.38 -5.25
CA SER A 283 16.31 23.92 -4.68
C SER A 283 17.19 24.54 -5.77
N HIS A 284 17.20 23.95 -6.97
CA HIS A 284 17.99 24.50 -8.07
C HIS A 284 17.26 25.56 -8.89
N LEU A 285 15.99 25.81 -8.61
CA LEU A 285 15.32 26.89 -9.31
C LEU A 285 15.92 28.22 -8.87
N PRO A 286 15.91 29.24 -9.74
CA PRO A 286 15.32 29.30 -11.09
C PRO A 286 16.26 28.86 -12.22
N LYS A 287 17.52 28.56 -11.88
CA LYS A 287 18.51 28.24 -12.91
C LYS A 287 18.14 26.98 -13.68
N ALA A 288 17.87 25.88 -12.97
CA ALA A 288 17.61 24.58 -13.57
C ALA A 288 16.11 24.33 -13.59
N ARG A 289 15.48 24.64 -14.73
CA ARG A 289 14.05 24.45 -14.88
C ARG A 289 13.69 23.13 -15.56
N VAL A 290 14.42 22.71 -16.58
CA VAL A 290 14.10 21.47 -17.30
C VAL A 290 14.60 20.28 -16.50
N VAL A 291 13.72 19.29 -16.32
CA VAL A 291 14.01 18.08 -15.58
C VAL A 291 14.06 16.91 -16.56
N ALA A 292 15.28 16.42 -16.82
CA ALA A 292 15.48 15.21 -17.60
C ALA A 292 15.01 14.01 -16.78
N CYS A 293 13.87 13.44 -17.17
CA CYS A 293 13.23 12.37 -16.43
C CYS A 293 13.44 11.07 -17.20
N PHE A 294 14.22 10.14 -16.63
CA PHE A 294 14.25 8.76 -17.11
C PHE A 294 13.41 7.91 -16.18
N CYS A 295 12.14 8.30 -16.17
CA CYS A 295 11.17 7.88 -15.18
C CYS A 295 10.10 7.05 -15.87
N GLU A 296 9.75 5.93 -15.25
CA GLU A 296 8.63 5.15 -15.74
C GLU A 296 7.33 5.70 -15.18
N GLY A 297 6.41 6.08 -16.08
CA GLY A 297 5.02 6.27 -15.73
C GLY A 297 4.66 6.98 -14.44
N MET A 298 4.18 6.16 -13.50
CA MET A 298 3.70 6.63 -12.21
C MET A 298 4.72 7.51 -11.49
N THR A 299 6.00 7.46 -11.87
CA THR A 299 6.95 8.39 -11.27
C THR A 299 6.67 9.81 -11.76
N VAL A 300 6.46 9.97 -13.07
CA VAL A 300 6.07 11.27 -13.61
C VAL A 300 4.72 11.68 -13.05
N ARG A 301 3.80 10.73 -12.92
CA ARG A 301 2.50 11.06 -12.33
C ARG A 301 2.63 11.57 -10.91
N GLY A 302 3.41 10.88 -10.08
CA GLY A 302 3.69 11.37 -8.74
C GLY A 302 4.28 12.76 -8.73
N LEU A 303 5.19 13.04 -9.66
CA LEU A 303 5.74 14.40 -9.74
C LEU A 303 4.64 15.41 -10.02
N LEU A 304 3.73 15.09 -10.94
CA LEU A 304 2.63 16.02 -11.25
C LEU A 304 1.72 16.20 -10.03
N MET A 305 1.47 15.13 -9.30
CA MET A 305 0.61 15.24 -8.12
C MET A 305 1.28 16.04 -7.01
N ALA A 306 2.61 15.92 -6.88
CA ALA A 306 3.33 16.78 -5.96
C ALA A 306 3.30 18.24 -6.40
N MET A 307 3.31 18.48 -7.72
CA MET A 307 3.14 19.85 -8.21
C MET A 307 1.77 20.40 -7.87
N ARG A 308 0.76 19.53 -7.85
CA ARG A 308 -0.58 19.96 -7.42
C ARG A 308 -0.58 20.26 -5.92
N ARG A 309 0.02 19.37 -5.12
CA ARG A 309 0.07 19.55 -3.67
C ARG A 309 0.82 20.82 -3.28
N LEU A 310 2.01 21.02 -3.84
CA LEU A 310 2.88 22.11 -3.40
C LEU A 310 2.51 23.44 -4.05
N GLY A 311 2.10 23.40 -5.31
CA GLY A 311 1.86 24.61 -6.08
C GLY A 311 3.01 25.00 -6.97
N LEU A 312 3.95 24.08 -7.21
CA LEU A 312 5.10 24.32 -8.06
C LEU A 312 4.83 23.99 -9.52
N ALA A 313 3.55 23.97 -9.92
CA ALA A 313 3.16 23.64 -11.28
C ALA A 313 3.53 24.75 -12.26
N GLY A 314 3.98 24.34 -13.45
CA GLY A 314 4.35 25.27 -14.48
C GLY A 314 5.73 25.85 -14.34
N GLU A 315 6.45 25.49 -13.28
CA GLU A 315 7.75 26.03 -12.99
C GLU A 315 8.88 25.22 -13.62
N PHE A 316 8.62 23.94 -13.92
CA PHE A 316 9.59 23.04 -14.54
C PHE A 316 9.08 22.62 -15.91
N LEU A 317 9.97 21.95 -16.66
CA LEU A 317 9.61 21.30 -17.92
C LEU A 317 10.18 19.89 -17.88
N LEU A 318 9.31 18.89 -17.87
CA LEU A 318 9.72 17.50 -17.72
C LEU A 318 10.04 16.88 -19.08
N LEU A 319 11.25 16.32 -19.20
CA LEU A 319 11.69 15.64 -20.42
C LEU A 319 11.61 14.13 -20.17
N GLY A 320 10.42 13.58 -20.35
CA GLY A 320 10.18 12.18 -20.05
C GLY A 320 10.78 11.23 -21.08
N SER A 321 11.02 10.00 -20.62
CA SER A 321 11.49 8.89 -21.42
C SER A 321 10.30 8.07 -21.92
N ASP A 322 10.54 6.86 -22.43
CA ASP A 322 9.44 6.07 -22.97
C ASP A 322 8.47 5.58 -21.92
N GLY A 323 8.81 5.67 -20.63
CA GLY A 323 7.87 5.32 -19.58
C GLY A 323 6.62 6.17 -19.59
N TRP A 324 6.70 7.36 -20.19
CA TRP A 324 5.60 8.31 -20.29
C TRP A 324 5.43 8.76 -21.74
N ALA A 325 5.60 7.82 -22.67
CA ALA A 325 5.51 8.05 -24.11
C ALA A 325 4.29 8.88 -24.53
N ASP A 326 3.09 8.33 -24.37
CA ASP A 326 1.86 9.09 -24.53
C ASP A 326 0.80 8.61 -23.54
N ARG A 327 1.23 8.05 -22.41
CA ARG A 327 0.33 7.41 -21.46
C ARG A 327 -0.65 8.40 -20.86
N TYR A 328 -1.94 8.23 -21.17
CA TYR A 328 -2.96 9.10 -20.61
C TYR A 328 -3.22 8.82 -19.13
N ASP A 329 -2.92 7.63 -18.64
CA ASP A 329 -3.10 7.35 -17.22
C ASP A 329 -2.14 8.16 -16.33
N VAL A 330 -1.10 8.73 -16.92
CA VAL A 330 -0.15 9.53 -16.15
C VAL A 330 -0.60 10.98 -16.00
N THR A 331 -1.12 11.57 -17.07
CA THR A 331 -1.52 12.98 -17.05
C THR A 331 -2.98 13.22 -16.70
N ASP A 332 -3.85 12.23 -16.92
CA ASP A 332 -5.28 12.43 -16.65
C ASP A 332 -5.51 12.83 -15.20
N GLY A 333 -6.30 13.90 -15.02
CA GLY A 333 -6.58 14.44 -13.72
C GLY A 333 -5.65 15.55 -13.28
N TYR A 334 -4.43 15.61 -13.83
CA TYR A 334 -3.46 16.65 -13.52
C TYR A 334 -2.89 17.22 -14.82
N GLN A 335 -3.78 17.59 -15.73
CA GLN A 335 -3.38 18.08 -17.06
C GLN A 335 -2.55 19.36 -16.99
N ARG A 336 -3.06 20.41 -16.30
CA ARG A 336 -2.31 21.67 -16.22
C ARG A 336 -0.86 21.45 -15.80
N GLU A 337 -0.62 20.49 -14.90
CA GLU A 337 0.72 20.30 -14.36
C GLU A 337 1.69 19.75 -15.39
N ALA A 338 1.21 18.96 -16.34
CA ALA A 338 2.07 18.33 -17.34
C ALA A 338 2.26 19.16 -18.60
N VAL A 339 1.53 20.27 -18.73
CA VAL A 339 1.56 21.06 -19.96
C VAL A 339 2.99 21.48 -20.27
N GLY A 340 3.41 21.29 -21.52
CA GLY A 340 4.73 21.62 -21.98
C GLY A 340 5.70 20.45 -21.98
N GLY A 341 5.37 19.38 -21.27
CA GLY A 341 6.24 18.22 -21.19
C GLY A 341 6.55 17.57 -22.51
N ILE A 342 7.84 17.31 -22.74
CA ILE A 342 8.33 16.67 -23.94
C ILE A 342 8.73 15.25 -23.57
N THR A 343 8.16 14.28 -24.27
CA THR A 343 8.42 12.87 -23.97
C THR A 343 8.82 12.12 -25.23
N ILE A 344 9.34 10.91 -25.03
CA ILE A 344 9.84 10.06 -26.11
C ILE A 344 9.00 8.80 -26.17
N LYS A 345 8.47 8.50 -27.36
CA LYS A 345 7.75 7.28 -27.68
C LYS A 345 8.57 6.43 -28.64
N LEU A 346 8.23 5.14 -28.74
CA LEU A 346 8.87 4.23 -29.67
C LEU A 346 7.94 4.03 -30.87
N GLN A 347 8.55 3.78 -32.02
CA GLN A 347 7.81 3.71 -33.28
C GLN A 347 6.93 2.47 -33.35
N SER A 348 5.69 2.59 -32.88
CA SER A 348 4.74 1.48 -32.86
C SER A 348 3.40 1.95 -33.40
N PRO A 349 3.12 1.71 -34.68
CA PRO A 349 1.80 2.09 -35.23
C PRO A 349 0.72 1.16 -34.71
N ASP A 350 -0.46 1.74 -34.48
CA ASP A 350 -1.58 0.97 -33.95
C ASP A 350 -1.89 -0.23 -34.84
N VAL A 351 -1.90 -1.41 -34.25
CA VAL A 351 -2.19 -2.65 -34.98
C VAL A 351 -3.68 -2.70 -35.30
N LYS A 352 -3.99 -2.57 -36.59
CA LYS A 352 -5.37 -2.50 -37.06
C LYS A 352 -6.25 -3.63 -36.52
N TRP A 353 -5.88 -4.88 -36.80
CA TRP A 353 -6.77 -6.00 -36.51
C TRP A 353 -6.94 -6.30 -35.03
N PHE A 354 -6.15 -5.68 -34.15
CA PHE A 354 -6.36 -5.92 -32.72
C PHE A 354 -7.60 -5.21 -32.23
N ASP A 355 -7.84 -3.98 -32.69
CA ASP A 355 -9.03 -3.25 -32.27
C ASP A 355 -10.31 -3.96 -32.69
N ASP A 356 -10.29 -4.58 -33.87
CA ASP A 356 -11.47 -5.29 -34.36
C ASP A 356 -11.84 -6.45 -33.43
N TYR A 357 -10.82 -7.13 -32.89
CA TYR A 357 -11.03 -8.23 -31.96
C TYR A 357 -11.40 -7.73 -30.58
N TYR A 358 -10.65 -6.76 -30.06
CA TYR A 358 -10.82 -6.30 -28.68
C TYR A 358 -12.17 -5.62 -28.47
N LEU A 359 -12.48 -4.63 -29.30
CA LEU A 359 -13.69 -3.83 -29.08
C LEU A 359 -14.96 -4.65 -29.19
N LYS A 360 -14.92 -5.79 -29.88
CA LYS A 360 -16.07 -6.68 -29.96
C LYS A 360 -16.22 -7.56 -28.72
N LEU A 361 -15.22 -7.59 -27.85
CA LEU A 361 -15.28 -8.45 -26.67
C LEU A 361 -16.37 -7.99 -25.70
N ARG A 362 -17.00 -8.96 -25.06
CA ARG A 362 -18.05 -8.76 -24.08
C ARG A 362 -17.78 -9.71 -22.92
N PRO A 363 -18.24 -9.35 -21.71
CA PRO A 363 -18.03 -10.28 -20.58
C PRO A 363 -18.84 -11.56 -20.72
N GLU A 364 -19.96 -11.51 -21.44
CA GLU A 364 -20.75 -12.72 -21.63
C GLU A 364 -20.05 -13.68 -22.59
N THR A 365 -19.45 -13.16 -23.65
CA THR A 365 -18.82 -13.99 -24.67
C THR A 365 -17.43 -14.44 -24.27
N ASN A 366 -16.55 -13.50 -23.96
CA ASN A 366 -15.15 -13.84 -23.68
C ASN A 366 -15.08 -14.68 -22.42
N HIS A 367 -14.85 -15.98 -22.57
CA HIS A 367 -14.48 -16.79 -21.41
C HIS A 367 -13.24 -17.62 -21.68
N ARG A 368 -12.10 -16.94 -21.69
CA ARG A 368 -10.75 -17.48 -21.46
C ARG A 368 -9.91 -16.55 -20.60
N ASN A 369 -10.20 -15.25 -20.57
CA ASN A 369 -9.49 -14.26 -19.76
C ASN A 369 -10.20 -14.17 -18.41
N PRO A 370 -9.62 -14.68 -17.32
CA PRO A 370 -10.34 -14.62 -16.04
C PRO A 370 -10.53 -13.21 -15.52
N TRP A 371 -9.55 -12.33 -15.72
CA TRP A 371 -9.61 -10.97 -15.20
C TRP A 371 -10.56 -10.07 -15.99
N PHE A 372 -11.13 -10.57 -17.09
CA PHE A 372 -12.04 -9.75 -17.89
C PHE A 372 -13.31 -9.39 -17.13
N GLN A 373 -13.78 -10.27 -16.25
CA GLN A 373 -14.93 -9.95 -15.41
C GLN A 373 -14.60 -8.77 -14.50
N GLU A 374 -13.48 -8.87 -13.79
CA GLU A 374 -13.00 -7.81 -12.92
C GLU A 374 -12.78 -6.51 -13.70
N PHE A 375 -12.13 -6.62 -14.86
CA PHE A 375 -11.84 -5.43 -15.65
C PHE A 375 -13.10 -4.77 -16.19
N TRP A 376 -14.07 -5.57 -16.64
CA TRP A 376 -15.33 -5.00 -17.11
C TRP A 376 -16.06 -4.31 -15.98
N GLN A 377 -16.06 -4.92 -14.79
CA GLN A 377 -16.71 -4.28 -13.64
C GLN A 377 -15.97 -3.04 -13.17
N HIS A 378 -14.67 -2.93 -13.48
CA HIS A 378 -13.85 -1.80 -13.05
C HIS A 378 -13.88 -0.62 -14.02
N ARG A 379 -13.75 -0.88 -15.32
CA ARG A 379 -13.70 0.19 -16.32
C ARG A 379 -15.01 0.96 -16.38
N PHE A 380 -16.14 0.29 -16.15
CA PHE A 380 -17.44 0.91 -16.16
C PHE A 380 -17.99 1.16 -14.76
N GLN A 381 -17.31 0.66 -13.73
CA GLN A 381 -17.69 0.87 -12.33
C GLN A 381 -19.14 0.46 -12.07
N CYS A 382 -19.45 -0.77 -12.45
CA CYS A 382 -20.77 -1.36 -12.24
C CYS A 382 -20.59 -2.80 -11.78
N ARG A 383 -21.70 -3.44 -11.43
CA ARG A 383 -21.69 -4.83 -10.97
C ARG A 383 -22.48 -5.69 -11.96
N LEU A 384 -21.79 -6.66 -12.57
CA LEU A 384 -22.37 -7.56 -13.55
C LEU A 384 -23.35 -8.47 -12.82
N GLU A 385 -24.65 -8.20 -13.00
CA GLU A 385 -25.72 -8.69 -12.13
C GLU A 385 -25.59 -10.15 -11.71
N GLY A 386 -25.64 -11.07 -12.68
CA GLY A 386 -25.61 -12.48 -12.38
C GLY A 386 -24.34 -13.22 -12.72
N PHE A 387 -23.28 -12.50 -13.10
CA PHE A 387 -22.08 -13.14 -13.60
C PHE A 387 -21.29 -13.74 -12.44
N PRO A 388 -20.48 -14.78 -12.71
CA PRO A 388 -19.80 -15.49 -11.61
C PRO A 388 -18.89 -14.63 -10.74
N GLN A 389 -17.90 -13.96 -11.34
CA GLN A 389 -16.98 -13.13 -10.57
C GLN A 389 -17.56 -11.73 -10.35
N GLU A 390 -18.77 -11.70 -9.77
CA GLU A 390 -19.44 -10.44 -9.51
C GLU A 390 -18.89 -9.81 -8.23
N ASN A 391 -18.63 -8.50 -8.29
CA ASN A 391 -18.10 -7.75 -7.16
C ASN A 391 -19.18 -6.79 -6.67
N SER A 392 -19.56 -6.94 -5.40
CA SER A 392 -20.63 -6.13 -4.81
C SER A 392 -20.21 -4.69 -4.54
N LYS A 393 -18.91 -4.38 -4.60
CA LYS A 393 -18.41 -3.04 -4.30
C LYS A 393 -19.19 -1.96 -5.06
N TYR A 394 -19.20 -2.04 -6.39
CA TYR A 394 -19.80 -0.99 -7.20
C TYR A 394 -21.28 -0.82 -6.90
N ASN A 395 -21.71 0.44 -6.76
CA ASN A 395 -23.09 0.74 -6.45
C ASN A 395 -24.01 0.66 -7.67
N LYS A 396 -23.47 0.77 -8.87
CA LYS A 396 -24.26 0.72 -10.08
C LYS A 396 -24.26 -0.68 -10.68
N THR A 397 -25.24 -0.93 -11.55
CA THR A 397 -25.37 -2.20 -12.25
C THR A 397 -25.03 -2.03 -13.73
N CYS A 398 -24.41 -3.05 -14.29
CA CYS A 398 -23.92 -2.97 -15.67
C CYS A 398 -25.06 -3.05 -16.66
N ASN A 399 -25.07 -2.13 -17.62
CA ASN A 399 -26.06 -2.08 -18.68
C ASN A 399 -25.53 -2.76 -19.94
N SER A 400 -26.47 -3.23 -20.77
CA SER A 400 -26.10 -3.79 -22.06
C SER A 400 -25.57 -2.73 -23.02
N SER A 401 -25.87 -1.46 -22.78
CA SER A 401 -25.41 -0.38 -23.66
C SER A 401 -23.91 -0.13 -23.54
N LEU A 402 -23.28 -0.61 -22.47
CA LEU A 402 -21.86 -0.35 -22.25
C LEU A 402 -21.02 -1.08 -23.30
N THR A 403 -20.04 -0.38 -23.87
CA THR A 403 -19.11 -1.01 -24.80
C THR A 403 -17.74 -0.35 -24.69
N LEU A 404 -16.71 -1.14 -25.03
CA LEU A 404 -15.32 -0.68 -24.94
C LEU A 404 -15.02 0.46 -25.91
N LYS A 405 -15.78 0.58 -27.01
CA LYS A 405 -15.51 1.63 -27.99
C LYS A 405 -15.57 3.02 -27.36
N THR A 406 -16.33 3.18 -26.29
CA THR A 406 -16.42 4.46 -25.60
C THR A 406 -15.12 4.75 -24.86
N HIS A 407 -14.45 5.85 -25.23
CA HIS A 407 -13.19 6.26 -24.60
C HIS A 407 -12.09 5.22 -24.78
N HIS A 408 -12.03 4.60 -25.96
CA HIS A 408 -11.03 3.57 -26.18
C HIS A 408 -9.65 4.18 -26.42
N VAL A 409 -8.66 3.68 -25.68
CA VAL A 409 -7.27 4.09 -25.83
C VAL A 409 -6.45 2.82 -26.00
N GLN A 410 -5.89 2.64 -27.19
CA GLN A 410 -5.11 1.45 -27.49
C GLN A 410 -3.73 1.52 -26.87
N ASP A 411 -3.22 0.36 -26.45
CA ASP A 411 -1.88 0.28 -25.91
C ASP A 411 -0.87 0.84 -26.89
N SER A 412 0.04 1.67 -26.38
CA SER A 412 1.04 2.29 -27.25
C SER A 412 2.04 1.26 -27.77
N LYS A 413 2.44 0.31 -26.93
CA LYS A 413 3.42 -0.70 -27.27
C LYS A 413 2.77 -2.02 -27.72
N MET A 414 1.51 -1.97 -28.16
CA MET A 414 0.81 -3.17 -28.60
C MET A 414 1.51 -3.82 -29.80
N GLY A 415 2.00 -2.99 -30.72
CA GLY A 415 2.73 -3.51 -31.85
C GLY A 415 3.92 -4.36 -31.45
N PHE A 416 4.66 -3.92 -30.42
CA PHE A 416 5.79 -4.71 -29.95
C PHE A 416 5.33 -6.02 -29.33
N VAL A 417 4.23 -6.00 -28.57
CA VAL A 417 3.69 -7.23 -27.99
C VAL A 417 3.43 -8.26 -29.09
N ILE A 418 2.67 -7.86 -30.11
CA ILE A 418 2.31 -8.78 -31.18
C ILE A 418 3.55 -9.20 -31.97
N ASN A 419 4.45 -8.26 -32.24
CA ASN A 419 5.69 -8.60 -32.93
C ASN A 419 6.54 -9.59 -32.13
N ALA A 420 6.53 -9.51 -30.80
CA ALA A 420 7.29 -10.48 -30.01
C ALA A 420 6.66 -11.86 -30.10
N ILE A 421 5.33 -11.93 -30.09
CA ILE A 421 4.68 -13.22 -30.24
C ILE A 421 5.02 -13.81 -31.61
N TYR A 422 5.00 -12.97 -32.64
CA TYR A 422 5.39 -13.43 -33.98
C TYR A 422 6.87 -13.79 -34.03
N SER A 423 7.73 -13.11 -33.26
CA SER A 423 9.13 -13.48 -33.21
C SER A 423 9.29 -14.91 -32.72
N MET A 424 8.60 -15.24 -31.61
CA MET A 424 8.66 -16.61 -31.11
C MET A 424 8.11 -17.60 -32.13
N ALA A 425 7.01 -17.22 -32.80
CA ALA A 425 6.39 -18.13 -33.78
C ALA A 425 7.32 -18.41 -34.95
N TYR A 426 7.88 -17.35 -35.56
CA TYR A 426 8.78 -17.53 -36.69
C TYR A 426 10.07 -18.24 -36.31
N GLY A 427 10.57 -18.02 -35.09
CA GLY A 427 11.72 -18.80 -34.65
C GLY A 427 11.41 -20.28 -34.59
N LEU A 428 10.25 -20.62 -34.01
CA LEU A 428 9.83 -22.02 -33.99
C LEU A 428 9.66 -22.57 -35.39
N HIS A 429 9.19 -21.74 -36.32
CA HIS A 429 8.98 -22.21 -37.69
C HIS A 429 10.31 -22.46 -38.40
N ASN A 430 11.29 -21.58 -38.19
CA ASN A 430 12.60 -21.79 -38.80
C ASN A 430 13.24 -23.04 -38.24
N MET A 431 13.09 -23.28 -36.94
CA MET A 431 13.61 -24.51 -36.35
C MET A 431 12.89 -25.73 -36.89
N GLN A 432 11.56 -25.64 -37.05
CA GLN A 432 10.77 -26.70 -37.64
C GLN A 432 11.28 -27.07 -39.03
N MET A 433 11.55 -26.06 -39.87
CA MET A 433 12.04 -26.36 -41.21
C MET A 433 13.47 -26.89 -41.20
N SER A 434 14.30 -26.44 -40.24
CA SER A 434 15.67 -26.93 -40.19
C SER A 434 15.82 -28.25 -39.45
N LEU A 435 14.74 -28.81 -38.89
CA LEU A 435 14.81 -30.12 -38.25
C LEU A 435 13.89 -31.15 -38.88
N CYS A 436 12.63 -30.80 -39.12
CA CYS A 436 11.65 -31.70 -39.74
C CYS A 436 11.26 -31.10 -41.09
N PRO A 437 12.09 -31.26 -42.13
CA PRO A 437 11.81 -30.59 -43.40
C PRO A 437 10.53 -31.07 -44.08
N GLY A 438 10.44 -32.37 -44.32
CA GLY A 438 9.27 -32.92 -44.97
C GLY A 438 8.06 -33.10 -44.07
N TYR A 439 8.30 -33.56 -42.84
CA TYR A 439 7.20 -33.85 -41.92
C TYR A 439 6.41 -32.58 -41.61
N ALA A 440 5.12 -32.61 -41.90
CA ALA A 440 4.22 -31.50 -41.57
C ALA A 440 3.87 -31.53 -40.09
N GLY A 441 4.57 -30.72 -39.29
CA GLY A 441 4.34 -30.65 -37.87
C GLY A 441 5.57 -31.03 -37.06
N LEU A 442 5.33 -31.56 -35.86
CA LEU A 442 6.40 -31.91 -34.94
C LEU A 442 6.83 -33.35 -35.16
N CYS A 443 8.14 -33.54 -35.37
CA CYS A 443 8.69 -34.86 -35.59
C CYS A 443 9.41 -35.33 -34.32
N ASP A 444 10.13 -36.44 -34.42
CA ASP A 444 10.83 -36.98 -33.25
C ASP A 444 12.09 -36.20 -32.91
N ALA A 445 12.60 -35.37 -33.84
CA ALA A 445 13.77 -34.57 -33.53
C ALA A 445 13.40 -33.41 -32.59
N MET A 446 12.22 -32.85 -32.76
CA MET A 446 11.72 -31.80 -31.88
C MET A 446 10.83 -32.37 -30.77
N LYS A 447 10.99 -33.65 -30.44
CA LYS A 447 10.32 -34.30 -29.32
C LYS A 447 11.40 -34.85 -28.40
N PRO A 448 11.87 -34.05 -27.43
CA PRO A 448 11.37 -32.71 -27.08
C PRO A 448 12.05 -31.55 -27.81
N ILE A 449 11.47 -30.36 -27.69
CA ILE A 449 12.06 -29.15 -28.27
C ILE A 449 13.24 -28.73 -27.43
N ASP A 450 14.41 -28.59 -28.07
CA ASP A 450 15.62 -28.15 -27.39
C ASP A 450 15.65 -26.63 -27.30
N GLY A 451 15.78 -26.12 -26.07
CA GLY A 451 15.82 -24.67 -25.87
C GLY A 451 17.02 -24.01 -26.53
N ARG A 452 18.18 -24.66 -26.48
CA ARG A 452 19.37 -24.06 -27.08
C ARG A 452 19.22 -23.94 -28.58
N LYS A 453 18.66 -24.97 -29.23
CA LYS A 453 18.43 -24.88 -30.68
C LYS A 453 17.40 -23.81 -30.99
N LEU A 454 16.39 -23.66 -30.13
CA LEU A 454 15.40 -22.61 -30.33
C LEU A 454 16.03 -21.23 -30.22
N LEU A 455 16.95 -21.04 -29.27
CA LEU A 455 17.65 -19.76 -29.15
C LEU A 455 18.51 -19.50 -30.38
N GLU A 456 19.25 -20.51 -30.83
CA GLU A 456 20.08 -20.36 -32.02
C GLU A 456 19.24 -20.03 -33.25
N SER A 457 18.01 -20.56 -33.33
CA SER A 457 17.15 -20.27 -34.47
C SER A 457 16.43 -18.94 -34.32
N LEU A 458 16.18 -18.49 -33.09
CA LEU A 458 15.52 -17.21 -32.85
C LEU A 458 16.45 -16.04 -33.09
N MET A 459 17.73 -16.19 -32.78
CA MET A 459 18.68 -15.11 -33.05
C MET A 459 18.84 -14.86 -34.55
N LYS A 460 18.67 -15.91 -35.36
CA LYS A 460 18.79 -15.82 -36.82
C LYS A 460 17.44 -15.65 -37.51
N THR A 461 16.50 -14.92 -36.90
CA THR A 461 15.16 -14.76 -37.44
C THR A 461 15.06 -13.48 -38.26
N ASN A 462 14.56 -13.63 -39.49
CA ASN A 462 14.47 -12.58 -40.52
C ASN A 462 13.04 -12.57 -41.03
N PHE A 463 12.15 -11.75 -40.44
CA PHE A 463 10.76 -11.86 -40.84
C PHE A 463 10.13 -10.48 -40.91
N THR A 464 9.02 -10.36 -41.62
CA THR A 464 8.31 -9.10 -41.77
C THR A 464 7.27 -8.95 -40.67
N GLY A 465 7.35 -7.86 -39.91
CA GLY A 465 6.54 -7.67 -38.73
C GLY A 465 5.10 -7.29 -39.02
N VAL A 466 4.32 -7.20 -37.93
CA VAL A 466 2.91 -6.84 -38.02
C VAL A 466 2.73 -5.40 -38.49
N SER A 467 3.68 -4.51 -38.18
CA SER A 467 3.62 -3.13 -38.63
C SER A 467 4.15 -2.96 -40.05
N GLY A 468 4.23 -4.04 -40.82
CA GLY A 468 4.73 -3.97 -42.19
C GLY A 468 6.19 -3.63 -42.29
N ASP A 469 6.97 -3.91 -41.25
CA ASP A 469 8.39 -3.60 -41.23
C ASP A 469 9.18 -4.84 -40.84
N THR A 470 10.27 -5.08 -41.56
CA THR A 470 11.08 -6.28 -41.33
C THR A 470 11.75 -6.24 -39.97
N ILE A 471 11.38 -7.19 -39.12
CA ILE A 471 11.98 -7.38 -37.80
C ILE A 471 13.14 -8.36 -37.94
N LEU A 472 14.28 -7.96 -37.38
CA LEU A 472 15.52 -8.73 -37.36
C LEU A 472 16.21 -8.51 -36.01
N PHE A 473 17.08 -9.44 -35.64
CA PHE A 473 17.81 -9.40 -34.37
C PHE A 473 19.30 -9.32 -34.61
N ASP A 474 19.98 -8.47 -33.82
CA ASP A 474 21.42 -8.28 -33.93
C ASP A 474 22.16 -9.24 -32.99
N GLU A 475 23.51 -9.17 -33.04
CA GLU A 475 24.36 -10.03 -32.22
C GLU A 475 24.01 -9.99 -30.73
N ASN A 476 23.56 -8.84 -30.25
CA ASN A 476 23.20 -8.68 -28.83
C ASN A 476 21.74 -8.99 -28.57
N GLY A 477 21.04 -9.62 -29.51
CA GLY A 477 19.64 -9.95 -29.32
C GLY A 477 18.74 -8.74 -29.19
N ASP A 478 19.07 -7.65 -29.88
CA ASP A 478 18.25 -6.45 -29.89
C ASP A 478 17.67 -6.22 -31.28
N SER A 479 16.55 -5.50 -31.33
CA SER A 479 15.93 -5.14 -32.59
C SER A 479 16.09 -3.65 -32.86
N PRO A 480 16.19 -3.24 -34.12
CA PRO A 480 16.30 -1.81 -34.43
C PRO A 480 15.00 -1.09 -34.13
N GLY A 481 15.12 0.23 -33.91
CA GLY A 481 13.94 1.00 -33.56
C GLY A 481 14.10 2.48 -33.83
N ARG A 482 12.95 3.15 -33.93
CA ARG A 482 12.84 4.58 -34.14
C ARG A 482 12.01 5.19 -33.02
N TYR A 483 12.20 6.48 -32.75
CA TYR A 483 11.42 7.16 -31.72
C TYR A 483 10.67 8.37 -32.27
N GLU A 484 9.51 8.61 -31.67
CA GLU A 484 8.68 9.79 -31.93
C GLU A 484 8.74 10.71 -30.71
N ILE A 485 9.03 11.98 -30.93
CA ILE A 485 9.09 12.95 -29.84
C ILE A 485 7.74 13.64 -29.71
N MET A 486 7.16 13.59 -28.51
CA MET A 486 5.83 14.10 -28.20
C MET A 486 5.91 15.33 -27.30
N ASN A 487 4.78 16.05 -27.27
CA ASN A 487 4.61 17.27 -26.51
C ASN A 487 3.20 17.31 -25.96
N PHE A 488 3.07 17.52 -24.65
CA PHE A 488 1.77 17.60 -24.00
C PHE A 488 1.39 19.08 -23.90
N LYS A 489 0.82 19.61 -24.98
CA LYS A 489 0.35 20.99 -25.03
C LYS A 489 -1.17 21.02 -25.05
N GLU A 490 -1.73 22.22 -24.93
CA GLU A 490 -3.19 22.38 -24.94
C GLU A 490 -3.67 22.59 -26.37
N MET A 491 -4.72 21.86 -26.74
CA MET A 491 -5.33 21.95 -28.05
C MET A 491 -6.56 22.85 -28.05
N GLY A 492 -6.70 23.68 -27.03
CA GLY A 492 -7.89 24.48 -26.84
C GLY A 492 -8.11 24.72 -25.36
N LYS A 493 -9.04 25.63 -25.07
CA LYS A 493 -9.33 26.01 -23.70
C LYS A 493 -9.70 24.79 -22.86
N ASP A 494 -8.88 24.50 -21.85
CA ASP A 494 -9.07 23.44 -20.86
C ASP A 494 -8.83 22.04 -21.42
N TYR A 495 -8.56 21.89 -22.72
CA TYR A 495 -8.34 20.59 -23.33
C TYR A 495 -6.86 20.40 -23.64
N PHE A 496 -6.31 19.25 -23.23
CA PHE A 496 -4.90 18.95 -23.35
C PHE A 496 -4.72 17.57 -23.97
N ASP A 497 -3.70 17.42 -24.83
CA ASP A 497 -3.46 16.13 -25.46
C ASP A 497 -2.04 16.11 -26.03
N TYR A 498 -1.56 14.88 -26.28
CA TYR A 498 -0.23 14.68 -26.83
C TYR A 498 -0.22 14.94 -28.33
N ILE A 499 0.89 15.50 -28.82
CA ILE A 499 1.06 15.78 -30.25
C ILE A 499 2.48 15.41 -30.66
N ASN A 500 2.59 14.73 -31.79
CA ASN A 500 3.90 14.44 -32.37
C ASN A 500 4.60 15.73 -32.77
N VAL A 501 5.76 15.99 -32.18
CA VAL A 501 6.56 17.17 -32.52
C VAL A 501 7.92 16.83 -33.11
N GLY A 502 8.36 15.58 -33.05
CA GLY A 502 9.65 15.26 -33.63
C GLY A 502 9.85 13.78 -33.83
N SER A 503 11.08 13.44 -34.20
CA SER A 503 11.47 12.08 -34.52
C SER A 503 12.97 11.93 -34.31
N TRP A 504 13.39 10.71 -33.97
CA TRP A 504 14.79 10.38 -33.78
C TRP A 504 15.04 8.99 -34.34
N ASP A 505 15.95 8.90 -35.30
CA ASP A 505 16.27 7.60 -35.89
C ASP A 505 17.73 7.57 -36.32
N ASN A 506 18.45 6.55 -35.83
CA ASN A 506 19.84 6.27 -36.21
C ASN A 506 20.68 7.54 -36.16
N GLY A 507 20.54 8.29 -35.07
CA GLY A 507 21.25 9.54 -34.87
C GLY A 507 20.52 10.79 -35.28
N GLU A 508 19.83 10.77 -36.43
CA GLU A 508 19.18 11.96 -36.96
C GLU A 508 17.99 12.35 -36.07
N LEU A 509 18.00 13.58 -35.57
CA LEU A 509 16.91 14.15 -34.79
C LEU A 509 16.24 15.25 -35.60
N LYS A 510 14.96 15.05 -35.94
CA LYS A 510 14.16 16.02 -36.66
C LYS A 510 13.08 16.58 -35.74
N MET A 511 12.87 17.89 -35.77
CA MET A 511 11.89 18.52 -34.88
C MET A 511 11.15 19.63 -35.61
N ASP A 512 9.90 19.86 -35.19
CA ASP A 512 9.12 21.02 -35.62
C ASP A 512 9.19 22.00 -34.45
N ASP A 513 10.15 22.91 -34.52
CA ASP A 513 10.41 23.85 -33.43
C ASP A 513 9.27 24.85 -33.21
N ASP A 514 8.49 25.15 -34.24
CA ASP A 514 7.38 26.10 -34.04
C ASP A 514 6.19 25.48 -33.33
N GLU A 515 6.04 24.16 -33.35
CA GLU A 515 4.88 23.54 -32.69
C GLU A 515 5.06 23.43 -31.19
N VAL A 516 6.29 23.29 -30.70
CA VAL A 516 6.51 23.12 -29.27
C VAL A 516 6.23 24.42 -28.52
N TRP A 517 6.75 25.54 -29.01
CA TRP A 517 6.62 26.81 -28.29
C TRP A 517 5.56 27.72 -28.91
N SER A 518 5.70 27.99 -30.21
CA SER A 518 4.76 28.84 -30.95
C SER A 518 4.75 30.27 -30.40
N ASN A 522 7.02 32.24 -24.88
CA ASN A 522 6.59 30.87 -25.11
C ASN A 522 7.78 29.93 -24.92
N ILE A 523 8.97 30.46 -25.16
CA ILE A 523 10.21 29.71 -25.05
C ILE A 523 10.62 29.58 -23.59
N ILE A 524 11.34 28.50 -23.26
CA ILE A 524 11.82 28.28 -21.90
C ILE A 524 13.34 28.32 -21.90
N ARG A 525 13.91 28.90 -20.83
CA ARG A 525 15.34 29.04 -20.63
C ARG A 525 15.75 28.29 -19.36
N SER A 526 16.68 27.34 -19.50
CA SER A 526 17.15 26.52 -18.38
C SER A 526 18.68 26.45 -18.35
N VAL A 527 19.32 27.61 -18.15
CA VAL A 527 20.78 27.69 -18.11
C VAL A 527 21.19 28.31 -16.78
N CYS A 528 22.43 28.04 -16.37
CA CYS A 528 22.94 28.60 -15.12
C CYS A 528 23.61 29.95 -15.31
N SER A 529 23.97 30.32 -16.53
CA SER A 529 24.60 31.61 -16.79
C SER A 529 24.38 32.00 -18.24
N GLU A 530 23.94 33.24 -18.43
CA GLU A 530 23.66 33.84 -19.74
C GLU A 530 24.95 34.24 -20.44
N PRO A 531 25.05 33.98 -21.74
CA PRO A 531 26.31 34.24 -22.46
C PRO A 531 26.79 35.68 -22.30
N CYS A 532 28.09 35.82 -22.06
CA CYS A 532 28.70 37.12 -21.82
C CYS A 532 28.64 37.99 -23.06
N GLU A 533 28.19 39.23 -22.89
CA GLU A 533 28.02 40.15 -24.01
C GLU A 533 29.34 40.36 -24.73
N LYS A 534 29.25 40.54 -26.06
CA LYS A 534 30.39 40.36 -26.95
C LYS A 534 31.60 41.21 -26.54
N GLY A 535 31.37 42.46 -26.13
CA GLY A 535 32.41 43.48 -26.08
C GLY A 535 33.75 43.09 -25.49
N GLN A 536 33.82 42.85 -24.18
CA GLN A 536 35.07 42.37 -23.60
C GLN A 536 34.85 41.36 -22.48
N ILE A 537 33.65 40.85 -22.29
CA ILE A 537 33.29 40.14 -21.07
C ILE A 537 33.67 38.67 -21.21
N LYS A 538 34.54 38.20 -20.32
CA LYS A 538 35.04 36.84 -20.35
C LYS A 538 34.23 35.91 -19.45
N VAL A 539 34.26 34.63 -19.79
CA VAL A 539 33.56 33.57 -19.07
C VAL A 539 34.51 33.02 -18.02
N ILE A 540 34.16 33.22 -16.75
CA ILE A 540 34.97 32.80 -15.60
C ILE A 540 34.08 31.89 -14.77
N ARG A 541 34.47 30.62 -14.64
CA ARG A 541 33.65 29.67 -13.91
C ARG A 541 33.51 30.06 -12.45
N LYS A 542 32.39 29.66 -11.86
CA LYS A 542 32.07 29.95 -10.47
C LYS A 542 32.77 28.98 -9.53
N GLY A 543 32.32 28.94 -8.27
CA GLY A 543 32.90 28.03 -7.31
C GLY A 543 32.90 26.58 -7.75
N GLU A 544 31.77 26.09 -8.26
CA GLU A 544 31.74 24.65 -8.54
C GLU A 544 31.42 24.22 -9.97
N VAL A 545 30.23 24.52 -10.52
CA VAL A 545 29.83 23.91 -11.78
C VAL A 545 30.41 24.65 -12.98
N SER A 546 30.62 23.89 -14.06
CA SER A 546 31.18 24.45 -15.31
C SER A 546 30.23 25.47 -15.93
N CYS A 547 28.97 25.09 -16.15
CA CYS A 547 28.04 25.98 -16.85
C CYS A 547 27.72 27.24 -16.05
N CYS A 548 28.02 27.25 -14.76
CA CYS A 548 27.85 28.43 -13.93
C CYS A 548 29.10 29.28 -14.03
N TRP A 549 28.95 30.49 -14.56
CA TRP A 549 30.07 31.41 -14.67
C TRP A 549 29.59 32.80 -14.28
N THR A 550 30.57 33.69 -14.12
CA THR A 550 30.35 35.09 -13.80
C THR A 550 31.03 35.91 -14.88
N CYS A 551 30.24 36.62 -15.66
CA CYS A 551 30.74 37.38 -16.81
C CYS A 551 31.60 38.54 -16.30
N THR A 552 32.94 38.34 -16.32
CA THR A 552 33.78 39.44 -15.83
C THR A 552 34.51 40.14 -16.98
N PRO A 553 34.56 41.47 -16.98
CA PRO A 553 35.19 42.19 -18.09
C PRO A 553 36.71 42.12 -18.01
N CYS A 554 37.34 42.52 -19.12
CA CYS A 554 38.79 42.52 -19.28
C CYS A 554 39.37 43.91 -19.09
N LYS A 555 40.67 43.95 -18.77
CA LYS A 555 41.40 45.20 -18.67
C LYS A 555 41.49 45.89 -20.04
N GLU A 556 41.61 47.22 -19.99
CA GLU A 556 41.63 48.03 -21.21
C GLU A 556 42.65 47.56 -22.23
N ASN A 557 43.80 47.04 -21.79
CA ASN A 557 44.80 46.57 -22.73
C ASN A 557 44.52 45.17 -23.25
N GLU A 558 43.61 44.44 -22.60
CA GLU A 558 43.38 43.03 -22.91
C GLU A 558 42.32 42.87 -24.00
N TYR A 559 42.62 42.04 -24.99
CA TYR A 559 41.68 41.61 -26.01
C TYR A 559 41.23 40.18 -25.72
N VAL A 560 40.05 39.83 -26.22
CA VAL A 560 39.51 38.50 -25.96
C VAL A 560 40.11 37.51 -26.95
N PHE A 561 40.87 36.55 -26.43
CA PHE A 561 41.45 35.50 -27.27
C PHE A 561 40.36 34.51 -27.69
N ASP A 562 39.75 33.86 -26.71
CA ASP A 562 38.61 32.99 -26.91
C ASP A 562 37.57 33.33 -25.85
N GLU A 563 36.34 32.88 -26.09
CA GLU A 563 35.21 33.12 -25.18
C GLU A 563 35.60 32.94 -23.71
N TYR A 564 36.39 31.91 -23.41
CA TYR A 564 36.69 31.60 -22.01
C TYR A 564 37.80 32.48 -21.44
N THR A 565 38.93 32.60 -22.14
CA THR A 565 40.11 33.26 -21.58
C THR A 565 40.50 34.50 -22.36
N CYS A 566 40.95 35.53 -21.63
CA CYS A 566 41.35 36.83 -22.16
C CYS A 566 42.87 36.88 -22.27
N LYS A 567 43.38 37.64 -23.25
CA LYS A 567 44.82 37.77 -23.46
C LYS A 567 45.19 39.23 -23.65
N ALA A 568 46.34 39.65 -23.12
CA ALA A 568 46.76 41.04 -23.12
C ALA A 568 47.66 41.36 -24.30
N CYS A 569 47.46 42.54 -24.88
CA CYS A 569 48.35 43.02 -25.93
C CYS A 569 49.67 43.47 -25.36
N GLN A 570 50.76 43.18 -26.07
CA GLN A 570 52.09 43.58 -25.60
C GLN A 570 52.26 45.10 -25.73
N LEU A 571 53.37 45.58 -25.17
CA LEU A 571 53.69 47.01 -25.18
C LEU A 571 53.69 47.57 -26.59
N GLY A 572 53.00 48.71 -26.76
CA GLY A 572 52.82 49.34 -28.04
C GLY A 572 51.54 48.96 -28.75
N SER A 573 51.10 47.72 -28.59
CA SER A 573 49.84 47.27 -29.15
C SER A 573 48.68 47.63 -28.24
N TRP A 574 47.46 47.58 -28.79
CA TRP A 574 46.26 47.90 -28.06
C TRP A 574 45.11 47.14 -28.71
N PRO A 575 44.17 46.59 -27.93
CA PRO A 575 43.10 45.77 -28.52
C PRO A 575 42.29 46.51 -29.58
N THR A 576 41.90 45.77 -30.61
CA THR A 576 41.12 46.33 -31.71
C THR A 576 39.69 46.63 -31.27
N ASP A 577 38.94 47.29 -32.17
CA ASP A 577 37.56 47.63 -31.89
C ASP A 577 36.68 46.39 -31.73
N ASP A 578 36.98 45.32 -32.48
CA ASP A 578 36.28 44.05 -32.31
C ASP A 578 36.84 43.21 -31.18
N LEU A 579 37.93 43.66 -30.56
CA LEU A 579 38.59 42.96 -29.46
C LEU A 579 38.89 41.50 -29.83
N THR A 580 39.36 41.31 -31.06
CA THR A 580 39.82 40.01 -31.52
C THR A 580 41.33 39.93 -31.67
N GLY A 581 41.98 41.07 -31.96
CA GLY A 581 43.42 41.14 -32.07
C GLY A 581 43.96 42.45 -31.56
N CYS A 582 45.23 42.72 -31.82
CA CYS A 582 45.89 43.94 -31.38
C CYS A 582 46.11 44.88 -32.56
N ASP A 583 46.56 46.10 -32.23
CA ASP A 583 46.75 47.15 -33.23
C ASP A 583 47.66 48.20 -32.62
N LEU A 584 48.66 48.65 -33.38
CA LEU A 584 49.65 49.56 -32.83
C LEU A 584 49.02 50.88 -32.39
N ILE A 585 49.55 51.42 -31.29
CA ILE A 585 49.14 52.72 -30.77
C ILE A 585 49.77 53.82 -31.62
N PRO A 586 48.97 54.67 -32.27
CA PRO A 586 49.47 55.75 -33.14
C PRO A 586 50.18 56.85 -32.36
N SER B 40 -56.12 -5.99 43.78
CA SER B 40 -56.34 -6.89 42.66
C SER B 40 -56.59 -6.12 41.37
N GLU B 41 -56.99 -4.85 41.51
CA GLU B 41 -57.40 -4.04 40.38
C GLU B 41 -56.23 -3.78 39.44
N ARG B 42 -56.55 -3.44 38.20
CA ARG B 42 -55.56 -3.13 37.18
C ARG B 42 -56.00 -1.88 36.42
N ARG B 43 -55.13 -1.41 35.54
CA ARG B 43 -55.36 -0.19 34.78
C ARG B 43 -55.99 -0.50 33.43
N VAL B 44 -56.82 0.42 32.96
CA VAL B 44 -57.55 0.24 31.70
C VAL B 44 -56.65 0.59 30.53
N VAL B 45 -56.86 -0.10 29.41
CA VAL B 45 -56.01 -0.01 28.23
C VAL B 45 -56.87 0.35 27.03
N ALA B 46 -56.27 1.06 26.07
CA ALA B 46 -56.92 1.33 24.79
C ALA B 46 -56.56 0.20 23.83
N HIS B 47 -57.58 -0.55 23.40
CA HIS B 47 -57.37 -1.72 22.55
C HIS B 47 -57.57 -1.39 21.07
N MET B 48 -56.89 -2.18 20.23
CA MET B 48 -57.16 -2.22 18.80
C MET B 48 -56.60 -3.54 18.26
N PRO B 49 -57.40 -4.34 17.58
CA PRO B 49 -56.92 -5.64 17.09
C PRO B 49 -56.18 -5.52 15.76
N GLY B 50 -55.40 -6.56 15.47
CA GLY B 50 -54.66 -6.63 14.23
C GLY B 50 -53.75 -7.83 14.20
N ASP B 51 -53.11 -8.01 13.04
CA ASP B 51 -52.16 -9.10 12.84
C ASP B 51 -50.83 -8.87 13.55
N ILE B 52 -50.49 -7.61 13.81
CA ILE B 52 -49.28 -7.25 14.56
C ILE B 52 -49.66 -6.15 15.53
N ILE B 53 -49.26 -6.32 16.79
CA ILE B 53 -49.72 -5.45 17.87
C ILE B 53 -48.51 -4.75 18.49
N ILE B 54 -48.55 -3.42 18.46
CA ILE B 54 -47.44 -2.56 18.85
C ILE B 54 -47.81 -1.84 20.15
N GLY B 55 -46.89 -1.84 21.11
CA GLY B 55 -47.16 -1.20 22.38
C GLY B 55 -47.04 0.31 22.30
N ALA B 56 -47.74 0.99 23.21
CA ALA B 56 -47.73 2.43 23.30
C ALA B 56 -47.83 2.84 24.76
N LEU B 57 -47.12 3.90 25.13
CA LEU B 57 -47.12 4.42 26.50
C LEU B 57 -47.20 5.94 26.43
N PHE B 58 -48.40 6.47 26.64
CA PHE B 58 -48.65 7.90 26.65
C PHE B 58 -49.05 8.35 28.05
N SER B 59 -48.59 9.55 28.43
CA SER B 59 -48.94 10.14 29.71
C SER B 59 -50.36 10.68 29.62
N VAL B 60 -51.34 9.77 29.69
CA VAL B 60 -52.74 10.17 29.62
C VAL B 60 -53.12 10.97 30.84
N HIS B 61 -52.53 10.66 32.00
CA HIS B 61 -52.79 11.39 33.23
C HIS B 61 -51.47 11.91 33.79
N HIS B 62 -51.58 12.81 34.76
CA HIS B 62 -50.39 13.36 35.42
C HIS B 62 -49.78 12.34 36.38
N GLN B 63 -48.55 12.62 36.79
CA GLN B 63 -47.88 11.76 37.74
C GLN B 63 -48.62 11.77 39.08
N PRO B 64 -48.63 10.65 39.80
CA PRO B 64 -49.41 10.58 41.04
C PRO B 64 -48.94 11.60 42.06
N THR B 65 -49.89 12.10 42.83
CA THR B 65 -49.57 13.07 43.88
C THR B 65 -48.66 12.44 44.92
N VAL B 66 -47.78 13.27 45.49
CA VAL B 66 -46.81 12.82 46.48
C VAL B 66 -47.52 12.17 47.65
N ASP B 67 -48.81 12.48 47.80
CA ASP B 67 -49.61 11.82 48.83
C ASP B 67 -49.79 10.33 48.52
N LYS B 68 -50.47 10.00 47.43
CA LYS B 68 -50.65 8.61 47.02
C LYS B 68 -49.68 8.22 45.89
N VAL B 69 -48.38 8.21 46.20
CA VAL B 69 -47.42 7.73 45.21
C VAL B 69 -47.28 6.21 45.30
N HIS B 70 -47.26 5.67 46.52
CA HIS B 70 -47.11 4.23 46.68
C HIS B 70 -48.27 3.46 46.05
N GLU B 71 -49.49 3.98 46.21
CA GLU B 71 -50.66 3.34 45.61
C GLU B 71 -50.71 3.52 44.09
N ARG B 72 -49.88 4.38 43.53
CA ARG B 72 -49.81 4.58 42.08
C ARG B 72 -51.14 5.06 41.51
N LYS B 73 -51.78 5.99 42.23
CA LYS B 73 -53.04 6.58 41.79
C LYS B 73 -52.72 7.88 41.04
N CYS B 74 -52.85 7.84 39.72
CA CYS B 74 -52.46 8.97 38.89
C CYS B 74 -53.42 10.13 39.03
N GLY B 75 -52.96 11.31 38.63
CA GLY B 75 -53.69 12.55 38.80
C GLY B 75 -54.62 12.86 37.65
N ALA B 76 -54.77 14.16 37.39
CA ALA B 76 -55.75 14.64 36.41
C ALA B 76 -55.37 14.21 34.99
N VAL B 77 -56.38 14.21 34.12
CA VAL B 77 -56.19 13.78 32.74
C VAL B 77 -55.50 14.88 31.93
N ARG B 78 -54.78 14.47 30.89
CA ARG B 78 -53.97 15.37 30.08
C ARG B 78 -54.44 15.28 28.64
N GLU B 79 -54.68 16.42 27.99
CA GLU B 79 -55.16 16.41 26.62
C GLU B 79 -54.03 16.24 25.62
N GLN B 80 -53.09 17.19 25.59
CA GLN B 80 -52.09 17.21 24.53
C GLN B 80 -51.08 16.08 24.67
N TYR B 81 -50.56 15.86 25.89
CA TYR B 81 -49.66 14.73 26.09
C TYR B 81 -50.39 13.41 26.29
N GLY B 82 -51.71 13.44 26.41
CA GLY B 82 -52.51 12.25 26.59
C GLY B 82 -53.46 11.98 25.44
N ILE B 83 -54.71 12.44 25.62
CA ILE B 83 -55.81 12.08 24.72
C ILE B 83 -55.40 12.29 23.26
N GLN B 84 -54.82 13.44 22.95
CA GLN B 84 -54.42 13.71 21.57
C GLN B 84 -53.48 12.65 21.04
N ARG B 85 -52.48 12.26 21.84
CA ARG B 85 -51.49 11.28 21.40
C ARG B 85 -52.12 9.90 21.24
N VAL B 86 -53.07 9.55 22.11
CA VAL B 86 -53.74 8.25 22.01
C VAL B 86 -54.57 8.19 20.73
N GLU B 87 -55.37 9.23 20.49
CA GLU B 87 -56.18 9.26 19.27
C GLU B 87 -55.29 9.27 18.02
N ALA B 88 -54.14 9.94 18.09
CA ALA B 88 -53.21 9.94 16.97
C ALA B 88 -52.65 8.55 16.71
N MET B 89 -52.27 7.84 17.78
CA MET B 89 -51.86 6.44 17.67
C MET B 89 -52.91 5.64 16.91
N LEU B 90 -54.16 5.70 17.39
CA LEU B 90 -55.24 4.92 16.79
C LEU B 90 -55.41 5.26 15.30
N HIS B 91 -55.54 6.55 14.99
CA HIS B 91 -55.80 6.95 13.61
C HIS B 91 -54.62 6.65 12.70
N THR B 92 -53.39 6.82 13.18
CA THR B 92 -52.23 6.53 12.36
C THR B 92 -52.15 5.06 12.02
N LEU B 93 -52.51 4.18 12.98
CA LEU B 93 -52.56 2.77 12.65
C LEU B 93 -53.67 2.47 11.64
N GLU B 94 -54.82 3.12 11.79
CA GLU B 94 -55.87 3.01 10.78
C GLU B 94 -55.33 3.36 9.40
N ARG B 95 -54.57 4.45 9.31
CA ARG B 95 -54.03 4.89 8.02
C ARG B 95 -53.03 3.90 7.46
N ILE B 96 -52.14 3.38 8.32
CA ILE B 96 -51.16 2.40 7.86
C ILE B 96 -51.87 1.17 7.31
N ASN B 97 -52.96 0.76 7.94
CA ASN B 97 -53.76 -0.33 7.37
C ASN B 97 -54.33 0.07 6.02
N SER B 98 -54.87 1.29 5.93
CA SER B 98 -55.49 1.72 4.68
C SER B 98 -54.46 1.85 3.56
N ASP B 99 -53.24 2.26 3.89
CA ASP B 99 -52.20 2.45 2.89
C ASP B 99 -51.80 1.12 2.27
N PRO B 100 -52.02 0.89 0.97
CA PRO B 100 -51.62 -0.38 0.38
C PRO B 100 -50.13 -0.51 0.13
N THR B 101 -49.39 0.59 0.08
CA THR B 101 -47.95 0.50 -0.11
C THR B 101 -47.24 0.09 1.17
N LEU B 102 -47.71 0.58 2.32
CA LEU B 102 -47.08 0.29 3.60
C LEU B 102 -47.79 -0.90 4.24
N LEU B 103 -47.04 -1.97 4.50
CA LEU B 103 -47.53 -3.19 5.13
C LEU B 103 -48.77 -3.73 4.42
N PRO B 104 -48.64 -4.25 3.20
CA PRO B 104 -49.82 -4.77 2.49
C PRO B 104 -50.25 -6.12 3.04
N ASN B 105 -51.56 -6.33 3.10
CA ASN B 105 -52.17 -7.55 3.60
C ASN B 105 -51.77 -7.84 5.05
N ILE B 106 -51.37 -6.80 5.78
CA ILE B 106 -50.96 -6.90 7.17
C ILE B 106 -51.75 -5.88 7.97
N THR B 107 -52.36 -6.34 9.07
CA THR B 107 -53.15 -5.47 9.93
C THR B 107 -52.37 -5.15 11.20
N LEU B 108 -52.39 -3.87 11.58
CA LEU B 108 -51.67 -3.39 12.76
C LEU B 108 -52.67 -3.08 13.87
N GLY B 109 -52.58 -3.84 14.96
CA GLY B 109 -53.28 -3.51 16.18
C GLY B 109 -52.36 -2.82 17.18
N CYS B 110 -52.93 -2.49 18.33
CA CYS B 110 -52.17 -1.79 19.36
C CYS B 110 -52.81 -1.99 20.73
N GLU B 111 -51.97 -1.80 21.75
CA GLU B 111 -52.32 -1.91 23.16
C GLU B 111 -51.75 -0.66 23.83
N ILE B 112 -52.59 0.35 24.01
CA ILE B 112 -52.14 1.67 24.45
C ILE B 112 -52.31 1.76 25.96
N ARG B 113 -51.21 2.00 26.67
CA ARG B 113 -51.19 1.99 28.13
C ARG B 113 -50.75 3.33 28.69
N ASP B 114 -51.11 3.54 29.96
CA ASP B 114 -50.87 4.81 30.64
C ASP B 114 -49.44 4.85 31.18
N SER B 115 -48.69 5.90 30.83
CA SER B 115 -47.37 6.07 31.42
C SER B 115 -47.40 6.93 32.66
N CYS B 116 -48.33 7.90 32.73
CA CYS B 116 -48.48 8.82 33.86
C CYS B 116 -47.23 9.64 34.13
N TRP B 117 -46.30 9.70 33.17
CA TRP B 117 -45.05 10.45 33.35
C TRP B 117 -44.32 10.03 34.61
N HIS B 118 -44.44 8.74 34.95
CA HIS B 118 -43.90 8.22 36.19
C HIS B 118 -43.18 6.90 35.91
N SER B 119 -42.02 6.71 36.53
CA SER B 119 -41.21 5.54 36.26
C SER B 119 -41.91 4.26 36.69
N ALA B 120 -42.46 4.24 37.90
CA ALA B 120 -43.05 3.01 38.43
C ALA B 120 -44.30 2.60 37.66
N VAL B 121 -45.15 3.56 37.32
CA VAL B 121 -46.40 3.24 36.63
C VAL B 121 -46.10 2.72 35.22
N ALA B 122 -45.25 3.43 34.48
CA ALA B 122 -44.86 2.97 33.15
C ALA B 122 -44.15 1.63 33.22
N LEU B 123 -43.41 1.37 34.31
CA LEU B 123 -42.72 0.09 34.42
C LEU B 123 -43.71 -1.05 34.69
N GLU B 124 -44.74 -0.81 35.51
CA GLU B 124 -45.76 -1.85 35.71
C GLU B 124 -46.52 -2.11 34.42
N GLN B 125 -46.79 -1.07 33.63
CA GLN B 125 -47.51 -1.30 32.39
C GLN B 125 -46.62 -1.97 31.35
N SER B 126 -45.31 -1.71 31.40
CA SER B 126 -44.39 -2.43 30.53
C SER B 126 -44.31 -3.90 30.95
N ILE B 127 -44.37 -4.19 32.25
CA ILE B 127 -44.46 -5.57 32.70
C ILE B 127 -45.75 -6.20 32.19
N GLU B 128 -46.83 -5.42 32.12
CA GLU B 128 -48.07 -5.94 31.55
C GLU B 128 -47.92 -6.21 30.05
N PHE B 129 -47.10 -5.42 29.36
CA PHE B 129 -46.71 -5.81 27.99
C PHE B 129 -45.99 -7.15 27.99
N ILE B 130 -45.01 -7.29 28.89
CA ILE B 130 -44.15 -8.47 28.91
C ILE B 130 -44.94 -9.74 29.25
N ARG B 131 -46.01 -9.60 30.04
CA ARG B 131 -46.71 -10.76 30.58
C ARG B 131 -47.10 -11.78 29.51
N ASP B 132 -47.49 -11.30 28.33
CA ASP B 132 -47.86 -12.20 27.25
C ASP B 132 -46.64 -12.73 26.51
N SER B 133 -45.54 -11.97 26.50
CA SER B 133 -44.31 -12.37 25.85
C SER B 133 -43.43 -13.26 26.71
N LEU B 134 -43.98 -13.87 27.76
CA LEU B 134 -43.21 -14.71 28.66
C LEU B 134 -44.10 -15.76 29.32
N LYS B 157 -52.18 -14.53 24.41
CA LYS B 157 -51.81 -15.23 23.19
C LYS B 157 -51.39 -14.25 22.10
N LYS B 158 -51.22 -12.99 22.50
CA LYS B 158 -50.86 -11.91 21.58
C LYS B 158 -49.50 -11.35 21.93
N PRO B 159 -48.51 -11.42 21.03
CA PRO B 159 -47.18 -10.88 21.34
C PRO B 159 -47.05 -9.41 20.96
N ILE B 160 -46.38 -8.66 21.82
CA ILE B 160 -46.10 -7.26 21.57
C ILE B 160 -44.82 -7.16 20.75
N VAL B 161 -44.87 -6.39 19.66
CA VAL B 161 -43.75 -6.36 18.72
C VAL B 161 -42.78 -5.24 19.06
N GLY B 162 -43.30 -4.04 19.28
CA GLY B 162 -42.48 -2.91 19.69
C GLY B 162 -43.20 -2.03 20.68
N VAL B 163 -42.58 -0.91 21.06
CA VAL B 163 -43.17 0.02 22.03
C VAL B 163 -42.90 1.44 21.55
N ILE B 164 -43.91 2.29 21.64
CA ILE B 164 -43.81 3.70 21.31
C ILE B 164 -43.91 4.51 22.59
N GLY B 165 -42.96 5.43 22.79
CA GLY B 165 -42.92 6.23 23.98
C GLY B 165 -41.93 5.70 25.00
N PRO B 166 -42.01 6.16 26.25
CA PRO B 166 -42.90 7.20 26.79
C PRO B 166 -42.35 8.62 26.64
N GLY B 167 -42.86 9.53 27.45
CA GLY B 167 -42.48 10.93 27.37
C GLY B 167 -41.15 11.30 28.01
N SER B 168 -41.04 11.10 29.32
CA SER B 168 -39.84 11.56 30.02
C SER B 168 -38.68 10.62 29.75
N SER B 169 -37.49 11.21 29.53
CA SER B 169 -36.30 10.40 29.30
C SER B 169 -36.00 9.52 30.51
N SER B 170 -36.19 10.05 31.72
CA SER B 170 -35.94 9.27 32.92
C SER B 170 -36.83 8.04 32.98
N VAL B 171 -38.10 8.19 32.58
CA VAL B 171 -39.02 7.06 32.56
C VAL B 171 -38.72 6.14 31.39
N ALA B 172 -38.33 6.71 30.25
CA ALA B 172 -37.99 5.90 29.08
C ALA B 172 -36.80 5.00 29.35
N ILE B 173 -35.85 5.44 30.18
CA ILE B 173 -34.74 4.58 30.56
C ILE B 173 -35.24 3.40 31.38
N GLN B 174 -36.12 3.66 32.34
CA GLN B 174 -36.64 2.58 33.17
C GLN B 174 -37.40 1.57 32.33
N VAL B 175 -38.08 2.05 31.28
CA VAL B 175 -38.82 1.14 30.42
C VAL B 175 -37.88 0.37 29.49
N GLN B 176 -36.85 1.05 28.98
CA GLN B 176 -35.90 0.44 28.04
C GLN B 176 -35.07 -0.63 28.74
N ASN B 177 -34.74 -0.42 30.02
CA ASN B 177 -34.01 -1.42 30.78
C ASN B 177 -34.76 -2.74 30.84
N LEU B 178 -36.10 -2.68 30.86
CA LEU B 178 -36.92 -3.88 30.83
C LEU B 178 -37.05 -4.43 29.42
N LEU B 179 -37.29 -3.54 28.44
CA LEU B 179 -37.57 -3.99 27.08
C LEU B 179 -36.36 -4.68 26.45
N GLN B 180 -35.16 -4.12 26.65
CA GLN B 180 -33.96 -4.69 26.04
C GLN B 180 -33.73 -6.14 26.44
N LEU B 181 -34.27 -6.57 27.59
CA LEU B 181 -34.10 -7.94 28.03
C LEU B 181 -34.92 -8.91 27.19
N PHE B 182 -36.04 -8.46 26.63
CA PHE B 182 -36.87 -9.29 25.77
C PHE B 182 -36.82 -8.84 24.31
N ASN B 183 -35.79 -8.08 23.94
CA ASN B 183 -35.53 -7.67 22.56
C ASN B 183 -36.75 -7.01 21.92
N ILE B 184 -37.23 -5.96 22.59
CA ILE B 184 -38.38 -5.20 22.10
C ILE B 184 -37.93 -3.78 21.79
N PRO B 185 -37.89 -3.38 20.52
CA PRO B 185 -37.43 -2.02 20.19
C PRO B 185 -38.42 -0.97 20.68
N GLN B 186 -37.88 0.13 21.20
CA GLN B 186 -38.66 1.22 21.79
C GLN B 186 -38.30 2.52 21.10
N ILE B 187 -39.29 3.17 20.50
CA ILE B 187 -39.09 4.43 19.79
C ILE B 187 -39.79 5.52 20.57
N ALA B 188 -39.02 6.51 21.03
CA ALA B 188 -39.53 7.59 21.86
C ALA B 188 -39.74 8.85 21.04
N TYR B 189 -40.83 9.55 21.31
CA TYR B 189 -41.18 10.76 20.57
C TYR B 189 -40.68 12.05 21.23
N SER B 190 -40.53 12.07 22.55
CA SER B 190 -40.12 13.29 23.24
C SER B 190 -38.93 13.12 24.18
N ALA B 191 -38.39 11.91 24.31
CA ALA B 191 -37.21 11.69 25.14
C ALA B 191 -35.97 12.15 24.39
N THR B 192 -35.26 13.13 24.95
CA THR B 192 -34.17 13.80 24.25
C THR B 192 -32.82 13.67 24.93
N SER B 193 -32.73 13.02 26.09
CA SER B 193 -31.50 13.02 26.87
C SER B 193 -30.34 12.38 26.11
N MET B 194 -29.13 12.89 26.38
CA MET B 194 -27.94 12.37 25.72
C MET B 194 -27.62 10.95 26.15
N ASP B 195 -27.96 10.59 27.39
CA ASP B 195 -27.65 9.26 27.90
C ASP B 195 -28.34 8.17 27.10
N LEU B 196 -29.48 8.48 26.49
CA LEU B 196 -30.19 7.53 25.66
C LEU B 196 -29.54 7.34 24.29
N SER B 197 -28.46 8.05 24.00
CA SER B 197 -27.67 7.82 22.79
C SER B 197 -26.65 6.71 22.97
N ASP B 198 -26.47 6.21 24.19
CA ASP B 198 -25.59 5.08 24.44
C ASP B 198 -26.30 3.79 24.04
N LYS B 199 -25.77 3.10 23.03
CA LYS B 199 -26.39 1.89 22.54
C LYS B 199 -25.81 0.62 23.14
N THR B 200 -24.67 0.72 23.83
CA THR B 200 -24.22 -0.40 24.65
C THR B 200 -25.11 -0.55 25.88
N LEU B 201 -25.65 0.55 26.38
CA LEU B 201 -26.56 0.51 27.52
C LEU B 201 -28.01 0.38 27.09
N PHE B 202 -28.36 0.83 25.89
CA PHE B 202 -29.75 0.95 25.45
C PHE B 202 -29.91 0.41 24.02
N LYS B 203 -29.42 -0.81 23.79
CA LYS B 203 -29.33 -1.37 22.44
C LYS B 203 -30.64 -1.26 21.67
N TYR B 204 -31.77 -1.53 22.30
CA TYR B 204 -33.06 -1.51 21.59
C TYR B 204 -33.82 -0.22 21.80
N PHE B 205 -33.15 0.92 21.81
CA PHE B 205 -33.82 2.21 21.93
C PHE B 205 -33.53 3.08 20.72
N MET B 206 -34.55 3.82 20.30
CA MET B 206 -34.44 4.78 19.21
C MET B 206 -35.36 5.95 19.51
N ARG B 207 -35.13 7.07 18.84
CA ARG B 207 -35.96 8.25 19.03
C ARG B 207 -35.98 9.08 17.76
N VAL B 208 -37.15 9.68 17.49
CA VAL B 208 -37.33 10.53 16.33
C VAL B 208 -36.93 11.97 16.59
N VAL B 209 -36.42 12.28 17.79
CA VAL B 209 -35.96 13.62 18.14
C VAL B 209 -34.45 13.59 18.31
N PRO B 210 -33.76 14.71 18.17
CA PRO B 210 -32.30 14.71 18.30
C PRO B 210 -31.86 14.73 19.75
N SER B 211 -30.58 14.44 19.95
CA SER B 211 -30.00 14.43 21.28
C SER B 211 -29.98 15.84 21.87
N ASP B 212 -30.06 15.92 23.19
CA ASP B 212 -30.00 17.20 23.87
C ASP B 212 -28.62 17.84 23.84
N ALA B 213 -27.61 17.15 23.29
CA ALA B 213 -26.31 17.78 23.09
C ALA B 213 -26.40 18.95 22.14
N GLN B 214 -27.42 18.99 21.28
CA GLN B 214 -27.66 20.14 20.42
C GLN B 214 -28.46 21.22 21.12
N GLN B 215 -29.46 20.85 21.93
CA GLN B 215 -30.29 21.85 22.58
C GLN B 215 -29.55 22.57 23.70
N ALA B 216 -28.65 21.87 24.40
CA ALA B 216 -27.78 22.55 25.35
C ALA B 216 -26.84 23.51 24.64
N ARG B 217 -26.27 23.09 23.51
CA ARG B 217 -25.42 23.97 22.71
C ARG B 217 -26.20 25.21 22.25
N ALA B 218 -27.46 25.01 21.87
CA ALA B 218 -28.29 26.13 21.42
C ALA B 218 -28.61 27.08 22.58
N MET B 219 -28.88 26.55 23.76
CA MET B 219 -29.10 27.40 24.92
C MET B 219 -27.86 28.21 25.25
N VAL B 220 -26.68 27.58 25.17
CA VAL B 220 -25.43 28.28 25.38
C VAL B 220 -25.23 29.36 24.33
N ASP B 221 -25.59 29.07 23.08
CA ASP B 221 -25.45 30.06 22.02
C ASP B 221 -26.39 31.23 22.23
N ILE B 222 -27.60 30.97 22.74
CA ILE B 222 -28.52 32.05 23.08
C ILE B 222 -27.93 32.92 24.18
N VAL B 223 -27.35 32.29 25.20
CA VAL B 223 -26.73 33.06 26.28
C VAL B 223 -25.59 33.91 25.74
N LYS B 224 -24.79 33.35 24.83
CA LYS B 224 -23.66 34.10 24.28
C LYS B 224 -24.12 35.26 23.41
N ARG B 225 -25.17 35.06 22.61
CA ARG B 225 -25.62 36.10 21.70
C ARG B 225 -26.16 37.32 22.45
N TYR B 226 -26.79 37.10 23.59
CA TYR B 226 -27.37 38.18 24.39
C TYR B 226 -26.40 38.78 25.40
N ASN B 227 -25.10 38.45 25.28
CA ASN B 227 -24.06 38.98 26.16
C ASN B 227 -24.41 38.76 27.63
N TRP B 228 -25.01 37.62 27.93
CA TRP B 228 -25.31 37.22 29.30
C TRP B 228 -24.15 36.41 29.85
N THR B 229 -23.67 36.75 31.04
CA THR B 229 -22.56 36.04 31.64
C THR B 229 -22.87 35.46 33.02
N TYR B 230 -23.54 36.22 33.89
CA TYR B 230 -23.87 35.76 35.25
C TYR B 230 -25.32 35.32 35.25
N VAL B 231 -25.54 34.00 35.23
CA VAL B 231 -26.87 33.43 35.12
C VAL B 231 -27.10 32.48 36.28
N SER B 232 -28.36 32.30 36.63
CA SER B 232 -28.76 31.23 37.54
C SER B 232 -29.20 30.02 36.71
N ALA B 233 -29.23 28.86 37.34
CA ALA B 233 -29.46 27.61 36.62
C ALA B 233 -30.38 26.70 37.43
N VAL B 234 -31.53 26.35 36.84
CA VAL B 234 -32.48 25.42 37.44
C VAL B 234 -32.76 24.31 36.45
N HIS B 235 -32.99 23.10 36.98
CA HIS B 235 -33.29 21.95 36.15
C HIS B 235 -34.14 20.96 36.94
N THR B 236 -34.98 20.21 36.22
CA THR B 236 -35.85 19.24 36.85
C THR B 236 -35.07 17.99 37.23
N GLU B 237 -35.22 17.56 38.48
CA GLU B 237 -34.52 16.39 38.98
C GLU B 237 -34.92 15.15 38.19
N GLY B 238 -33.97 14.58 37.46
CA GLY B 238 -34.23 13.49 36.55
C GLY B 238 -33.14 13.47 35.50
N ASN B 239 -33.23 12.46 34.63
CA ASN B 239 -32.19 12.34 33.60
C ASN B 239 -32.23 13.51 32.62
N TYR B 240 -33.42 13.83 32.11
CA TYR B 240 -33.53 14.92 31.15
C TYR B 240 -32.88 16.19 31.70
N GLY B 241 -33.38 16.65 32.85
CA GLY B 241 -32.85 17.86 33.45
C GLY B 241 -31.37 17.77 33.78
N GLU B 242 -30.95 16.67 34.40
CA GLU B 242 -29.56 16.57 34.86
C GLU B 242 -28.59 16.49 33.67
N SER B 243 -28.88 15.65 32.68
CA SER B 243 -28.02 15.55 31.52
C SER B 243 -27.95 16.88 30.78
N GLY B 244 -29.10 17.48 30.50
CA GLY B 244 -29.11 18.76 29.80
C GLY B 244 -28.38 19.84 30.57
N MET B 245 -28.53 19.87 31.89
CA MET B 245 -27.93 20.93 32.69
C MET B 245 -26.43 20.74 32.86
N GLU B 246 -25.97 19.49 32.97
CA GLU B 246 -24.52 19.27 33.01
C GLU B 246 -23.88 19.54 31.66
N ALA B 247 -24.57 19.23 30.56
CA ALA B 247 -24.05 19.63 29.25
C ALA B 247 -24.00 21.15 29.12
N PHE B 248 -25.05 21.82 29.57
CA PHE B 248 -25.05 23.28 29.59
C PHE B 248 -23.91 23.83 30.44
N LYS B 249 -23.66 23.21 31.59
CA LYS B 249 -22.55 23.64 32.43
C LYS B 249 -21.22 23.50 31.71
N ASP B 250 -20.96 22.30 31.18
CA ASP B 250 -19.69 22.04 30.52
C ASP B 250 -19.50 22.91 29.29
N MET B 251 -20.58 23.33 28.64
CA MET B 251 -20.44 24.17 27.46
C MET B 251 -20.31 25.65 27.82
N SER B 252 -21.14 26.13 28.76
CA SER B 252 -21.13 27.53 29.13
C SER B 252 -19.84 27.90 29.86
N ALA B 253 -19.36 27.03 30.75
CA ALA B 253 -18.11 27.33 31.46
C ALA B 253 -16.94 27.42 30.49
N LYS B 254 -16.89 26.52 29.50
CA LYS B 254 -15.85 26.61 28.48
C LYS B 254 -15.96 27.92 27.69
N GLU B 255 -17.18 28.33 27.39
CA GLU B 255 -17.41 29.55 26.61
C GLU B 255 -17.43 30.81 27.48
N GLY B 256 -16.98 30.72 28.72
CA GLY B 256 -16.88 31.88 29.59
C GLY B 256 -18.22 32.42 30.06
N ILE B 257 -18.98 31.59 30.79
CA ILE B 257 -20.28 31.98 31.31
C ILE B 257 -20.36 31.50 32.76
N CYS B 258 -20.57 32.44 33.68
CA CYS B 258 -20.59 32.11 35.10
C CYS B 258 -21.96 31.58 35.51
N ILE B 259 -21.97 30.49 36.26
CA ILE B 259 -23.18 29.90 36.80
C ILE B 259 -23.26 30.32 38.27
N ALA B 260 -24.21 31.21 38.58
CA ALA B 260 -24.34 31.71 39.94
C ALA B 260 -24.55 30.58 40.94
N HIS B 261 -25.48 29.68 40.65
CA HIS B 261 -25.74 28.50 41.45
C HIS B 261 -26.66 27.59 40.67
N SER B 262 -26.48 26.28 40.82
CA SER B 262 -27.28 25.28 40.12
C SER B 262 -28.29 24.68 41.10
N TYR B 263 -29.57 24.77 40.75
CA TYR B 263 -30.65 24.29 41.61
C TYR B 263 -31.40 23.17 40.90
N LYS B 264 -31.90 22.22 41.69
CA LYS B 264 -32.60 21.06 41.16
C LYS B 264 -33.79 20.74 42.06
N ILE B 265 -34.90 20.36 41.43
CA ILE B 265 -36.18 20.20 42.11
C ILE B 265 -37.06 19.27 41.29
N TYR B 266 -37.84 18.42 41.97
CA TYR B 266 -38.77 17.56 41.24
C TYR B 266 -39.96 18.37 40.76
N SER B 267 -40.62 17.87 39.72
CA SER B 267 -41.76 18.56 39.14
C SER B 267 -42.94 18.60 40.10
N ASN B 268 -43.17 17.52 40.85
CA ASN B 268 -44.30 17.43 41.77
C ASN B 268 -43.96 17.88 43.18
N ALA B 269 -43.00 18.79 43.34
CA ALA B 269 -42.67 19.30 44.67
C ALA B 269 -43.70 20.31 45.13
N GLY B 270 -43.89 20.38 46.44
CA GLY B 270 -44.92 21.21 47.03
C GLY B 270 -44.68 22.69 46.82
N GLU B 271 -45.68 23.48 47.22
CA GLU B 271 -45.61 24.94 47.07
C GLU B 271 -44.47 25.52 47.89
N GLN B 272 -44.26 25.03 49.12
CA GLN B 272 -43.17 25.53 49.95
C GLN B 272 -41.81 25.25 49.31
N SER B 273 -41.69 24.12 48.60
CA SER B 273 -40.42 23.80 47.95
C SER B 273 -40.08 24.82 46.88
N PHE B 274 -41.05 25.14 46.00
CA PHE B 274 -40.77 26.15 44.98
C PHE B 274 -40.64 27.54 45.59
N ASP B 275 -41.30 27.80 46.72
CA ASP B 275 -41.10 29.08 47.40
C ASP B 275 -39.65 29.22 47.86
N LYS B 276 -39.11 28.16 48.47
CA LYS B 276 -37.71 28.15 48.86
C LYS B 276 -36.80 28.31 47.64
N LEU B 277 -37.15 27.64 46.54
CA LEU B 277 -36.36 27.77 45.31
C LEU B 277 -36.33 29.21 44.81
N LEU B 278 -37.49 29.87 44.80
CA LEU B 278 -37.56 31.24 44.32
C LEU B 278 -36.82 32.20 45.25
N LYS B 279 -36.87 31.95 46.55
CA LYS B 279 -36.08 32.77 47.49
C LYS B 279 -34.58 32.60 47.22
N LYS B 280 -34.15 31.35 47.03
CA LYS B 280 -32.74 31.09 46.73
C LYS B 280 -32.34 31.69 45.39
N LEU B 281 -33.30 31.86 44.47
CA LEU B 281 -33.01 32.55 43.21
C LEU B 281 -32.88 34.05 43.43
N THR B 282 -33.75 34.64 44.25
CA THR B 282 -33.64 36.06 44.57
C THR B 282 -32.40 36.35 45.41
N SER B 283 -31.75 35.34 45.95
CA SER B 283 -30.48 35.56 46.64
C SER B 283 -29.45 36.20 45.72
N HIS B 284 -29.41 35.78 44.45
CA HIS B 284 -28.42 36.27 43.51
C HIS B 284 -28.82 37.57 42.80
N LEU B 285 -30.05 38.01 42.96
CA LEU B 285 -30.48 39.26 42.34
C LEU B 285 -29.79 40.45 43.02
N PRO B 286 -29.63 41.58 42.32
CA PRO B 286 -30.03 41.86 40.93
C PRO B 286 -28.99 41.45 39.88
N LYS B 287 -27.87 40.86 40.33
CA LYS B 287 -26.79 40.54 39.42
C LYS B 287 -27.19 39.46 38.41
N ALA B 288 -27.75 38.36 38.91
CA ALA B 288 -28.11 37.22 38.07
C ALA B 288 -29.62 37.25 37.86
N ARG B 289 -30.04 37.79 36.72
CA ARG B 289 -31.47 37.92 36.43
C ARG B 289 -31.98 36.78 35.57
N VAL B 290 -31.19 36.33 34.60
CA VAL B 290 -31.63 35.29 33.68
C VAL B 290 -31.42 33.92 34.32
N VAL B 291 -32.43 33.07 34.22
CA VAL B 291 -32.45 31.75 34.85
C VAL B 291 -32.50 30.72 33.72
N ALA B 292 -31.35 30.17 33.37
CA ALA B 292 -31.29 29.05 32.45
C ALA B 292 -31.96 27.85 33.11
N CYS B 293 -33.13 27.48 32.61
CA CYS B 293 -33.91 26.37 33.17
C CYS B 293 -33.93 25.26 32.13
N PHE B 294 -33.12 24.23 32.35
CA PHE B 294 -33.21 23.01 31.56
C PHE B 294 -34.19 22.06 32.23
N CYS B 295 -35.43 22.52 32.32
CA CYS B 295 -36.46 21.93 33.15
C CYS B 295 -37.70 21.65 32.33
N GLU B 296 -38.52 20.73 32.81
CA GLU B 296 -39.69 20.26 32.09
C GLU B 296 -40.96 20.89 32.66
N GLY B 297 -41.64 21.71 31.84
CA GLY B 297 -43.04 22.02 32.05
C GLY B 297 -43.46 22.50 33.42
N MET B 298 -44.16 21.61 34.13
CA MET B 298 -44.70 21.91 35.45
C MET B 298 -43.65 22.49 36.39
N THR B 299 -42.36 22.25 36.14
CA THR B 299 -41.33 22.95 36.92
C THR B 299 -41.39 24.44 36.66
N VAL B 300 -41.41 24.85 35.38
CA VAL B 300 -41.59 26.26 35.04
C VAL B 300 -42.90 26.77 35.60
N ARG B 301 -43.95 25.96 35.55
CA ARG B 301 -45.24 26.43 36.05
C ARG B 301 -45.22 26.65 37.55
N GLY B 302 -44.57 25.77 38.30
CA GLY B 302 -44.41 25.98 39.72
C GLY B 302 -43.58 27.22 40.02
N LEU B 303 -42.54 27.46 39.22
CA LEU B 303 -41.79 28.71 39.36
C LEU B 303 -42.70 29.92 39.19
N LEU B 304 -43.57 29.89 38.16
CA LEU B 304 -44.47 31.01 37.92
C LEU B 304 -45.47 31.18 39.07
N MET B 305 -46.00 30.07 39.58
CA MET B 305 -46.92 30.15 40.72
C MET B 305 -46.20 30.68 41.95
N ALA B 306 -44.91 30.39 42.11
CA ALA B 306 -44.14 30.98 43.20
C ALA B 306 -43.89 32.46 42.96
N MET B 307 -43.77 32.89 41.71
CA MET B 307 -43.64 34.32 41.42
C MET B 307 -44.95 35.05 41.69
N ARG B 308 -46.08 34.35 41.56
CA ARG B 308 -47.35 34.89 42.01
C ARG B 308 -47.41 34.96 43.53
N ARG B 309 -47.00 33.88 44.21
CA ARG B 309 -47.10 33.81 45.66
C ARG B 309 -46.20 34.84 46.34
N LEU B 310 -44.92 34.84 45.98
CA LEU B 310 -43.94 35.71 46.66
C LEU B 310 -44.07 37.16 46.21
N GLY B 311 -44.37 37.38 44.93
CA GLY B 311 -44.35 38.70 44.36
C GLY B 311 -43.08 39.07 43.63
N LEU B 312 -42.23 38.10 43.31
CA LEU B 312 -40.99 38.36 42.59
C LEU B 312 -41.19 38.35 41.08
N ALA B 313 -42.41 38.59 40.61
CA ALA B 313 -42.67 38.57 39.17
C ALA B 313 -42.01 39.77 38.50
N GLY B 314 -41.52 39.54 37.27
CA GLY B 314 -40.85 40.59 36.52
C GLY B 314 -39.39 40.80 36.87
N GLU B 315 -38.86 40.09 37.86
CA GLU B 315 -37.47 40.25 38.25
C GLU B 315 -36.52 39.35 37.46
N PHE B 316 -37.02 38.25 36.91
CA PHE B 316 -36.19 37.27 36.23
C PHE B 316 -36.61 37.16 34.76
N LEU B 317 -35.82 36.41 34.00
CA LEU B 317 -36.11 36.09 32.61
C LEU B 317 -35.73 34.63 32.40
N LEU B 318 -36.73 33.75 32.37
CA LEU B 318 -36.49 32.32 32.32
C LEU B 318 -36.11 31.89 30.91
N LEU B 319 -35.04 31.11 30.80
CA LEU B 319 -34.57 30.55 29.53
C LEU B 319 -34.88 29.05 29.55
N GLY B 320 -36.08 28.70 29.07
CA GLY B 320 -36.54 27.34 29.18
C GLY B 320 -36.07 26.43 28.06
N SER B 321 -36.11 25.13 28.35
CA SER B 321 -35.77 24.08 27.40
C SER B 321 -37.06 23.58 26.73
N ASP B 322 -36.97 22.46 26.02
CA ASP B 322 -38.11 21.98 25.26
C ASP B 322 -39.26 21.49 26.14
N GLY B 323 -39.04 21.34 27.44
CA GLY B 323 -40.14 21.05 28.35
C GLY B 323 -41.19 22.13 28.41
N TRP B 324 -40.85 23.34 27.96
CA TRP B 324 -41.74 24.49 27.93
C TRP B 324 -41.67 25.15 26.57
N ALA B 325 -41.76 24.33 25.52
CA ALA B 325 -41.54 24.81 24.15
C ALA B 325 -42.52 25.93 23.79
N ASP B 326 -43.80 25.59 23.68
CA ASP B 326 -44.87 26.59 23.62
C ASP B 326 -46.07 26.16 24.44
N ARG B 327 -45.84 25.35 25.48
CA ARG B 327 -46.93 24.73 26.22
C ARG B 327 -47.81 25.78 26.90
N TYR B 328 -49.08 25.84 26.50
CA TYR B 328 -50.00 26.79 27.10
C TYR B 328 -50.42 26.37 28.50
N ASP B 329 -50.38 25.06 28.80
CA ASP B 329 -50.75 24.63 30.13
C ASP B 329 -49.76 25.07 31.20
N VAL B 330 -48.59 25.57 30.81
CA VAL B 330 -47.60 26.05 31.75
C VAL B 330 -47.81 27.53 32.08
N THR B 331 -48.16 28.34 31.07
CA THR B 331 -48.29 29.77 31.24
C THR B 331 -49.73 30.23 31.44
N ASP B 332 -50.72 29.39 31.16
CA ASP B 332 -52.11 29.79 31.31
C ASP B 332 -52.43 30.03 32.78
N GLY B 333 -53.03 31.18 33.06
CA GLY B 333 -53.36 31.59 34.40
C GLY B 333 -52.31 32.45 35.08
N TYR B 334 -51.04 32.27 34.72
CA TYR B 334 -49.94 33.07 35.26
C TYR B 334 -49.09 33.62 34.12
N GLN B 335 -49.77 34.23 33.15
CA GLN B 335 -49.08 34.81 31.99
C GLN B 335 -48.12 35.93 32.42
N ARG B 336 -48.58 36.82 33.29
CA ARG B 336 -47.83 38.04 33.60
C ARG B 336 -46.45 37.74 34.15
N GLU B 337 -46.27 36.59 34.82
CA GLU B 337 -44.97 36.28 35.39
C GLU B 337 -43.98 35.85 34.31
N ALA B 338 -44.43 35.08 33.33
CA ALA B 338 -43.56 34.51 32.31
C ALA B 338 -43.25 35.48 31.18
N VAL B 339 -43.58 36.76 31.32
CA VAL B 339 -43.34 37.72 30.25
C VAL B 339 -41.84 37.98 30.11
N GLY B 340 -41.35 38.00 28.87
CA GLY B 340 -39.96 38.19 28.60
C GLY B 340 -39.16 36.91 28.43
N GLY B 341 -39.65 35.79 28.97
CA GLY B 341 -38.93 34.53 28.89
C GLY B 341 -38.70 34.08 27.47
N ILE B 342 -37.69 33.24 27.32
CA ILE B 342 -37.27 32.68 26.03
C ILE B 342 -37.17 31.17 26.18
N THR B 343 -37.76 30.44 25.24
CA THR B 343 -37.79 28.98 25.32
C THR B 343 -37.40 28.37 23.98
N ILE B 344 -37.24 27.05 23.99
CA ILE B 344 -36.75 26.31 22.83
C ILE B 344 -37.76 25.22 22.49
N LYS B 345 -38.16 25.16 21.22
CA LYS B 345 -39.08 24.19 20.66
C LYS B 345 -38.34 23.34 19.63
N LEU B 346 -38.80 22.12 19.41
CA LEU B 346 -38.30 21.29 18.32
C LEU B 346 -39.14 21.50 17.07
N GLN B 347 -38.50 21.28 15.91
CA GLN B 347 -39.11 21.57 14.62
C GLN B 347 -40.19 20.55 14.27
N SER B 348 -41.43 20.84 14.66
CA SER B 348 -42.56 19.94 14.42
C SER B 348 -43.76 20.73 13.89
N PRO B 349 -43.98 20.72 12.57
CA PRO B 349 -45.16 21.39 12.03
C PRO B 349 -46.42 20.60 12.35
N ASP B 350 -47.53 21.33 12.47
CA ASP B 350 -48.80 20.70 12.84
C ASP B 350 -49.22 19.69 11.78
N VAL B 351 -49.55 18.49 12.24
CA VAL B 351 -50.01 17.44 11.33
C VAL B 351 -51.43 17.78 10.89
N LYS B 352 -51.60 18.01 9.58
CA LYS B 352 -52.87 18.50 9.06
C LYS B 352 -54.00 17.51 9.32
N TRP B 353 -53.82 16.26 8.88
CA TRP B 353 -54.92 15.28 8.96
C TRP B 353 -55.24 14.85 10.39
N PHE B 354 -54.36 15.14 11.36
CA PHE B 354 -54.67 14.79 12.73
C PHE B 354 -55.85 15.60 13.27
N ASP B 355 -55.92 16.88 12.90
CA ASP B 355 -56.99 17.72 13.41
C ASP B 355 -58.36 17.30 12.87
N ASP B 356 -58.42 16.95 11.58
CA ASP B 356 -59.69 16.55 10.98
C ASP B 356 -60.26 15.31 11.67
N TYR B 357 -59.38 14.41 12.13
CA TYR B 357 -59.82 13.24 12.89
C TYR B 357 -60.16 13.60 14.33
N TYR B 358 -59.33 14.42 14.96
CA TYR B 358 -59.47 14.69 16.39
C TYR B 358 -60.71 15.53 16.69
N LEU B 359 -60.86 16.65 15.98
CA LEU B 359 -61.94 17.59 16.28
C LEU B 359 -63.32 17.03 15.96
N LYS B 360 -63.41 16.01 15.10
CA LYS B 360 -64.68 15.39 14.79
C LYS B 360 -65.11 14.37 15.83
N LEU B 361 -64.25 14.06 16.81
CA LEU B 361 -64.57 13.04 17.80
C LEU B 361 -65.61 13.54 18.79
N ARG B 362 -66.44 12.61 19.26
CA ARG B 362 -67.50 12.89 20.22
C ARG B 362 -67.53 11.75 21.23
N PRO B 363 -68.01 12.00 22.46
CA PRO B 363 -68.05 10.93 23.45
C PRO B 363 -69.06 9.84 23.12
N GLU B 364 -70.12 10.17 22.38
CA GLU B 364 -71.09 9.15 22.00
C GLU B 364 -70.54 8.20 20.93
N THR B 365 -69.70 8.71 20.04
CA THR B 365 -69.17 7.91 18.94
C THR B 365 -67.91 7.15 19.35
N ASN B 366 -66.89 7.87 19.80
CA ASN B 366 -65.64 7.25 20.19
C ASN B 366 -65.82 6.39 21.43
N HIS B 367 -65.55 5.09 21.33
CA HIS B 367 -65.56 4.21 22.48
C HIS B 367 -64.31 3.33 22.62
N ARG B 368 -63.37 3.44 21.69
CA ARG B 368 -62.13 2.68 21.75
C ARG B 368 -61.20 3.30 22.79
N ASN B 369 -61.35 4.61 23.00
CA ASN B 369 -60.56 5.34 23.98
C ASN B 369 -61.33 5.41 25.28
N PRO B 370 -60.93 4.65 26.32
CA PRO B 370 -61.74 4.65 27.55
C PRO B 370 -61.66 5.96 28.31
N TRP B 371 -60.54 6.67 28.24
CA TRP B 371 -60.37 7.90 28.99
C TRP B 371 -61.07 9.10 28.34
N PHE B 372 -61.72 8.88 27.20
CA PHE B 372 -62.33 9.99 26.47
C PHE B 372 -63.58 10.50 27.18
N GLN B 373 -64.31 9.62 27.86
CA GLN B 373 -65.41 10.04 28.72
C GLN B 373 -64.92 11.00 29.79
N GLU B 374 -63.96 10.54 30.59
CA GLU B 374 -63.32 11.36 31.61
C GLU B 374 -62.81 12.66 31.03
N PHE B 375 -62.12 12.59 29.89
CA PHE B 375 -61.49 13.79 29.33
C PHE B 375 -62.53 14.79 28.85
N TRP B 376 -63.64 14.30 28.28
CA TRP B 376 -64.70 15.22 27.88
C TRP B 376 -65.31 15.90 29.09
N GLN B 377 -65.70 15.10 30.10
CA GLN B 377 -66.27 15.66 31.32
C GLN B 377 -65.29 16.55 32.08
N HIS B 378 -64.00 16.47 31.78
CA HIS B 378 -63.01 17.33 32.42
C HIS B 378 -62.74 18.61 31.63
N ARG B 379 -62.58 18.51 30.31
CA ARG B 379 -62.30 19.68 29.49
C ARG B 379 -63.51 20.60 29.41
N PHE B 380 -64.72 20.03 29.44
CA PHE B 380 -65.91 20.87 29.48
C PHE B 380 -66.43 21.12 30.90
N GLN B 381 -65.92 20.38 31.89
CA GLN B 381 -66.36 20.52 33.28
C GLN B 381 -67.89 20.34 33.38
N CYS B 382 -68.39 19.26 32.79
CA CYS B 382 -69.81 19.00 32.75
C CYS B 382 -70.03 17.50 32.97
N ARG B 383 -71.31 17.10 32.93
CA ARG B 383 -71.70 15.72 33.14
C ARG B 383 -72.32 15.15 31.87
N LEU B 384 -71.92 13.94 31.50
CA LEU B 384 -72.46 13.24 30.35
C LEU B 384 -73.48 12.21 30.82
N GLU B 385 -74.62 12.14 30.15
CA GLU B 385 -75.65 11.17 30.49
C GLU B 385 -75.37 9.83 29.84
N GLY B 386 -74.17 9.30 30.05
CA GLY B 386 -73.79 8.02 29.46
C GLY B 386 -72.31 7.72 29.62
N ASN B 395 -71.30 23.37 39.30
CA ASN B 395 -71.53 22.16 38.55
C ASN B 395 -72.79 22.29 37.69
N LYS B 396 -72.66 21.96 36.41
CA LYS B 396 -73.77 22.06 35.47
C LYS B 396 -73.53 21.10 34.31
N THR B 397 -74.60 20.40 33.92
CA THR B 397 -74.53 19.49 32.78
C THR B 397 -74.43 20.27 31.48
N CYS B 398 -73.84 19.64 30.47
CA CYS B 398 -73.55 20.31 29.21
C CYS B 398 -74.42 19.77 28.09
N ASN B 399 -74.81 20.67 27.18
CA ASN B 399 -75.59 20.32 26.02
C ASN B 399 -74.68 19.82 24.89
N SER B 400 -75.31 19.31 23.84
CA SER B 400 -74.59 18.69 22.74
C SER B 400 -73.98 19.69 21.77
N SER B 401 -74.04 20.99 22.07
CA SER B 401 -73.54 21.99 21.13
C SER B 401 -72.05 22.25 21.25
N LEU B 402 -71.44 21.92 22.39
CA LEU B 402 -70.03 22.20 22.59
C LEU B 402 -69.16 21.15 21.93
N THR B 403 -68.02 21.60 21.40
CA THR B 403 -67.14 20.76 20.60
C THR B 403 -65.69 21.09 20.90
N LEU B 404 -64.81 20.20 20.45
CA LEU B 404 -63.37 20.36 20.70
C LEU B 404 -62.76 21.52 19.93
N LYS B 405 -63.38 21.95 18.81
CA LYS B 405 -62.84 23.06 18.04
C LYS B 405 -62.77 24.35 18.83
N THR B 406 -63.57 24.48 19.89
CA THR B 406 -63.52 25.66 20.74
C THR B 406 -62.26 25.62 21.60
N HIS B 407 -61.38 26.59 21.42
CA HIS B 407 -60.13 26.71 22.18
C HIS B 407 -59.21 25.52 21.94
N HIS B 408 -59.13 25.06 20.69
CA HIS B 408 -58.32 23.90 20.37
C HIS B 408 -56.84 24.27 20.31
N VAL B 409 -56.01 23.51 21.01
CA VAL B 409 -54.56 23.68 21.00
C VAL B 409 -53.94 22.33 20.67
N GLN B 410 -53.34 22.24 19.49
CA GLN B 410 -52.75 20.98 19.05
C GLN B 410 -51.42 20.73 19.76
N ASP B 411 -51.12 19.46 19.98
CA ASP B 411 -49.88 19.10 20.66
C ASP B 411 -48.68 19.53 19.83
N SER B 412 -47.68 20.10 20.51
CA SER B 412 -46.49 20.61 19.81
C SER B 412 -45.67 19.47 19.23
N LYS B 413 -45.57 18.35 19.94
CA LYS B 413 -44.76 17.21 19.53
C LYS B 413 -45.59 16.13 18.84
N MET B 414 -46.75 16.49 18.28
CA MET B 414 -47.61 15.51 17.64
C MET B 414 -46.95 14.91 16.40
N GLY B 415 -46.25 15.74 15.64
CA GLY B 415 -45.53 15.24 14.48
C GLY B 415 -44.56 14.14 14.84
N PHE B 416 -43.86 14.28 15.98
CA PHE B 416 -42.93 13.23 16.40
C PHE B 416 -43.66 11.96 16.79
N VAL B 417 -44.82 12.09 17.44
CA VAL B 417 -45.62 10.91 17.79
C VAL B 417 -45.96 10.12 16.53
N ILE B 418 -46.53 10.81 15.55
CA ILE B 418 -46.96 10.12 14.34
C ILE B 418 -45.75 9.59 13.56
N ASN B 419 -44.65 10.34 13.56
CA ASN B 419 -43.45 9.87 12.87
C ASN B 419 -42.85 8.65 13.55
N ALA B 420 -42.98 8.53 14.88
CA ALA B 420 -42.47 7.33 15.55
C ALA B 420 -43.34 6.12 15.21
N ILE B 421 -44.65 6.31 15.19
CA ILE B 421 -45.53 5.22 14.74
C ILE B 421 -45.14 4.78 13.33
N TYR B 422 -44.94 5.74 12.43
CA TYR B 422 -44.52 5.42 11.07
C TYR B 422 -43.13 4.79 11.04
N SER B 423 -42.25 5.15 11.96
CA SER B 423 -40.94 4.52 12.03
C SER B 423 -41.07 3.03 12.31
N MET B 424 -41.86 2.69 13.32
CA MET B 424 -42.13 1.27 13.60
C MET B 424 -42.73 0.58 12.39
N ALA B 425 -43.70 1.23 11.74
CA ALA B 425 -44.38 0.62 10.60
C ALA B 425 -43.41 0.33 9.45
N TYR B 426 -42.61 1.34 9.06
CA TYR B 426 -41.70 1.16 7.94
C TYR B 426 -40.58 0.19 8.27
N GLY B 427 -40.15 0.12 9.53
CA GLY B 427 -39.20 -0.92 9.91
C GLY B 427 -39.78 -2.30 9.72
N LEU B 428 -41.01 -2.52 10.21
CA LEU B 428 -41.68 -3.80 9.98
C LEU B 428 -41.79 -4.09 8.49
N HIS B 429 -42.04 -3.07 7.67
CA HIS B 429 -42.23 -3.30 6.24
C HIS B 429 -40.93 -3.68 5.55
N ASN B 430 -39.83 -3.00 5.90
CA ASN B 430 -38.53 -3.38 5.37
C ASN B 430 -38.18 -4.80 5.77
N MET B 431 -38.44 -5.17 7.03
CA MET B 431 -38.21 -6.54 7.46
C MET B 431 -39.07 -7.52 6.66
N GLN B 432 -40.33 -7.17 6.42
CA GLN B 432 -41.22 -8.03 5.66
C GLN B 432 -40.70 -8.26 4.24
N MET B 433 -40.19 -7.21 3.59
CA MET B 433 -39.66 -7.39 2.24
C MET B 433 -38.35 -8.15 2.24
N SER B 434 -37.55 -8.02 3.30
CA SER B 434 -36.29 -8.76 3.36
C SER B 434 -36.44 -10.18 3.89
N LEU B 435 -37.63 -10.58 4.32
CA LEU B 435 -37.86 -11.97 4.74
C LEU B 435 -38.87 -12.70 3.88
N CYS B 436 -40.03 -12.10 3.61
CA CYS B 436 -41.08 -12.73 2.80
C CYS B 436 -41.24 -11.90 1.53
N PRO B 437 -40.34 -12.05 0.54
CA PRO B 437 -40.35 -11.13 -0.61
C PRO B 437 -41.61 -11.24 -1.46
N GLY B 438 -41.89 -12.45 -1.97
CA GLY B 438 -43.10 -12.65 -2.76
C GLY B 438 -44.35 -12.85 -1.94
N TYR B 439 -44.20 -13.29 -0.70
CA TYR B 439 -45.35 -13.53 0.18
C TYR B 439 -45.88 -12.19 0.68
N ALA B 440 -47.13 -11.88 0.34
CA ALA B 440 -47.78 -10.66 0.81
C ALA B 440 -48.48 -10.97 2.13
N GLY B 441 -47.92 -10.45 3.22
CA GLY B 441 -48.45 -10.73 4.54
C GLY B 441 -47.40 -11.14 5.53
N LEU B 442 -47.61 -12.27 6.20
CA LEU B 442 -46.73 -12.76 7.25
C LEU B 442 -46.45 -14.24 7.00
N CYS B 443 -45.22 -14.57 6.61
CA CYS B 443 -44.85 -15.94 6.29
C CYS B 443 -44.32 -16.63 7.55
N ASP B 444 -43.81 -17.86 7.40
CA ASP B 444 -43.30 -18.56 8.57
C ASP B 444 -41.95 -18.01 9.03
N ALA B 445 -41.25 -17.26 8.19
CA ALA B 445 -40.00 -16.65 8.61
C ALA B 445 -40.24 -15.61 9.69
N MET B 446 -41.32 -14.83 9.57
CA MET B 446 -41.72 -13.88 10.60
C MET B 446 -42.81 -14.45 11.52
N LYS B 447 -42.84 -15.78 11.66
CA LYS B 447 -43.70 -16.46 12.62
C LYS B 447 -42.79 -17.31 13.51
N PRO B 448 -42.32 -16.76 14.66
CA PRO B 448 -42.64 -15.42 15.16
C PRO B 448 -41.72 -14.32 14.64
N ILE B 449 -42.07 -13.07 14.93
CA ILE B 449 -41.25 -11.92 14.57
C ILE B 449 -40.08 -11.84 15.54
N ASP B 450 -38.85 -11.84 15.00
CA ASP B 450 -37.66 -11.74 15.82
C ASP B 450 -37.36 -10.28 16.15
N GLY B 451 -37.18 -10.00 17.44
CA GLY B 451 -36.93 -8.63 17.86
C GLY B 451 -35.57 -8.11 17.41
N ARG B 452 -34.56 -9.00 17.38
CA ARG B 452 -33.24 -8.57 16.94
C ARG B 452 -33.24 -8.19 15.47
N LYS B 453 -33.87 -9.00 14.62
CA LYS B 453 -33.99 -8.64 13.21
C LYS B 453 -34.79 -7.36 13.05
N LEU B 454 -35.82 -7.18 13.87
CA LEU B 454 -36.61 -5.95 13.79
C LEU B 454 -35.75 -4.74 14.14
N LEU B 455 -34.88 -4.86 15.15
CA LEU B 455 -34.00 -3.76 15.50
C LEU B 455 -33.00 -3.48 14.38
N GLU B 456 -32.40 -4.53 13.83
CA GLU B 456 -31.47 -4.36 12.71
C GLU B 456 -32.14 -3.71 11.51
N SER B 457 -33.44 -3.98 11.31
CA SER B 457 -34.13 -3.37 10.17
C SER B 457 -34.62 -1.96 10.50
N LEU B 458 -34.86 -1.66 11.77
CA LEU B 458 -35.32 -0.34 12.15
C LEU B 458 -34.18 0.68 12.17
N MET B 459 -32.98 0.25 12.56
CA MET B 459 -31.83 1.16 12.48
C MET B 459 -31.53 1.56 11.05
N LYS B 460 -31.86 0.71 10.08
CA LYS B 460 -31.60 0.97 8.67
C LYS B 460 -32.83 1.44 7.91
N THR B 461 -33.68 2.23 8.58
CA THR B 461 -34.93 2.71 7.98
C THR B 461 -34.71 4.08 7.35
N ASN B 462 -35.21 4.24 6.13
CA ASN B 462 -34.97 5.43 5.30
C ASN B 462 -36.31 5.81 4.68
N PHE B 463 -37.08 6.66 5.36
CA PHE B 463 -38.43 6.89 4.85
C PHE B 463 -38.76 8.37 4.93
N THR B 464 -39.83 8.77 4.23
CA THR B 464 -40.26 10.16 4.22
C THR B 464 -41.36 10.36 5.25
N GLY B 465 -41.16 11.34 6.13
CA GLY B 465 -42.01 11.51 7.29
C GLY B 465 -43.33 12.20 7.01
N VAL B 466 -44.13 12.33 8.07
CA VAL B 466 -45.45 12.92 7.95
C VAL B 466 -45.36 14.42 7.72
N SER B 467 -44.29 15.06 8.19
CA SER B 467 -44.06 16.48 7.93
C SER B 467 -43.40 16.74 6.58
N GLY B 468 -43.45 15.77 5.67
CA GLY B 468 -42.84 15.94 4.37
C GLY B 468 -41.34 15.97 4.36
N ASP B 469 -40.70 15.41 5.39
CA ASP B 469 -39.26 15.44 5.52
C ASP B 469 -38.75 14.02 5.77
N THR B 470 -37.62 13.69 5.13
CA THR B 470 -37.09 12.34 5.21
C THR B 470 -36.53 12.06 6.59
N ILE B 471 -37.15 11.11 7.29
CA ILE B 471 -36.69 10.61 8.58
C ILE B 471 -35.71 9.46 8.33
N LEU B 472 -34.63 9.48 9.11
CA LEU B 472 -33.53 8.54 9.04
C LEU B 472 -32.86 8.50 10.41
N PHE B 473 -32.20 7.37 10.69
CA PHE B 473 -31.62 7.12 12.00
C PHE B 473 -30.12 6.88 11.89
N ASP B 474 -29.37 7.40 12.86
CA ASP B 474 -27.92 7.34 12.84
C ASP B 474 -27.41 6.17 13.67
N GLU B 475 -26.08 6.06 13.77
CA GLU B 475 -25.46 4.92 14.45
C GLU B 475 -25.87 4.82 15.91
N ASN B 476 -26.21 5.94 16.54
CA ASN B 476 -26.66 5.96 17.92
C ASN B 476 -28.18 5.90 18.06
N GLY B 477 -28.87 5.51 17.00
CA GLY B 477 -30.32 5.45 17.04
C GLY B 477 -31.00 6.78 17.24
N ASP B 478 -30.40 7.85 16.73
CA ASP B 478 -30.93 9.20 16.87
C ASP B 478 -31.39 9.72 15.51
N SER B 479 -32.33 10.66 15.55
CA SER B 479 -32.82 11.33 14.35
C SER B 479 -32.37 12.78 14.34
N PRO B 480 -32.15 13.36 13.16
CA PRO B 480 -31.76 14.77 13.09
C PRO B 480 -32.91 15.68 13.46
N GLY B 481 -32.57 16.91 13.84
CA GLY B 481 -33.59 17.85 14.27
C GLY B 481 -33.11 19.28 14.25
N ARG B 482 -34.07 20.20 14.23
CA ARG B 482 -33.82 21.62 14.32
C ARG B 482 -34.69 22.20 15.43
N TYR B 483 -34.34 23.38 15.91
CA TYR B 483 -35.10 24.04 16.96
C TYR B 483 -35.56 25.43 16.57
N GLU B 484 -36.72 25.82 17.08
CA GLU B 484 -37.27 27.16 16.98
C GLU B 484 -37.15 27.82 18.34
N ILE B 485 -36.72 29.08 18.37
CA ILE B 485 -36.56 29.84 19.60
C ILE B 485 -37.75 30.77 19.76
N MET B 486 -38.45 30.64 20.90
CA MET B 486 -39.71 31.29 21.19
C MET B 486 -39.55 32.34 22.29
N ASN B 487 -40.49 33.29 22.27
CA ASN B 487 -40.57 34.38 23.23
C ASN B 487 -42.01 34.52 23.69
N PHE B 488 -42.23 34.56 25.00
CA PHE B 488 -43.56 34.79 25.56
C PHE B 488 -43.67 36.25 25.97
N LYS B 489 -43.91 37.10 24.98
CA LYS B 489 -44.05 38.54 25.19
C LYS B 489 -45.53 38.93 25.14
N GLU B 490 -45.79 40.21 25.38
CA GLU B 490 -47.14 40.74 25.34
C GLU B 490 -47.46 41.23 23.93
N MET B 491 -48.54 40.74 23.35
CA MET B 491 -49.01 41.19 22.06
C MET B 491 -50.00 42.34 22.17
N GLY B 492 -50.10 42.95 23.33
CA GLY B 492 -51.10 43.97 23.61
C GLY B 492 -51.45 43.96 25.09
N LYS B 493 -52.10 45.03 25.52
CA LYS B 493 -52.45 45.19 26.93
C LYS B 493 -53.27 44.01 27.44
N ASP B 494 -52.71 43.28 28.41
CA ASP B 494 -53.29 42.14 29.10
C ASP B 494 -53.31 40.86 28.26
N TYR B 495 -52.86 40.90 27.02
CA TYR B 495 -52.82 39.72 26.15
C TYR B 495 -51.38 39.29 25.94
N PHE B 496 -51.13 37.99 26.07
CA PHE B 496 -49.78 37.44 26.03
C PHE B 496 -49.80 36.17 25.18
N ASP B 497 -48.72 35.94 24.43
CA ASP B 497 -48.68 34.78 23.55
C ASP B 497 -47.25 34.55 23.08
N TYR B 498 -47.00 33.32 22.62
CA TYR B 498 -45.67 32.92 22.14
C TYR B 498 -45.44 33.44 20.74
N ILE B 499 -44.18 33.74 20.42
CA ILE B 499 -43.80 34.21 19.09
C ILE B 499 -42.45 33.62 18.73
N ASN B 500 -42.33 33.12 17.50
CA ASN B 500 -41.04 32.69 16.98
C ASN B 500 -40.07 33.86 16.91
N VAL B 501 -38.94 33.74 17.61
CA VAL B 501 -37.91 34.78 17.57
C VAL B 501 -36.61 34.29 16.98
N GLY B 502 -36.41 32.98 16.84
CA GLY B 502 -35.16 32.53 16.26
C GLY B 502 -35.20 31.08 15.85
N SER B 503 -34.04 30.57 15.46
CA SER B 503 -33.88 29.21 14.98
C SER B 503 -32.47 28.74 15.29
N TRP B 504 -32.31 27.44 15.48
CA TRP B 504 -31.01 26.82 15.70
C TRP B 504 -30.97 25.52 14.92
N ASP B 505 -29.95 25.37 14.08
CA ASP B 505 -29.80 24.15 13.29
C ASP B 505 -28.33 23.91 12.97
N ASN B 506 -27.85 22.72 13.33
CA ASN B 506 -26.50 22.24 13.01
C ASN B 506 -25.46 23.33 13.30
N GLY B 507 -25.55 23.89 14.50
CA GLY B 507 -24.64 24.92 14.97
C GLY B 507 -25.08 26.35 14.72
N GLU B 508 -25.71 26.61 13.58
CA GLU B 508 -26.08 27.97 13.21
C GLU B 508 -27.28 28.44 14.02
N LEU B 509 -27.12 29.58 14.68
CA LEU B 509 -28.17 30.22 15.45
C LEU B 509 -28.55 31.54 14.79
N LYS B 510 -29.79 31.63 14.33
CA LYS B 510 -30.33 32.86 13.75
C LYS B 510 -31.36 33.46 14.71
N MET B 511 -31.32 34.78 14.85
CA MET B 511 -32.20 35.47 15.79
C MET B 511 -32.66 36.78 15.17
N ASP B 512 -33.85 37.22 15.60
CA ASP B 512 -34.45 38.49 15.15
C ASP B 512 -34.58 39.38 16.39
N ASP B 513 -33.54 40.17 16.65
CA ASP B 513 -33.54 41.06 17.81
C ASP B 513 -34.21 42.39 17.47
N ARG C 42 24.05 -33.02 -13.26
CA ARG C 42 23.83 -32.21 -12.07
C ARG C 42 25.10 -32.11 -11.22
N ARG C 43 25.06 -31.27 -10.20
CA ARG C 43 26.17 -31.10 -9.28
C ARG C 43 26.03 -32.02 -8.08
N VAL C 44 27.17 -32.56 -7.63
CA VAL C 44 27.20 -33.37 -6.43
C VAL C 44 27.05 -32.48 -5.20
N VAL C 45 26.41 -33.02 -4.17
CA VAL C 45 26.13 -32.27 -2.95
C VAL C 45 26.77 -32.98 -1.76
N ALA C 46 26.99 -32.20 -0.70
CA ALA C 46 27.47 -32.73 0.57
C ALA C 46 26.26 -33.04 1.45
N HIS C 47 26.01 -34.33 1.66
CA HIS C 47 24.84 -34.82 2.39
C HIS C 47 25.13 -35.04 3.86
N MET C 48 24.12 -34.76 4.69
CA MET C 48 24.15 -35.14 6.09
C MET C 48 22.69 -35.34 6.49
N PRO C 49 22.33 -36.48 7.07
CA PRO C 49 20.93 -36.71 7.46
C PRO C 49 20.62 -36.14 8.83
N GLY C 50 19.33 -35.95 9.07
CA GLY C 50 18.89 -35.43 10.36
C GLY C 50 17.38 -35.19 10.35
N ASP C 51 16.88 -34.83 11.54
CA ASP C 51 15.46 -34.54 11.71
C ASP C 51 15.08 -33.19 11.12
N ILE C 52 16.05 -32.31 10.92
CA ILE C 52 15.83 -30.99 10.32
C ILE C 52 17.00 -30.71 9.37
N ILE C 53 16.69 -30.52 8.10
CA ILE C 53 17.71 -30.29 7.08
C ILE C 53 17.92 -28.80 6.88
N ILE C 54 19.17 -28.37 6.95
CA ILE C 54 19.55 -26.97 6.79
C ILE C 54 20.38 -26.83 5.52
N GLY C 55 20.01 -25.89 4.67
CA GLY C 55 20.73 -25.67 3.43
C GLY C 55 22.00 -24.87 3.64
N ALA C 56 22.97 -25.07 2.74
CA ALA C 56 24.21 -24.31 2.80
C ALA C 56 24.72 -24.11 1.39
N LEU C 57 25.23 -22.91 1.09
CA LEU C 57 25.79 -22.58 -0.22
C LEU C 57 27.22 -22.06 -0.03
N PHE C 58 28.21 -22.88 -0.35
CA PHE C 58 29.60 -22.45 -0.25
C PHE C 58 30.28 -22.49 -1.61
N SER C 59 31.16 -21.51 -1.85
CA SER C 59 31.89 -21.39 -3.10
C SER C 59 33.02 -22.43 -3.11
N VAL C 60 32.63 -23.67 -3.37
CA VAL C 60 33.62 -24.75 -3.43
C VAL C 60 34.58 -24.52 -4.59
N HIS C 61 34.07 -24.09 -5.73
CA HIS C 61 34.85 -23.81 -6.93
C HIS C 61 34.85 -22.31 -7.20
N HIS C 62 35.71 -21.89 -8.13
CA HIS C 62 35.75 -20.50 -8.55
C HIS C 62 34.64 -20.20 -9.57
N GLN C 63 34.45 -18.91 -9.80
CA GLN C 63 33.50 -18.45 -10.80
C GLN C 63 33.84 -19.04 -12.17
N PRO C 64 32.86 -19.50 -12.94
CA PRO C 64 33.15 -20.10 -14.24
C PRO C 64 33.87 -19.12 -15.16
N THR C 65 34.72 -19.68 -16.03
CA THR C 65 35.47 -18.87 -16.98
C THR C 65 34.53 -18.19 -17.96
N VAL C 66 34.86 -16.95 -18.32
CA VAL C 66 34.09 -16.14 -19.27
C VAL C 66 33.83 -16.91 -20.56
N ASP C 67 34.68 -17.90 -20.86
CA ASP C 67 34.43 -18.76 -22.01
C ASP C 67 33.22 -19.65 -21.77
N LYS C 68 33.26 -20.43 -20.70
CA LYS C 68 32.17 -21.37 -20.37
C LYS C 68 31.25 -20.82 -19.27
N VAL C 69 30.73 -19.60 -19.45
CA VAL C 69 29.80 -19.06 -18.46
C VAL C 69 28.40 -19.65 -18.66
N HIS C 70 27.92 -19.63 -19.91
CA HIS C 70 26.61 -20.21 -20.21
C HIS C 70 26.57 -21.68 -19.83
N GLU C 71 27.68 -22.38 -20.06
CA GLU C 71 27.80 -23.79 -19.71
C GLU C 71 27.73 -24.01 -18.20
N ARG C 72 28.08 -22.99 -17.40
CA ARG C 72 28.08 -23.08 -15.94
C ARG C 72 29.09 -24.13 -15.45
N LYS C 73 30.22 -24.22 -16.13
CA LYS C 73 31.32 -25.10 -15.76
C LYS C 73 32.27 -24.34 -14.85
N CYS C 74 32.15 -24.57 -13.55
CA CYS C 74 32.92 -23.82 -12.56
C CYS C 74 34.41 -24.14 -12.64
N GLY C 75 35.23 -23.18 -12.20
CA GLY C 75 36.67 -23.28 -12.25
C GLY C 75 37.32 -24.09 -11.15
N ALA C 76 38.56 -23.74 -10.83
CA ALA C 76 39.38 -24.46 -9.87
C ALA C 76 38.73 -24.50 -8.48
N VAL C 77 39.07 -25.56 -7.73
CA VAL C 77 38.55 -25.76 -6.38
C VAL C 77 39.17 -24.75 -5.41
N ARG C 78 38.42 -24.41 -4.37
CA ARG C 78 38.83 -23.48 -3.32
C ARG C 78 38.92 -24.16 -1.97
N GLU C 79 39.95 -23.83 -1.20
CA GLU C 79 40.10 -24.37 0.16
C GLU C 79 39.40 -23.54 1.22
N GLN C 80 39.87 -22.31 1.43
CA GLN C 80 39.36 -21.49 2.53
C GLN C 80 37.89 -21.12 2.35
N TYR C 81 37.53 -20.59 1.18
CA TYR C 81 36.13 -20.25 0.94
C TYR C 81 35.28 -21.44 0.56
N GLY C 82 35.90 -22.59 0.30
CA GLY C 82 35.16 -23.77 -0.09
C GLY C 82 35.23 -24.89 0.93
N ILE C 83 36.11 -25.86 0.68
CA ILE C 83 36.28 -27.07 1.47
C ILE C 83 36.28 -26.80 2.97
N GLN C 84 37.05 -25.80 3.41
CA GLN C 84 37.14 -25.50 4.83
C GLN C 84 35.77 -25.13 5.40
N ARG C 85 35.05 -24.24 4.71
CA ARG C 85 33.72 -23.86 5.16
C ARG C 85 32.76 -25.04 5.17
N VAL C 86 32.89 -25.93 4.18
CA VAL C 86 32.03 -27.12 4.11
C VAL C 86 32.26 -28.02 5.32
N GLU C 87 33.53 -28.34 5.60
CA GLU C 87 33.84 -29.17 6.75
C GLU C 87 33.43 -28.51 8.05
N ALA C 88 33.55 -27.18 8.13
CA ALA C 88 33.09 -26.45 9.31
C ALA C 88 31.59 -26.62 9.50
N MET C 89 30.82 -26.45 8.42
CA MET C 89 29.39 -26.73 8.43
C MET C 89 29.11 -28.10 9.03
N LEU C 90 29.73 -29.13 8.46
CA LEU C 90 29.51 -30.51 8.89
C LEU C 90 29.81 -30.67 10.38
N HIS C 91 31.00 -30.25 10.81
CA HIS C 91 31.42 -30.45 12.19
C HIS C 91 30.56 -29.64 13.17
N THR C 92 30.21 -28.41 12.79
CA THR C 92 29.37 -27.59 13.66
C THR C 92 28.01 -28.24 13.86
N LEU C 93 27.45 -28.84 12.82
CA LEU C 93 26.19 -29.55 13.01
C LEU C 93 26.38 -30.77 13.89
N GLU C 94 27.51 -31.47 13.74
CA GLU C 94 27.82 -32.58 14.64
C GLU C 94 27.84 -32.11 16.10
N ARG C 95 28.45 -30.95 16.35
CA ARG C 95 28.52 -30.40 17.70
C ARG C 95 27.15 -30.00 18.21
N ILE C 96 26.33 -29.38 17.36
CA ILE C 96 24.99 -28.97 17.77
C ILE C 96 24.16 -30.19 18.16
N ASN C 97 24.34 -31.30 17.45
CA ASN C 97 23.71 -32.55 17.87
C ASN C 97 24.26 -33.01 19.22
N SER C 98 25.59 -33.03 19.36
CA SER C 98 26.20 -33.47 20.61
C SER C 98 25.76 -32.62 21.79
N ASP C 99 25.62 -31.31 21.59
CA ASP C 99 25.25 -30.42 22.68
C ASP C 99 23.85 -30.72 23.19
N PRO C 100 23.69 -31.14 24.45
CA PRO C 100 22.33 -31.44 24.95
C PRO C 100 21.52 -30.22 25.31
N THR C 101 22.16 -29.06 25.49
CA THR C 101 21.42 -27.84 25.78
C THR C 101 20.78 -27.27 24.52
N LEU C 102 21.51 -27.27 23.41
CA LEU C 102 21.02 -26.72 22.15
C LEU C 102 20.30 -27.81 21.37
N LEU C 103 19.01 -27.60 21.10
CA LEU C 103 18.15 -28.51 20.36
C LEU C 103 18.25 -29.95 20.87
N PRO C 104 17.68 -30.23 22.04
CA PRO C 104 17.72 -31.60 22.58
C PRO C 104 16.74 -32.51 21.87
N ASN C 105 17.17 -33.76 21.66
CA ASN C 105 16.37 -34.80 21.01
C ASN C 105 16.06 -34.46 19.55
N ILE C 106 16.78 -33.49 18.99
CA ILE C 106 16.59 -33.03 17.62
C ILE C 106 17.90 -33.20 16.87
N THR C 107 17.84 -33.89 15.73
CA THR C 107 19.01 -34.11 14.89
C THR C 107 19.00 -33.12 13.73
N LEU C 108 20.15 -32.51 13.46
CA LEU C 108 20.30 -31.53 12.39
C LEU C 108 21.08 -32.15 11.23
N GLY C 109 20.41 -32.29 10.09
CA GLY C 109 21.06 -32.68 8.86
C GLY C 109 21.27 -31.46 7.97
N CYS C 110 22.01 -31.66 6.88
CA CYS C 110 22.29 -30.54 5.99
C CYS C 110 22.48 -30.99 4.56
N GLU C 111 22.31 -30.03 3.65
CA GLU C 111 22.48 -30.19 2.22
C GLU C 111 23.38 -29.05 1.77
N ILE C 112 24.66 -29.36 1.55
CA ILE C 112 25.69 -28.37 1.23
C ILE C 112 25.90 -28.35 -0.28
N ARG C 113 25.67 -27.20 -0.90
CA ARG C 113 25.72 -27.05 -2.35
C ARG C 113 26.79 -26.04 -2.79
N ASP C 114 27.26 -26.26 -4.02
CA ASP C 114 28.29 -25.45 -4.64
C ASP C 114 27.75 -24.07 -4.98
N SER C 115 28.38 -23.02 -4.43
CA SER C 115 28.00 -21.66 -4.80
C SER C 115 28.69 -21.20 -6.07
N CYS C 116 30.00 -21.46 -6.18
CA CYS C 116 30.86 -21.03 -7.28
C CYS C 116 31.01 -19.52 -7.35
N TRP C 117 30.58 -18.79 -6.32
CA TRP C 117 30.64 -17.33 -6.29
C TRP C 117 29.97 -16.73 -7.53
N HIS C 118 28.91 -17.37 -8.00
CA HIS C 118 28.24 -16.99 -9.24
C HIS C 118 26.74 -16.97 -9.00
N SER C 119 26.08 -15.90 -9.48
CA SER C 119 24.64 -15.76 -9.30
C SER C 119 23.87 -16.92 -9.90
N ALA C 120 24.13 -17.24 -11.17
CA ALA C 120 23.35 -18.27 -11.86
C ALA C 120 23.52 -19.63 -11.22
N VAL C 121 24.74 -19.98 -10.82
CA VAL C 121 25.00 -21.32 -10.28
C VAL C 121 24.34 -21.47 -8.91
N ALA C 122 24.52 -20.47 -8.05
CA ALA C 122 23.88 -20.51 -6.74
C ALA C 122 22.37 -20.46 -6.87
N LEU C 123 21.85 -19.80 -7.92
CA LEU C 123 20.40 -19.78 -8.11
C LEU C 123 19.86 -21.14 -8.55
N GLU C 124 20.57 -21.82 -9.46
CA GLU C 124 20.15 -23.19 -9.81
C GLU C 124 20.18 -24.10 -8.60
N GLN C 125 21.20 -23.96 -7.76
CA GLN C 125 21.27 -24.84 -6.59
C GLN C 125 20.22 -24.47 -5.55
N SER C 126 19.84 -23.19 -5.47
CA SER C 126 18.74 -22.81 -4.60
C SER C 126 17.41 -23.35 -5.12
N ILE C 127 17.26 -23.40 -6.45
CA ILE C 127 16.11 -24.06 -7.02
C ILE C 127 16.10 -25.52 -6.63
N GLU C 128 17.27 -26.16 -6.66
CA GLU C 128 17.38 -27.54 -6.19
C GLU C 128 17.08 -27.66 -4.70
N PHE C 129 17.27 -26.59 -3.92
CA PHE C 129 16.80 -26.62 -2.53
C PHE C 129 15.28 -26.59 -2.46
N ILE C 130 14.65 -25.66 -3.17
CA ILE C 130 13.20 -25.52 -3.06
C ILE C 130 12.46 -26.66 -3.73
N ARG C 131 13.12 -27.42 -4.61
CA ARG C 131 12.54 -28.54 -5.35
C ARG C 131 11.60 -29.38 -4.48
N ASP C 132 12.00 -29.66 -3.24
CA ASP C 132 11.17 -30.44 -2.33
C ASP C 132 9.83 -29.74 -2.07
N SER C 133 9.88 -28.50 -1.59
CA SER C 133 8.67 -27.79 -1.21
C SER C 133 7.83 -27.38 -2.41
N LEU C 134 8.43 -27.37 -3.61
CA LEU C 134 7.66 -27.13 -4.82
C LEU C 134 6.93 -28.39 -5.26
N ILE C 135 7.63 -29.52 -5.30
CA ILE C 135 7.02 -30.77 -5.75
C ILE C 135 5.94 -31.22 -4.77
N SER C 136 6.17 -31.01 -3.47
CA SER C 136 5.17 -31.40 -2.48
C SER C 136 3.90 -30.57 -2.65
N SER C 137 4.03 -29.25 -2.75
CA SER C 137 2.88 -28.37 -2.89
C SER C 137 2.44 -28.24 -4.34
N SER C 156 9.01 -36.82 -0.96
CA SER C 156 10.22 -37.56 -1.26
C SER C 156 11.28 -37.35 -0.19
N LYS C 157 11.76 -36.12 -0.06
CA LYS C 157 12.80 -35.77 0.89
C LYS C 157 12.37 -34.57 1.73
N LYS C 158 12.77 -34.57 3.00
CA LYS C 158 12.40 -33.53 3.93
C LYS C 158 12.83 -32.16 3.39
N PRO C 159 11.97 -31.14 3.51
CA PRO C 159 12.29 -29.83 2.92
C PRO C 159 13.34 -29.07 3.73
N ILE C 160 13.91 -28.06 3.08
CA ILE C 160 14.96 -27.21 3.65
C ILE C 160 14.34 -26.18 4.58
N VAL C 161 14.76 -26.19 5.84
CA VAL C 161 14.23 -25.25 6.82
C VAL C 161 14.87 -23.88 6.66
N GLY C 162 16.20 -23.82 6.58
CA GLY C 162 16.90 -22.57 6.40
C GLY C 162 18.11 -22.74 5.53
N VAL C 163 18.71 -21.60 5.16
CA VAL C 163 19.86 -21.56 4.26
C VAL C 163 20.96 -20.70 4.87
N ILE C 164 22.20 -21.18 4.77
CA ILE C 164 23.38 -20.47 5.25
C ILE C 164 24.19 -20.01 4.05
N GLY C 165 24.55 -18.73 4.03
CA GLY C 165 25.31 -18.15 2.95
C GLY C 165 24.42 -17.44 1.94
N PRO C 166 24.93 -17.21 0.72
CA PRO C 166 26.28 -17.50 0.21
C PRO C 166 27.29 -16.38 0.51
N GLY C 167 28.38 -16.36 -0.24
CA GLY C 167 29.43 -15.39 -0.06
C GLY C 167 29.17 -13.98 -0.57
N SER C 168 29.10 -13.83 -1.89
CA SER C 168 28.94 -12.51 -2.49
C SER C 168 27.55 -11.94 -2.20
N SER C 169 27.51 -10.66 -1.82
CA SER C 169 26.23 -9.98 -1.61
C SER C 169 25.38 -9.99 -2.87
N SER C 170 25.99 -9.76 -4.03
CA SER C 170 25.25 -9.78 -5.29
C SER C 170 24.58 -11.13 -5.50
N VAL C 171 25.28 -12.21 -5.19
CA VAL C 171 24.71 -13.54 -5.33
C VAL C 171 23.69 -13.81 -4.23
N ALA C 172 23.97 -13.30 -3.02
CA ALA C 172 23.05 -13.49 -1.90
C ALA C 172 21.70 -12.86 -2.20
N ILE C 173 21.68 -11.72 -2.89
CA ILE C 173 20.42 -11.10 -3.28
C ILE C 173 19.64 -12.00 -4.23
N GLN C 174 20.32 -12.51 -5.25
CA GLN C 174 19.66 -13.40 -6.21
C GLN C 174 19.08 -14.62 -5.51
N VAL C 175 19.78 -15.13 -4.50
CA VAL C 175 19.27 -16.28 -3.76
C VAL C 175 18.09 -15.90 -2.89
N GLN C 176 18.24 -14.80 -2.13
CA GLN C 176 17.18 -14.32 -1.25
C GLN C 176 15.88 -14.10 -2.02
N ASN C 177 15.96 -13.44 -3.17
CA ASN C 177 14.78 -13.19 -4.00
C ASN C 177 13.98 -14.46 -4.24
N LEU C 178 14.67 -15.59 -4.37
CA LEU C 178 14.00 -16.89 -4.49
C LEU C 178 13.49 -17.35 -3.13
N LEU C 179 14.32 -17.22 -2.09
CA LEU C 179 13.95 -17.73 -0.77
C LEU C 179 12.74 -16.98 -0.18
N GLN C 180 12.63 -15.67 -0.39
CA GLN C 180 11.48 -14.94 0.15
C GLN C 180 10.16 -15.61 -0.23
N LEU C 181 10.09 -16.12 -1.46
CA LEU C 181 8.85 -16.70 -1.95
C LEU C 181 8.47 -17.96 -1.18
N PHE C 182 9.44 -18.68 -0.64
CA PHE C 182 9.18 -19.93 0.08
C PHE C 182 9.37 -19.78 1.58
N ASN C 183 9.47 -18.55 2.08
CA ASN C 183 9.60 -18.26 3.51
C ASN C 183 10.72 -19.06 4.16
N ILE C 184 11.87 -19.06 3.51
CA ILE C 184 13.07 -19.75 4.00
C ILE C 184 14.05 -18.69 4.50
N PRO C 185 14.29 -18.58 5.80
CA PRO C 185 15.24 -17.59 6.30
C PRO C 185 16.67 -17.90 5.86
N GLN C 186 17.37 -16.86 5.42
CA GLN C 186 18.74 -16.93 4.95
C GLN C 186 19.64 -16.18 5.92
N ILE C 187 20.80 -16.76 6.23
CA ILE C 187 21.78 -16.13 7.11
C ILE C 187 23.13 -16.14 6.39
N ALA C 188 23.62 -14.96 6.03
CA ALA C 188 24.86 -14.81 5.28
C ALA C 188 26.04 -14.52 6.22
N TYR C 189 27.16 -15.18 5.95
CA TYR C 189 28.37 -15.00 6.75
C TYR C 189 29.26 -13.87 6.26
N SER C 190 29.30 -13.61 4.95
CA SER C 190 30.20 -12.59 4.42
C SER C 190 29.53 -11.50 3.59
N ALA C 191 28.23 -11.59 3.33
CA ALA C 191 27.51 -10.60 2.53
C ALA C 191 27.29 -9.34 3.39
N THR C 192 27.97 -8.25 3.03
CA THR C 192 27.99 -7.03 3.83
C THR C 192 27.22 -5.86 3.24
N SER C 193 26.80 -5.94 1.97
CA SER C 193 26.20 -4.80 1.27
C SER C 193 25.08 -4.15 2.07
N MET C 194 24.96 -2.82 1.94
CA MET C 194 23.92 -2.09 2.64
C MET C 194 22.54 -2.40 2.09
N ASP C 195 22.44 -2.70 0.79
CA ASP C 195 21.13 -2.96 0.19
C ASP C 195 20.43 -4.13 0.87
N LEU C 196 21.19 -5.08 1.43
CA LEU C 196 20.63 -6.21 2.13
C LEU C 196 20.09 -5.85 3.51
N SER C 197 20.17 -4.58 3.92
CA SER C 197 19.55 -4.12 5.14
C SER C 197 18.10 -3.72 4.94
N ASP C 198 17.62 -3.69 3.70
CA ASP C 198 16.23 -3.41 3.40
C ASP C 198 15.41 -4.66 3.65
N LYS C 199 14.54 -4.63 4.65
CA LYS C 199 13.74 -5.79 5.00
C LYS C 199 12.38 -5.82 4.32
N THR C 200 11.98 -4.75 3.65
CA THR C 200 10.80 -4.83 2.79
C THR C 200 11.11 -5.59 1.51
N LEU C 201 12.32 -5.41 0.98
CA LEU C 201 12.76 -6.17 -0.18
C LEU C 201 13.32 -7.55 0.20
N PHE C 202 13.91 -7.68 1.39
CA PHE C 202 14.60 -8.90 1.81
C PHE C 202 14.15 -9.30 3.23
N LYS C 203 12.85 -9.58 3.37
CA LYS C 203 12.29 -9.87 4.69
C LYS C 203 12.97 -11.06 5.36
N TYR C 204 13.23 -12.13 4.62
CA TYR C 204 13.81 -13.33 5.23
C TYR C 204 15.33 -13.40 5.08
N PHE C 205 16.02 -12.29 5.23
CA PHE C 205 17.47 -12.27 5.17
C PHE C 205 18.04 -11.71 6.47
N MET C 206 19.12 -12.34 6.95
CA MET C 206 19.84 -11.93 8.14
C MET C 206 21.31 -12.21 7.91
N ARG C 207 22.16 -11.51 8.66
CA ARG C 207 23.59 -11.71 8.50
C ARG C 207 24.31 -11.47 9.83
N VAL C 208 25.37 -12.25 10.05
CA VAL C 208 26.19 -12.12 11.25
C VAL C 208 27.27 -11.05 11.12
N VAL C 209 27.37 -10.40 9.96
CA VAL C 209 28.33 -9.33 9.76
C VAL C 209 27.61 -7.99 9.67
N PRO C 210 28.28 -6.88 9.98
CA PRO C 210 27.60 -5.58 9.93
C PRO C 210 27.48 -5.03 8.51
N SER C 211 26.60 -4.04 8.39
CA SER C 211 26.40 -3.35 7.12
C SER C 211 27.68 -2.65 6.67
N ASP C 212 27.84 -2.54 5.35
CA ASP C 212 29.00 -1.84 4.78
C ASP C 212 28.94 -0.33 4.96
N ALA C 213 27.85 0.21 5.52
CA ALA C 213 27.80 1.63 5.84
C ALA C 213 28.85 2.00 6.88
N GLN C 214 29.33 1.04 7.66
CA GLN C 214 30.41 1.26 8.60
C GLN C 214 31.78 1.12 7.94
N GLN C 215 31.97 0.07 7.14
CA GLN C 215 33.25 -0.15 6.48
C GLN C 215 33.58 0.97 5.50
N ALA C 216 32.56 1.51 4.80
CA ALA C 216 32.78 2.65 3.93
C ALA C 216 33.23 3.87 4.72
N ARG C 217 32.55 4.16 5.83
CA ARG C 217 32.95 5.27 6.69
C ARG C 217 34.35 5.06 7.24
N ALA C 218 34.71 3.81 7.56
CA ALA C 218 36.06 3.52 8.04
C ALA C 218 37.10 3.78 6.96
N MET C 219 36.81 3.39 5.72
CA MET C 219 37.74 3.67 4.62
C MET C 219 37.89 5.18 4.42
N VAL C 220 36.78 5.92 4.52
CA VAL C 220 36.83 7.37 4.44
C VAL C 220 37.66 7.93 5.58
N ASP C 221 37.50 7.40 6.79
CA ASP C 221 38.28 7.87 7.93
C ASP C 221 39.76 7.57 7.77
N ILE C 222 40.10 6.47 7.09
CA ILE C 222 41.50 6.17 6.83
C ILE C 222 42.08 7.16 5.85
N VAL C 223 41.34 7.45 4.77
CA VAL C 223 41.78 8.48 3.83
C VAL C 223 41.93 9.82 4.54
N LYS C 224 40.97 10.14 5.41
CA LYS C 224 40.99 11.36 6.19
C LYS C 224 42.23 11.45 7.08
N ARG C 225 42.56 10.35 7.76
CA ARG C 225 43.67 10.34 8.72
C ARG C 225 45.01 10.60 8.04
N TYR C 226 45.26 10.00 6.87
CA TYR C 226 46.52 10.16 6.16
C TYR C 226 46.53 11.32 5.17
N ASN C 227 45.70 12.35 5.40
CA ASN C 227 45.70 13.58 4.59
C ASN C 227 45.71 13.30 3.08
N TRP C 228 45.00 12.26 2.67
CA TRP C 228 44.86 11.93 1.25
C TRP C 228 43.63 12.62 0.69
N THR C 229 43.79 13.31 -0.44
CA THR C 229 42.65 14.00 -1.06
C THR C 229 42.35 13.58 -2.48
N TYR C 230 43.37 13.45 -3.34
CA TYR C 230 43.16 13.09 -4.75
C TYR C 230 43.47 11.60 -4.89
N VAL C 231 42.41 10.78 -4.94
CA VAL C 231 42.54 9.33 -4.94
C VAL C 231 41.85 8.78 -6.18
N SER C 232 42.30 7.59 -6.60
CA SER C 232 41.59 6.83 -7.63
C SER C 232 40.67 5.83 -6.93
N ALA C 233 39.62 5.39 -7.61
CA ALA C 233 38.61 4.53 -6.99
C ALA C 233 38.25 3.37 -7.90
N VAL C 234 38.53 2.15 -7.45
CA VAL C 234 38.17 0.94 -8.17
C VAL C 234 37.23 0.10 -7.30
N HIS C 235 36.26 -0.56 -7.94
CA HIS C 235 35.37 -1.47 -7.22
C HIS C 235 34.97 -2.62 -8.14
N THR C 236 34.66 -3.75 -7.52
CA THR C 236 34.23 -4.94 -8.26
C THR C 236 32.78 -4.78 -8.69
N GLU C 237 32.53 -4.95 -9.99
CA GLU C 237 31.19 -4.81 -10.53
C GLU C 237 30.22 -5.83 -9.92
N GLY C 238 29.31 -5.32 -9.10
CA GLY C 238 28.38 -6.14 -8.34
C GLY C 238 27.73 -5.27 -7.29
N ASN C 239 26.83 -5.87 -6.52
CA ASN C 239 26.19 -5.08 -5.47
C ASN C 239 27.19 -4.67 -4.40
N TYR C 240 28.04 -5.60 -3.96
CA TYR C 240 28.99 -5.28 -2.90
C TYR C 240 29.87 -4.11 -3.30
N GLY C 241 30.54 -4.24 -4.45
CA GLY C 241 31.42 -3.17 -4.91
C GLY C 241 30.69 -1.87 -5.16
N GLU C 242 29.55 -1.93 -5.87
CA GLU C 242 28.84 -0.70 -6.23
C GLU C 242 28.27 0.01 -5.00
N SER C 243 27.56 -0.72 -4.13
CA SER C 243 27.02 -0.12 -2.92
C SER C 243 28.13 0.49 -2.06
N GLY C 244 29.19 -0.28 -1.81
CA GLY C 244 30.28 0.24 -1.00
C GLY C 244 30.94 1.46 -1.62
N MET C 245 31.22 1.39 -2.93
CA MET C 245 31.85 2.51 -3.62
C MET C 245 30.98 3.75 -3.63
N GLU C 246 29.68 3.61 -3.88
CA GLU C 246 28.83 4.80 -3.87
C GLU C 246 28.68 5.37 -2.48
N ALA C 247 28.72 4.54 -1.43
CA ALA C 247 28.71 5.10 -0.08
C ALA C 247 30.02 5.82 0.21
N PHE C 248 31.14 5.26 -0.28
CA PHE C 248 32.43 5.92 -0.15
C PHE C 248 32.44 7.24 -0.91
N LYS C 249 31.80 7.29 -2.08
CA LYS C 249 31.69 8.53 -2.84
C LYS C 249 30.90 9.56 -2.06
N ASP C 250 29.73 9.17 -1.55
CA ASP C 250 28.90 10.11 -0.81
C ASP C 250 29.57 10.62 0.46
N MET C 251 30.39 9.78 1.10
CA MET C 251 31.03 10.22 2.34
C MET C 251 32.30 11.01 2.07
N SER C 252 33.17 10.52 1.19
CA SER C 252 34.43 11.18 0.90
C SER C 252 34.22 12.57 0.31
N ALA C 253 33.34 12.66 -0.70
CA ALA C 253 33.07 13.96 -1.32
C ALA C 253 32.51 14.95 -0.30
N LYS C 254 31.65 14.48 0.61
CA LYS C 254 31.15 15.35 1.67
C LYS C 254 32.27 15.79 2.60
N GLU C 255 33.22 14.89 2.88
CA GLU C 255 34.37 15.21 3.72
C GLU C 255 35.52 15.84 2.94
N GLY C 256 35.26 16.32 1.72
CA GLY C 256 36.27 16.98 0.92
C GLY C 256 37.38 16.08 0.46
N ILE C 257 37.05 15.07 -0.34
CA ILE C 257 38.03 14.13 -0.89
C ILE C 257 37.73 13.97 -2.38
N CYS C 258 38.71 14.27 -3.21
CA CYS C 258 38.54 14.22 -4.66
C CYS C 258 38.70 12.79 -5.18
N ILE C 259 37.77 12.38 -6.03
CA ILE C 259 37.82 11.08 -6.70
C ILE C 259 38.28 11.32 -8.13
N ALA C 260 39.54 10.96 -8.41
CA ALA C 260 40.10 11.17 -9.74
C ALA C 260 39.21 10.55 -10.82
N HIS C 261 38.81 9.31 -10.63
CA HIS C 261 37.92 8.60 -11.54
C HIS C 261 37.52 7.29 -10.88
N SER C 262 36.28 6.87 -11.12
CA SER C 262 35.75 5.64 -10.57
C SER C 262 35.72 4.56 -11.65
N TYR C 263 36.36 3.43 -11.37
CA TYR C 263 36.46 2.33 -12.31
C TYR C 263 35.78 1.09 -11.74
N LYS C 264 35.11 0.33 -12.61
CA LYS C 264 34.42 -0.89 -12.24
C LYS C 264 34.86 -2.01 -13.17
N ILE C 265 35.11 -3.19 -12.60
CA ILE C 265 35.55 -4.34 -13.39
C ILE C 265 35.06 -5.61 -12.72
N TYR C 266 34.66 -6.60 -13.53
CA TYR C 266 34.29 -7.89 -12.99
C TYR C 266 35.52 -8.67 -12.54
N SER C 267 35.33 -9.48 -11.49
CA SER C 267 36.43 -10.27 -10.95
C SER C 267 37.02 -11.20 -11.99
N ASN C 268 36.18 -11.82 -12.83
CA ASN C 268 36.64 -12.79 -13.81
C ASN C 268 36.98 -12.15 -15.16
N ALA C 269 37.38 -10.89 -15.18
CA ALA C 269 37.77 -10.25 -16.42
C ALA C 269 39.17 -10.69 -16.85
N GLY C 270 39.37 -10.75 -18.16
CA GLY C 270 40.62 -11.23 -18.72
C GLY C 270 41.82 -10.36 -18.37
N GLU C 271 43.00 -10.90 -18.69
CA GLU C 271 44.25 -10.20 -18.44
C GLU C 271 44.28 -8.84 -19.13
N GLN C 272 43.86 -8.80 -20.40
CA GLN C 272 43.85 -7.54 -21.13
C GLN C 272 42.94 -6.51 -20.47
N SER C 273 41.83 -6.95 -19.88
CA SER C 273 40.93 -6.01 -19.24
C SER C 273 41.60 -5.35 -18.04
N PHE C 274 42.31 -6.13 -17.21
CA PHE C 274 43.00 -5.51 -16.09
C PHE C 274 44.20 -4.69 -16.55
N ASP C 275 44.85 -5.09 -17.65
CA ASP C 275 45.90 -4.26 -18.21
C ASP C 275 45.36 -2.88 -18.59
N LYS C 276 44.20 -2.86 -19.26
CA LYS C 276 43.56 -1.59 -19.59
C LYS C 276 43.22 -0.80 -18.33
N LEU C 277 42.72 -1.50 -17.30
CA LEU C 277 42.40 -0.82 -16.04
C LEU C 277 43.64 -0.19 -15.42
N LEU C 278 44.76 -0.93 -15.41
CA LEU C 278 45.98 -0.40 -14.81
C LEU C 278 46.53 0.77 -15.61
N LYS C 279 46.41 0.73 -16.94
CA LYS C 279 46.82 1.88 -17.75
C LYS C 279 45.96 3.10 -17.42
N LYS C 280 44.65 2.90 -17.32
CA LYS C 280 43.75 3.99 -16.97
C LYS C 280 44.03 4.51 -15.57
N LEU C 281 44.57 3.66 -14.69
CA LEU C 281 44.99 4.12 -13.37
C LEU C 281 46.29 4.91 -13.44
N THR C 282 47.22 4.51 -14.31
CA THR C 282 48.45 5.28 -14.49
C THR C 282 48.21 6.57 -15.27
N SER C 283 46.98 6.78 -15.74
CA SER C 283 46.67 8.05 -16.38
C SER C 283 46.67 9.19 -15.37
N HIS C 284 46.22 8.93 -14.14
CA HIS C 284 46.17 9.96 -13.10
C HIS C 284 47.46 10.11 -12.31
N LEU C 285 48.44 9.24 -12.53
CA LEU C 285 49.73 9.37 -11.86
C LEU C 285 50.48 10.59 -12.40
N PRO C 286 51.34 11.22 -11.59
CA PRO C 286 51.73 10.88 -10.22
C PRO C 286 50.83 11.48 -9.14
N LYS C 287 49.85 12.29 -9.55
CA LYS C 287 49.00 12.99 -8.59
C LYS C 287 48.22 12.01 -7.72
N ALA C 288 47.51 11.07 -8.35
CA ALA C 288 46.63 10.14 -7.64
C ALA C 288 47.35 8.80 -7.49
N ARG C 289 47.99 8.60 -6.33
CA ARG C 289 48.72 7.37 -6.08
C ARG C 289 47.88 6.33 -5.35
N VAL C 290 47.11 6.75 -4.36
CA VAL C 290 46.33 5.81 -3.56
C VAL C 290 45.05 5.44 -4.31
N VAL C 291 44.79 4.13 -4.39
CA VAL C 291 43.63 3.58 -5.07
C VAL C 291 42.70 3.02 -4.00
N ALA C 292 41.59 3.71 -3.77
CA ALA C 292 40.54 3.24 -2.88
C ALA C 292 39.85 2.07 -3.57
N CYS C 293 40.12 0.87 -3.07
CA CYS C 293 39.64 -0.37 -3.67
C CYS C 293 38.51 -0.87 -2.79
N PHE C 294 37.30 -0.93 -3.34
CA PHE C 294 36.20 -1.60 -2.66
C PHE C 294 35.98 -2.89 -3.41
N CYS C 295 37.08 -3.62 -3.57
CA CYS C 295 37.21 -4.72 -4.51
C CYS C 295 37.24 -6.04 -3.76
N GLU C 296 36.52 -7.03 -4.27
CA GLU C 296 36.58 -8.36 -3.71
C GLU C 296 37.78 -9.12 -4.27
N GLY C 297 38.66 -9.59 -3.38
CA GLY C 297 39.62 -10.64 -3.69
C GLY C 297 40.34 -10.61 -5.02
N MET C 298 39.91 -11.56 -5.87
CA MET C 298 40.52 -11.75 -7.18
C MET C 298 40.59 -10.48 -8.00
N THR C 299 39.82 -9.44 -7.66
CA THR C 299 39.99 -8.16 -8.35
C THR C 299 41.33 -7.53 -7.97
N VAL C 300 41.65 -7.52 -6.68
CA VAL C 300 42.95 -7.04 -6.23
C VAL C 300 44.06 -7.94 -6.79
N ARG C 301 43.82 -9.25 -6.80
CA ARG C 301 44.82 -10.16 -7.37
C ARG C 301 45.07 -9.86 -8.84
N GLY C 302 44.01 -9.70 -9.62
CA GLY C 302 44.16 -9.30 -11.00
C GLY C 302 44.94 -7.99 -11.16
N LEU C 303 44.69 -7.03 -10.27
CA LEU C 303 45.46 -5.80 -10.32
C LEU C 303 46.94 -6.07 -10.12
N LEU C 304 47.28 -6.94 -9.16
CA LEU C 304 48.69 -7.27 -8.93
C LEU C 304 49.29 -7.98 -10.14
N MET C 305 48.52 -8.88 -10.77
CA MET C 305 49.06 -9.61 -11.92
C MET C 305 49.23 -8.68 -13.13
N ALA C 306 48.33 -7.71 -13.29
CA ALA C 306 48.53 -6.68 -14.31
C ALA C 306 49.74 -5.82 -13.98
N MET C 307 50.01 -5.61 -12.69
CA MET C 307 51.23 -4.92 -12.30
C MET C 307 52.46 -5.70 -12.69
N ARG C 308 52.39 -7.03 -12.65
CA ARG C 308 53.50 -7.84 -13.13
C ARG C 308 53.63 -7.75 -14.66
N ARG C 309 52.50 -7.82 -15.38
CA ARG C 309 52.52 -7.72 -16.83
C ARG C 309 53.13 -6.40 -17.28
N LEU C 310 52.66 -5.29 -16.71
CA LEU C 310 53.03 -3.94 -17.13
C LEU C 310 54.31 -3.45 -16.48
N GLY C 311 54.53 -3.75 -15.21
CA GLY C 311 55.66 -3.22 -14.48
C GLY C 311 55.38 -2.00 -13.63
N LEU C 312 54.11 -1.68 -13.37
CA LEU C 312 53.74 -0.52 -12.57
C LEU C 312 53.69 -0.83 -11.08
N ALA C 313 54.40 -1.86 -10.63
CA ALA C 313 54.42 -2.22 -9.22
C ALA C 313 55.17 -1.17 -8.41
N GLY C 314 54.65 -0.89 -7.22
CA GLY C 314 55.24 0.10 -6.34
C GLY C 314 54.85 1.53 -6.61
N GLU C 315 54.06 1.79 -7.65
CA GLU C 315 53.64 3.14 -7.98
C GLU C 315 52.36 3.54 -7.27
N PHE C 316 51.54 2.59 -6.87
CA PHE C 316 50.26 2.85 -6.22
C PHE C 316 50.27 2.29 -4.80
N LEU C 317 49.23 2.67 -4.05
CA LEU C 317 48.94 2.10 -2.74
C LEU C 317 47.46 1.73 -2.72
N LEU C 318 47.16 0.44 -2.65
CA LEU C 318 45.79 -0.05 -2.74
C LEU C 318 45.15 -0.05 -1.34
N LEU C 319 43.99 0.60 -1.22
CA LEU C 319 43.23 0.64 0.02
C LEU C 319 42.07 -0.35 -0.11
N GLY C 320 42.37 -1.62 0.16
CA GLY C 320 41.41 -2.68 -0.04
C GLY C 320 40.30 -2.71 0.99
N SER C 321 39.19 -3.31 0.59
CA SER C 321 38.03 -3.52 1.45
C SER C 321 38.12 -4.91 2.08
N ASP C 322 37.01 -5.40 2.65
CA ASP C 322 37.06 -6.69 3.32
C ASP C 322 37.24 -7.86 2.37
N GLY C 323 37.07 -7.66 1.07
CA GLY C 323 37.33 -8.70 0.09
C GLY C 323 38.76 -9.18 0.09
N TRP C 324 39.68 -8.34 0.59
CA TRP C 324 41.11 -8.62 0.65
C TRP C 324 41.62 -8.39 2.07
N ALA C 325 40.80 -8.77 3.06
CA ALA C 325 41.09 -8.58 4.48
C ALA C 325 42.50 -9.00 4.87
N ASP C 326 42.79 -10.31 4.80
CA ASP C 326 44.16 -10.80 4.94
C ASP C 326 44.38 -12.01 4.04
N ARG C 327 43.62 -12.11 2.95
CA ARG C 327 43.62 -13.28 2.08
C ARG C 327 44.97 -13.53 1.44
N TYR C 328 45.61 -14.63 1.82
CA TYR C 328 46.90 -14.99 1.22
C TYR C 328 46.76 -15.51 -0.20
N ASP C 329 45.59 -16.02 -0.59
CA ASP C 329 45.42 -16.46 -1.97
C ASP C 329 45.46 -15.30 -2.95
N VAL C 330 45.33 -14.06 -2.46
CA VAL C 330 45.39 -12.88 -3.31
C VAL C 330 46.82 -12.40 -3.49
N THR C 331 47.62 -12.44 -2.43
CA THR C 331 48.99 -11.93 -2.49
C THR C 331 50.03 -12.99 -2.82
N ASP C 332 49.75 -14.27 -2.56
CA ASP C 332 50.75 -15.31 -2.83
C ASP C 332 51.13 -15.35 -4.29
N GLY C 333 52.44 -15.37 -4.54
CA GLY C 333 53.00 -15.36 -5.87
C GLY C 333 53.29 -13.98 -6.42
N TYR C 334 52.62 -12.95 -5.92
CA TYR C 334 52.86 -11.57 -6.32
C TYR C 334 52.97 -10.69 -5.08
N GLN C 335 53.78 -11.13 -4.12
CA GLN C 335 53.93 -10.41 -2.86
C GLN C 335 54.50 -9.01 -3.07
N ARG C 336 55.65 -8.94 -3.78
CA ARG C 336 56.35 -7.67 -3.98
C ARG C 336 55.43 -6.57 -4.51
N GLU C 337 54.46 -6.92 -5.37
CA GLU C 337 53.59 -5.90 -5.94
C GLU C 337 52.65 -5.30 -4.90
N ALA C 338 52.25 -6.07 -3.89
CA ALA C 338 51.25 -5.62 -2.92
C ALA C 338 51.84 -4.91 -1.71
N VAL C 339 53.17 -4.85 -1.58
CA VAL C 339 53.78 -4.26 -0.39
C VAL C 339 53.31 -2.83 -0.20
N GLY C 340 52.90 -2.51 1.03
CA GLY C 340 52.38 -1.20 1.37
C GLY C 340 50.87 -1.11 1.41
N GLY C 341 50.18 -2.06 0.80
CA GLY C 341 48.72 -2.06 0.77
C GLY C 341 48.04 -2.11 2.12
N ILE C 342 47.06 -1.23 2.32
CA ILE C 342 46.28 -1.15 3.55
C ILE C 342 44.89 -1.71 3.27
N THR C 343 44.47 -2.70 4.06
CA THR C 343 43.19 -3.35 3.86
C THR C 343 42.39 -3.39 5.15
N ILE C 344 41.11 -3.71 5.02
CA ILE C 344 40.18 -3.75 6.15
C ILE C 344 39.68 -5.19 6.32
N LYS C 345 39.81 -5.73 7.53
CA LYS C 345 39.29 -7.03 7.93
C LYS C 345 38.18 -6.86 8.95
N LEU C 346 37.40 -7.94 9.14
CA LEU C 346 36.35 -7.97 10.14
C LEU C 346 36.81 -8.76 11.36
N GLN C 347 36.26 -8.39 12.52
CA GLN C 347 36.70 -8.95 13.80
C GLN C 347 36.27 -10.39 13.95
N SER C 348 37.12 -11.32 13.50
CA SER C 348 36.82 -12.76 13.55
C SER C 348 38.02 -13.53 14.07
N PRO C 349 38.06 -13.85 15.36
CA PRO C 349 39.17 -14.67 15.89
C PRO C 349 39.06 -16.11 15.42
N ASP C 350 40.23 -16.72 15.17
CA ASP C 350 40.30 -18.09 14.67
C ASP C 350 39.59 -19.05 15.62
N VAL C 351 38.67 -19.85 15.06
CA VAL C 351 37.92 -20.83 15.82
C VAL C 351 38.86 -21.99 16.18
N LYS C 352 39.20 -22.09 17.47
CA LYS C 352 40.14 -23.10 17.95
C LYS C 352 39.80 -24.50 17.46
N TRP C 353 38.60 -24.99 17.78
CA TRP C 353 38.26 -26.38 17.52
C TRP C 353 38.11 -26.74 16.05
N PHE C 354 38.13 -25.74 15.14
CA PHE C 354 38.04 -26.08 13.72
C PHE C 354 39.33 -26.71 13.22
N ASP C 355 40.49 -26.18 13.63
CA ASP C 355 41.77 -26.73 13.19
C ASP C 355 41.93 -28.18 13.64
N ASP C 356 41.45 -28.51 14.84
CA ASP C 356 41.57 -29.87 15.36
C ASP C 356 40.83 -30.86 14.48
N TYR C 357 39.66 -30.45 13.98
CA TYR C 357 38.85 -31.31 13.11
C TYR C 357 39.38 -31.37 11.69
N TYR C 358 39.67 -30.20 11.10
CA TYR C 358 40.04 -30.14 9.68
C TYR C 358 41.39 -30.80 9.42
N LEU C 359 42.41 -30.43 10.20
CA LEU C 359 43.76 -30.91 9.93
C LEU C 359 43.88 -32.42 10.07
N LYS C 360 42.99 -33.06 10.82
CA LYS C 360 43.00 -34.52 10.93
C LYS C 360 42.36 -35.22 9.75
N LEU C 361 41.69 -34.48 8.86
CA LEU C 361 40.99 -35.09 7.73
C LEU C 361 41.97 -35.70 6.74
N ARG C 362 41.56 -36.81 6.14
CA ARG C 362 42.31 -37.54 5.13
C ARG C 362 41.36 -37.92 4.02
N PRO C 363 41.85 -38.09 2.79
CA PRO C 363 40.95 -38.50 1.71
C PRO C 363 40.42 -39.92 1.88
N GLU C 364 41.16 -40.78 2.57
CA GLU C 364 40.70 -42.14 2.80
C GLU C 364 39.53 -42.18 3.78
N THR C 365 39.59 -41.36 4.83
CA THR C 365 38.56 -41.37 5.85
C THR C 365 37.33 -40.55 5.44
N ASN C 366 37.54 -39.28 5.14
CA ASN C 366 36.45 -38.36 4.81
C ASN C 366 35.80 -38.75 3.50
N HIS C 367 34.54 -39.21 3.56
CA HIS C 367 33.76 -39.46 2.36
C HIS C 367 32.40 -38.77 2.30
N ARG C 368 32.03 -37.94 3.28
CA ARG C 368 30.83 -37.12 3.08
C ARG C 368 31.11 -35.93 2.19
N ASN C 369 32.36 -35.45 2.15
CA ASN C 369 32.70 -34.32 1.29
C ASN C 369 33.13 -34.85 -0.07
N PRO C 370 32.31 -34.73 -1.12
CA PRO C 370 32.71 -35.27 -2.42
C PRO C 370 33.90 -34.55 -3.03
N TRP C 371 33.99 -33.23 -2.87
CA TRP C 371 35.06 -32.46 -3.49
C TRP C 371 36.39 -32.62 -2.77
N PHE C 372 36.41 -33.36 -1.65
CA PHE C 372 37.66 -33.54 -0.90
C PHE C 372 38.68 -34.34 -1.70
N GLN C 373 38.23 -35.27 -2.55
CA GLN C 373 39.14 -35.99 -3.42
C GLN C 373 39.82 -35.03 -4.39
N GLU C 374 39.02 -34.23 -5.08
CA GLU C 374 39.53 -33.23 -6.00
C GLU C 374 40.45 -32.24 -5.29
N PHE C 375 40.02 -31.76 -4.12
CA PHE C 375 40.82 -30.77 -3.39
C PHE C 375 42.13 -31.36 -2.90
N TRP C 376 42.13 -32.61 -2.42
CA TRP C 376 43.37 -33.24 -2.00
C TRP C 376 44.30 -33.43 -3.18
N GLN C 377 43.76 -33.82 -4.33
CA GLN C 377 44.61 -33.97 -5.51
C GLN C 377 45.12 -32.62 -6.04
N HIS C 378 44.42 -31.52 -5.71
CA HIS C 378 44.82 -30.20 -6.19
C HIS C 378 45.80 -29.48 -5.27
N ARG C 379 45.57 -29.51 -3.96
CA ARG C 379 46.43 -28.79 -3.01
C ARG C 379 47.84 -29.38 -2.99
N PHE C 380 47.98 -30.68 -3.21
CA PHE C 380 49.28 -31.33 -3.24
C PHE C 380 49.75 -31.64 -4.64
N GLN C 381 48.91 -31.42 -5.65
CA GLN C 381 49.24 -31.62 -7.06
C GLN C 381 49.79 -33.01 -7.31
N CYS C 382 49.03 -34.01 -6.88
CA CYS C 382 49.36 -35.42 -7.07
C CYS C 382 48.09 -36.16 -7.46
N ARG C 383 48.24 -37.44 -7.79
CA ARG C 383 47.12 -38.28 -8.20
C ARG C 383 46.92 -39.39 -7.16
N LEU C 384 45.76 -39.38 -6.52
CA LEU C 384 45.44 -40.37 -5.49
C LEU C 384 45.22 -41.75 -6.12
N ASN C 391 42.27 -38.13 -10.78
CA ASN C 391 42.39 -37.27 -11.94
C ASN C 391 43.79 -37.45 -12.53
N SER C 392 43.84 -37.85 -13.80
CA SER C 392 45.09 -38.18 -14.47
C SER C 392 45.98 -36.96 -14.76
N LYS C 393 45.44 -35.74 -14.65
CA LYS C 393 46.20 -34.53 -14.95
C LYS C 393 47.56 -34.52 -14.26
N TYR C 394 47.56 -34.60 -12.93
CA TYR C 394 48.80 -34.46 -12.16
C TYR C 394 49.81 -35.54 -12.52
N ASN C 395 51.07 -35.13 -12.70
CA ASN C 395 52.14 -36.05 -13.05
C ASN C 395 52.67 -36.81 -11.84
N LYS C 396 52.47 -36.32 -10.63
CA LYS C 396 52.97 -36.96 -9.42
C LYS C 396 51.89 -37.81 -8.78
N THR C 397 52.33 -38.72 -7.91
CA THR C 397 51.44 -39.59 -7.16
C THR C 397 51.45 -39.20 -5.68
N CYS C 398 50.29 -39.32 -5.05
CA CYS C 398 50.13 -38.87 -3.67
C CYS C 398 50.81 -39.82 -2.68
N ASN C 399 51.58 -39.25 -1.77
CA ASN C 399 52.25 -39.99 -0.72
C ASN C 399 51.44 -39.95 0.56
N SER C 400 51.67 -40.97 1.41
CA SER C 400 51.03 -40.99 2.72
C SER C 400 51.58 -39.92 3.66
N SER C 401 52.77 -39.39 3.36
CA SER C 401 53.38 -38.36 4.20
C SER C 401 52.68 -37.01 4.08
N LEU C 402 51.87 -36.81 3.04
CA LEU C 402 51.21 -35.52 2.84
C LEU C 402 50.17 -35.27 3.92
N THR C 403 50.16 -34.05 4.46
CA THR C 403 49.15 -33.68 5.44
C THR C 403 48.82 -32.20 5.31
N LEU C 404 47.58 -31.85 5.71
CA LEU C 404 47.10 -30.49 5.62
C LEU C 404 47.85 -29.53 6.53
N LYS C 405 48.46 -30.04 7.62
CA LYS C 405 49.17 -29.17 8.56
C LYS C 405 50.28 -28.39 7.86
N THR C 406 50.82 -28.91 6.77
CA THR C 406 51.86 -28.22 6.02
C THR C 406 51.24 -27.03 5.28
N HIS C 407 51.71 -25.82 5.60
CA HIS C 407 51.25 -24.58 4.97
C HIS C 407 49.76 -24.33 5.22
N HIS C 408 49.29 -24.63 6.43
CA HIS C 408 47.88 -24.46 6.74
C HIS C 408 47.55 -22.99 6.99
N VAL C 409 46.51 -22.50 6.31
CA VAL C 409 46.01 -21.14 6.46
C VAL C 409 44.52 -21.22 6.72
N GLN C 410 44.09 -20.85 7.92
CA GLN C 410 42.68 -20.93 8.28
C GLN C 410 41.90 -19.78 7.66
N ASP C 411 40.67 -20.06 7.26
CA ASP C 411 39.79 -19.03 6.70
C ASP C 411 39.61 -17.88 7.68
N SER C 412 39.69 -16.65 7.16
CA SER C 412 39.56 -15.47 8.00
C SER C 412 38.14 -15.31 8.54
N LYS C 413 37.13 -15.60 7.73
CA LYS C 413 35.73 -15.44 8.11
C LYS C 413 35.11 -16.72 8.64
N MET C 414 35.93 -17.66 9.11
CA MET C 414 35.41 -18.93 9.61
C MET C 414 34.52 -18.72 10.83
N GLY C 415 34.90 -17.79 11.70
CA GLY C 415 34.07 -17.47 12.86
C GLY C 415 32.66 -17.08 12.48
N PHE C 416 32.51 -16.27 11.43
CA PHE C 416 31.17 -15.88 10.99
C PHE C 416 30.40 -17.08 10.45
N VAL C 417 31.07 -17.96 9.71
CA VAL C 417 30.41 -19.15 9.19
C VAL C 417 29.81 -19.96 10.34
N ILE C 418 30.62 -20.27 11.35
CA ILE C 418 30.17 -21.08 12.45
C ILE C 418 29.10 -20.35 13.26
N ASN C 419 29.29 -19.04 13.48
CA ASN C 419 28.29 -18.24 14.17
C ASN C 419 26.96 -18.21 13.42
N ALA C 420 26.97 -18.22 12.09
CA ALA C 420 25.72 -18.24 11.35
C ALA C 420 25.01 -19.58 11.52
N ILE C 421 25.78 -20.67 11.51
CA ILE C 421 25.17 -21.98 11.75
C ILE C 421 24.55 -22.02 13.14
N TYR C 422 25.26 -21.47 14.13
CA TYR C 422 24.70 -21.38 15.47
C TYR C 422 23.52 -20.43 15.54
N SER C 423 23.50 -19.38 14.73
CA SER C 423 22.34 -18.49 14.70
C SER C 423 21.10 -19.26 14.28
N MET C 424 21.20 -20.03 13.20
CA MET C 424 20.06 -20.84 12.78
C MET C 424 19.67 -21.84 13.86
N ALA C 425 20.67 -22.46 14.49
CA ALA C 425 20.38 -23.47 15.52
C ALA C 425 19.64 -22.86 16.71
N TYR C 426 20.15 -21.76 17.25
CA TYR C 426 19.52 -21.12 18.40
C TYR C 426 18.15 -20.54 18.05
N GLY C 427 17.95 -20.06 16.81
CA GLY C 427 16.62 -19.65 16.41
C GLY C 427 15.64 -20.81 16.45
N LEU C 428 16.05 -21.96 15.90
CA LEU C 428 15.19 -23.14 15.96
C LEU C 428 14.94 -23.56 17.40
N HIS C 429 15.92 -23.39 18.28
CA HIS C 429 15.75 -23.79 19.68
C HIS C 429 14.77 -22.86 20.40
N ASN C 430 14.86 -21.56 20.13
CA ASN C 430 13.91 -20.63 20.75
C ASN C 430 12.50 -20.90 20.27
N MET C 431 12.35 -21.23 18.98
CA MET C 431 11.04 -21.59 18.48
C MET C 431 10.53 -22.88 19.11
N GLN C 432 11.42 -23.88 19.26
CA GLN C 432 11.06 -25.12 19.91
C GLN C 432 10.55 -24.88 21.33
N MET C 433 11.24 -24.02 22.09
CA MET C 433 10.79 -23.77 23.45
C MET C 433 9.50 -22.96 23.48
N SER C 434 9.28 -22.08 22.51
CA SER C 434 8.05 -21.29 22.49
C SER C 434 6.88 -22.02 21.84
N LEU C 435 7.09 -23.23 21.31
CA LEU C 435 5.98 -24.01 20.75
C LEU C 435 5.79 -25.34 21.46
N CYS C 436 6.87 -26.11 21.69
CA CYS C 436 6.80 -27.40 22.36
C CYS C 436 7.57 -27.30 23.67
N PRO C 437 6.95 -26.73 24.72
CA PRO C 437 7.68 -26.50 25.98
C PRO C 437 8.12 -27.79 26.65
N GLY C 438 7.17 -28.69 26.89
CA GLY C 438 7.45 -29.95 27.55
C GLY C 438 8.10 -30.97 26.62
N TYR C 439 7.71 -30.96 25.35
CA TYR C 439 8.20 -31.92 24.39
C TYR C 439 9.72 -31.86 24.25
N ALA C 440 10.38 -32.97 24.55
CA ALA C 440 11.81 -33.09 24.29
C ALA C 440 11.94 -33.48 22.81
N GLY C 441 12.12 -32.47 21.97
CA GLY C 441 12.20 -32.66 20.53
C GLY C 441 11.08 -31.93 19.81
N LEU C 442 10.69 -32.49 18.66
CA LEU C 442 9.67 -31.88 17.81
C LEU C 442 8.29 -32.41 18.15
N CYS C 443 7.33 -31.50 18.34
CA CYS C 443 5.95 -31.85 18.62
C CYS C 443 5.12 -31.65 17.35
N ASP C 444 3.80 -31.75 17.50
CA ASP C 444 2.90 -31.62 16.36
C ASP C 444 2.71 -30.17 15.91
N ALA C 445 3.06 -29.19 16.75
CA ALA C 445 2.95 -27.80 16.36
C ALA C 445 4.03 -27.42 15.35
N MET C 446 5.22 -27.99 15.47
CA MET C 446 6.28 -27.76 14.50
C MET C 446 6.32 -28.86 13.43
N LYS C 447 5.19 -29.53 13.20
CA LYS C 447 5.03 -30.52 12.14
C LYS C 447 3.89 -30.03 11.25
N PRO C 448 4.16 -29.20 10.24
CA PRO C 448 5.50 -28.80 9.79
C PRO C 448 6.03 -27.52 10.43
N ILE C 449 7.32 -27.26 10.20
CA ILE C 449 7.96 -26.03 10.68
C ILE C 449 7.52 -24.87 9.80
N ASP C 450 6.95 -23.83 10.42
CA ASP C 450 6.52 -22.65 9.69
C ASP C 450 7.69 -21.69 9.52
N GLY C 451 7.96 -21.31 8.27
CA GLY C 451 9.06 -20.40 7.99
C GLY C 451 8.87 -19.03 8.60
N ARG C 452 7.64 -18.51 8.57
CA ARG C 452 7.40 -17.18 9.14
C ARG C 452 7.66 -17.16 10.64
N LYS C 453 7.24 -18.21 11.35
CA LYS C 453 7.50 -18.28 12.78
C LYS C 453 8.99 -18.42 13.04
N LEU C 454 9.69 -19.14 12.17
CA LEU C 454 11.14 -19.27 12.31
C LEU C 454 11.82 -17.92 12.12
N LEU C 455 11.36 -17.13 11.15
CA LEU C 455 11.93 -15.80 10.97
C LEU C 455 11.66 -14.91 12.17
N GLU C 456 10.42 -14.94 12.68
CA GLU C 456 10.08 -14.15 13.86
C GLU C 456 10.91 -14.55 15.07
N SER C 457 11.27 -15.83 15.18
CA SER C 457 12.08 -16.27 16.30
C SER C 457 13.57 -16.03 16.08
N LEU C 458 14.01 -16.00 14.81
CA LEU C 458 15.42 -15.75 14.51
C LEU C 458 15.78 -14.27 14.64
N MET C 459 14.85 -13.38 14.32
CA MET C 459 15.13 -11.95 14.52
C MET C 459 15.29 -11.63 16.01
N LYS C 460 14.61 -12.38 16.88
CA LYS C 460 14.68 -12.20 18.32
C LYS C 460 15.69 -13.14 18.98
N THR C 461 16.80 -13.44 18.30
CA THR C 461 17.78 -14.38 18.84
C THR C 461 18.88 -13.63 19.58
N ASN C 462 19.12 -14.06 20.82
CA ASN C 462 20.00 -13.43 21.81
C ASN C 462 20.92 -14.51 22.37
N PHE C 463 22.09 -14.73 21.76
CA PHE C 463 22.89 -15.88 22.19
C PHE C 463 24.36 -15.53 22.20
N THR C 464 25.15 -16.32 22.92
CA THR C 464 26.60 -16.11 23.01
C THR C 464 27.31 -16.89 21.91
N GLY C 465 28.10 -16.19 21.09
CA GLY C 465 28.72 -16.77 19.92
C GLY C 465 29.92 -17.66 20.20
N VAL C 466 30.42 -18.26 19.11
CA VAL C 466 31.58 -19.15 19.21
C VAL C 466 32.84 -18.39 19.59
N SER C 467 32.94 -17.11 19.22
CA SER C 467 34.08 -16.28 19.59
C SER C 467 33.94 -15.70 21.00
N GLY C 468 33.07 -16.28 21.82
CA GLY C 468 32.87 -15.79 23.18
C GLY C 468 32.24 -14.42 23.25
N ASP C 469 31.50 -14.02 22.22
CA ASP C 469 30.86 -12.71 22.18
C ASP C 469 29.39 -12.87 21.85
N THR C 470 28.55 -12.13 22.57
CA THR C 470 27.11 -12.24 22.40
C THR C 470 26.69 -11.72 21.03
N ILE C 471 26.14 -12.62 20.22
CA ILE C 471 25.56 -12.30 18.92
C ILE C 471 24.09 -11.95 19.10
N LEU C 472 23.69 -10.82 18.51
CA LEU C 472 22.33 -10.31 18.53
C LEU C 472 22.03 -9.68 17.18
N PHE C 473 20.74 -9.56 16.86
CA PHE C 473 20.27 -9.03 15.59
C PHE C 473 19.42 -7.78 15.79
N ASP C 474 19.63 -6.77 14.94
CA ASP C 474 18.89 -5.52 15.01
C ASP C 474 17.63 -5.57 14.13
N GLU C 475 16.87 -4.46 14.16
CA GLU C 475 15.63 -4.36 13.39
C GLU C 475 15.81 -4.67 11.90
N ASN C 476 16.96 -4.34 11.34
CA ASN C 476 17.23 -4.58 9.93
C ASN C 476 17.88 -5.93 9.68
N GLY C 477 17.86 -6.83 10.67
CA GLY C 477 18.47 -8.13 10.51
C GLY C 477 19.96 -8.10 10.31
N ASP C 478 20.64 -7.16 10.94
CA ASP C 478 22.09 -7.05 10.90
C ASP C 478 22.68 -7.31 12.27
N SER C 479 23.95 -7.74 12.28
CA SER C 479 24.67 -7.95 13.52
C SER C 479 25.76 -6.89 13.69
N PRO C 480 26.08 -6.51 14.92
CA PRO C 480 27.15 -5.53 15.13
C PRO C 480 28.51 -6.10 14.79
N GLY C 481 29.45 -5.21 14.50
CA GLY C 481 30.78 -5.66 14.09
C GLY C 481 31.85 -4.60 14.27
N ARG C 482 33.09 -5.09 14.35
CA ARG C 482 34.28 -4.27 14.45
C ARG C 482 35.23 -4.62 13.31
N TYR C 483 36.12 -3.69 12.95
CA TYR C 483 37.10 -3.95 11.91
C TYR C 483 38.53 -3.75 12.39
N GLU C 484 39.42 -4.56 11.80
CA GLU C 484 40.87 -4.47 12.01
C GLU C 484 41.51 -3.96 10.73
N ILE C 485 42.34 -2.93 10.84
CA ILE C 485 43.04 -2.37 9.68
C ILE C 485 44.40 -3.04 9.55
N MET C 486 44.67 -3.61 8.38
CA MET C 486 45.86 -4.39 8.06
C MET C 486 46.76 -3.67 7.08
N ASN C 487 48.00 -4.18 7.01
CA ASN C 487 49.08 -3.66 6.20
C ASN C 487 49.87 -4.85 5.65
N PHE C 488 50.07 -4.90 4.34
CA PHE C 488 50.85 -5.99 3.77
C PHE C 488 52.31 -5.57 3.59
N ASP C 494 62.70 -10.56 1.73
CA ASP C 494 62.07 -11.45 0.77
C ASP C 494 60.81 -12.10 1.36
N TYR C 495 60.57 -11.84 2.65
CA TYR C 495 59.42 -12.36 3.36
C TYR C 495 58.40 -11.27 3.60
N PHE C 496 57.15 -11.54 3.26
CA PHE C 496 56.08 -10.54 3.34
C PHE C 496 54.88 -11.16 4.05
N ASP C 497 54.19 -10.37 4.88
CA ASP C 497 53.04 -10.88 5.61
C ASP C 497 52.21 -9.71 6.14
N TYR C 498 50.95 -10.03 6.46
CA TYR C 498 50.01 -9.04 6.97
C TYR C 498 50.26 -8.73 8.43
N ILE C 499 50.03 -7.47 8.81
CA ILE C 499 50.20 -7.01 10.19
C ILE C 499 49.06 -6.08 10.55
N ASN C 500 48.50 -6.28 11.75
CA ASN C 500 47.50 -5.38 12.28
C ASN C 500 48.09 -4.01 12.56
N VAL C 501 47.55 -2.98 11.92
CA VAL C 501 48.00 -1.61 12.15
C VAL C 501 46.92 -0.71 12.72
N GLY C 502 45.66 -1.12 12.72
CA GLY C 502 44.64 -0.26 13.29
C GLY C 502 43.36 -0.99 13.58
N SER C 503 42.34 -0.20 13.93
CA SER C 503 41.04 -0.73 14.34
C SER C 503 40.00 0.36 14.10
N TRP C 504 38.77 -0.09 13.82
CA TRP C 504 37.65 0.82 13.62
C TRP C 504 36.42 0.21 14.28
N ASP C 505 35.82 0.94 15.22
CA ASP C 505 34.63 0.45 15.90
C ASP C 505 33.74 1.62 16.30
N ASN C 506 32.47 1.54 15.89
CA ASN C 506 31.43 2.50 16.25
C ASN C 506 31.91 3.94 16.07
N GLY C 507 32.53 4.20 14.93
CA GLY C 507 33.05 5.52 14.61
C GLY C 507 34.52 5.72 14.94
N GLU C 508 34.95 5.25 16.11
CA GLU C 508 36.31 5.48 16.56
C GLU C 508 37.30 4.72 15.70
N LEU C 509 38.25 5.44 15.10
CA LEU C 509 39.33 4.88 14.31
C LEU C 509 40.64 5.05 15.07
N LYS C 510 41.26 3.94 15.44
CA LYS C 510 42.55 3.93 16.13
C LYS C 510 43.62 3.40 15.19
N MET C 511 44.77 4.07 15.18
CA MET C 511 45.87 3.72 14.29
C MET C 511 47.18 3.89 15.04
N ASP C 512 48.20 3.18 14.57
CA ASP C 512 49.56 3.38 15.11
C ASP C 512 50.33 4.37 14.24
N ASP C 513 50.33 4.16 12.93
CA ASP C 513 50.93 5.03 11.92
C ASP C 513 52.46 5.04 11.94
N ASP C 514 53.08 4.68 13.06
CA ASP C 514 54.52 4.47 13.05
C ASP C 514 54.88 3.08 12.60
N GLU C 515 53.97 2.12 12.74
CA GLU C 515 54.24 0.74 12.36
C GLU C 515 54.09 0.55 10.85
N VAL C 516 53.20 1.31 10.21
CA VAL C 516 52.93 1.11 8.78
C VAL C 516 54.16 1.48 7.96
N TRP C 517 54.74 2.65 8.22
CA TRP C 517 55.83 3.17 7.42
C TRP C 517 57.20 3.07 8.10
N SER C 518 57.25 2.83 9.41
CA SER C 518 58.47 2.70 10.19
C SER C 518 59.25 4.01 10.33
N LYS C 519 58.77 5.08 9.70
CA LYS C 519 59.37 6.39 9.86
C LYS C 519 58.38 7.43 9.37
N LYS C 520 58.31 8.57 10.05
CA LYS C 520 57.24 9.52 9.80
C LYS C 520 57.40 10.29 8.50
N SER C 521 58.59 10.25 7.87
CA SER C 521 58.74 10.91 6.57
C SER C 521 58.24 10.02 5.43
N ASN C 522 58.30 8.71 5.61
CA ASN C 522 57.93 7.73 4.57
C ASN C 522 56.51 7.89 4.05
N ILE C 523 55.64 8.62 4.75
CA ILE C 523 54.23 8.71 4.36
C ILE C 523 54.18 9.17 2.91
N ILE C 524 53.14 8.75 2.21
CA ILE C 524 53.05 9.01 0.78
C ILE C 524 52.04 10.11 0.53
N ARG C 525 52.32 10.93 -0.46
CA ARG C 525 51.54 12.11 -0.79
C ARG C 525 50.85 11.85 -2.11
N SER C 526 49.51 11.87 -2.11
CA SER C 526 48.70 11.60 -3.29
C SER C 526 47.66 12.71 -3.44
N VAL C 527 48.11 13.87 -3.91
CA VAL C 527 47.21 14.99 -4.16
C VAL C 527 47.52 15.56 -5.53
N CYS C 528 46.51 16.15 -6.15
CA CYS C 528 46.71 16.98 -7.32
C CYS C 528 46.83 18.45 -6.94
N SER C 529 46.43 18.79 -5.72
CA SER C 529 46.41 20.16 -5.23
C SER C 529 47.83 20.58 -4.81
N GLU C 530 48.57 21.13 -5.78
CA GLU C 530 49.87 21.68 -5.44
C GLU C 530 49.69 23.09 -4.90
N PRO C 531 50.11 23.37 -3.67
CA PRO C 531 49.94 24.73 -3.13
C PRO C 531 50.73 25.75 -3.95
N CYS C 532 50.08 26.87 -4.25
CA CYS C 532 50.74 27.93 -5.01
C CYS C 532 51.81 28.60 -4.16
N LYS C 538 47.45 32.48 -6.99
CA LYS C 538 46.07 32.07 -6.74
C LYS C 538 45.77 30.73 -7.39
N VAL C 539 44.80 30.01 -6.82
CA VAL C 539 44.37 28.71 -7.35
C VAL C 539 43.16 28.92 -8.25
N ILE C 540 43.30 28.60 -9.53
CA ILE C 540 42.24 28.81 -10.52
C ILE C 540 41.90 27.48 -11.20
N ARG C 541 40.72 26.95 -10.90
CA ARG C 541 40.19 25.75 -11.55
C ARG C 541 39.70 26.07 -12.97
N LYS C 542 39.74 25.07 -13.85
CA LYS C 542 39.24 25.22 -15.22
C LYS C 542 38.42 24.01 -15.65
N GLY C 543 37.46 23.59 -14.83
CA GLY C 543 36.57 22.51 -15.22
C GLY C 543 36.95 21.12 -14.76
N GLU C 544 37.71 21.01 -13.67
CA GLU C 544 38.19 19.72 -13.18
C GLU C 544 37.77 19.62 -11.72
N VAL C 545 38.40 18.69 -11.00
CA VAL C 545 37.94 18.34 -9.68
C VAL C 545 38.16 19.52 -8.72
N SER C 546 37.38 19.53 -7.65
CA SER C 546 37.37 20.67 -6.72
C SER C 546 38.76 21.00 -6.19
N CYS C 547 39.45 20.01 -5.60
CA CYS C 547 40.78 20.26 -5.07
C CYS C 547 41.83 20.44 -6.15
N CYS C 548 41.54 20.11 -7.41
CA CYS C 548 42.50 20.23 -8.50
C CYS C 548 42.51 21.66 -9.03
N TRP C 549 43.69 22.31 -8.98
CA TRP C 549 43.84 23.66 -9.46
C TRP C 549 45.13 23.79 -10.26
N THR C 550 45.25 24.92 -10.97
CA THR C 550 46.46 25.27 -11.72
C THR C 550 46.88 26.68 -11.32
N CYS C 551 48.07 26.78 -10.72
CA CYS C 551 48.59 28.04 -10.17
C CYS C 551 48.95 29.03 -11.27
N THR C 552 48.06 30.03 -11.50
CA THR C 552 48.29 31.08 -12.48
C THR C 552 48.65 32.38 -11.78
N PRO C 553 49.68 33.11 -12.22
CA PRO C 553 50.11 34.32 -11.52
C PRO C 553 49.22 35.53 -11.76
N CYS C 554 49.42 36.56 -10.93
CA CYS C 554 48.68 37.81 -10.96
C CYS C 554 49.49 38.93 -11.62
N LYS C 555 48.77 39.95 -12.09
CA LYS C 555 49.39 41.15 -12.63
C LYS C 555 50.16 41.90 -11.55
N GLU C 556 51.19 42.64 -11.98
CA GLU C 556 52.08 43.34 -11.06
C GLU C 556 51.33 44.24 -10.07
N ASN C 557 50.21 44.83 -10.48
CA ASN C 557 49.46 45.68 -9.55
C ASN C 557 48.57 44.89 -8.60
N GLU C 558 48.32 43.62 -8.90
CA GLU C 558 47.36 42.83 -8.15
C GLU C 558 48.02 42.13 -6.96
N TYR C 559 47.37 42.22 -5.81
CA TYR C 559 47.72 41.48 -4.61
C TYR C 559 46.73 40.33 -4.42
N VAL C 560 47.17 39.29 -3.71
CA VAL C 560 46.33 38.13 -3.50
C VAL C 560 45.40 38.41 -2.32
N PHE C 561 44.10 38.45 -2.59
CA PHE C 561 43.09 38.64 -1.55
C PHE C 561 42.90 37.37 -0.73
N ASP C 562 42.48 36.30 -1.40
CA ASP C 562 42.34 34.99 -0.78
C ASP C 562 42.95 33.95 -1.72
N GLU C 563 43.13 32.74 -1.18
CA GLU C 563 43.72 31.63 -1.92
C GLU C 563 43.24 31.54 -3.36
N TYR C 564 41.93 31.69 -3.58
CA TYR C 564 41.34 31.47 -4.89
C TYR C 564 41.42 32.70 -5.80
N THR C 565 41.02 33.87 -5.30
CA THR C 565 40.84 35.03 -6.15
C THR C 565 41.80 36.17 -5.80
N CYS C 566 42.26 36.86 -6.84
CA CYS C 566 43.21 37.96 -6.79
C CYS C 566 42.47 39.29 -6.87
N LYS C 567 43.02 40.33 -6.25
CA LYS C 567 42.39 41.65 -6.23
C LYS C 567 43.42 42.72 -6.55
N ALA C 568 43.00 43.76 -7.27
CA ALA C 568 43.92 44.80 -7.74
C ALA C 568 44.00 45.98 -6.77
N CYS C 569 45.21 46.50 -6.60
CA CYS C 569 45.45 47.68 -5.77
C CYS C 569 44.95 48.95 -6.45
N GLN C 570 44.48 49.88 -5.63
CA GLN C 570 43.94 51.15 -6.11
C GLN C 570 45.03 52.00 -6.76
N LEU C 571 44.59 53.04 -7.47
CA LEU C 571 45.53 53.98 -8.08
C LEU C 571 46.38 54.62 -7.00
N GLY C 572 47.70 54.60 -7.19
CA GLY C 572 48.63 55.08 -6.20
C GLY C 572 49.13 53.99 -5.27
N SER C 573 48.28 53.01 -4.96
CA SER C 573 48.68 51.88 -4.14
C SER C 573 49.40 50.84 -4.99
N TRP C 574 50.09 49.92 -4.31
CA TRP C 574 50.85 48.88 -4.97
C TRP C 574 50.96 47.71 -4.01
N PRO C 575 50.86 46.47 -4.49
CA PRO C 575 50.88 45.32 -3.58
C PRO C 575 52.13 45.27 -2.72
N THR C 576 51.95 44.84 -1.47
CA THR C 576 53.03 44.74 -0.50
C THR C 576 53.95 43.57 -0.82
N ASP C 577 55.06 43.49 -0.07
CA ASP C 577 56.03 42.42 -0.26
C ASP C 577 55.44 41.05 0.04
N ASP C 578 54.54 40.96 1.03
CA ASP C 578 53.85 39.72 1.29
C ASP C 578 52.64 39.52 0.40
N LEU C 579 52.32 40.50 -0.46
CA LEU C 579 51.18 40.44 -1.37
C LEU C 579 49.89 40.06 -0.63
N THR C 580 49.71 40.66 0.55
CA THR C 580 48.48 40.50 1.32
C THR C 580 47.64 41.77 1.32
N GLY C 581 48.28 42.94 1.19
CA GLY C 581 47.57 44.21 1.10
C GLY C 581 48.27 45.17 0.17
N CYS C 582 47.86 46.43 0.19
CA CYS C 582 48.44 47.46 -0.66
C CYS C 582 49.32 48.39 0.18
N ASP C 583 50.02 49.28 -0.52
CA ASP C 583 50.97 50.19 0.10
C ASP C 583 51.26 51.31 -0.88
N LEU C 584 51.24 52.56 -0.38
CA LEU C 584 51.36 53.71 -1.27
C LEU C 584 52.70 53.72 -2.00
N ILE C 585 52.66 54.15 -3.26
CA ILE C 585 53.86 54.32 -4.08
C ILE C 585 54.59 55.59 -3.64
N PRO C 586 55.84 55.49 -3.19
CA PRO C 586 56.62 56.65 -2.72
C PRO C 586 56.99 57.60 -3.84
N GLN D 1 -7.07 -28.94 -11.71
CA GLN D 1 -7.95 -30.09 -11.69
C GLN D 1 -8.56 -30.16 -10.30
N VAL D 2 -9.80 -29.72 -10.19
CA VAL D 2 -10.50 -29.55 -8.92
C VAL D 2 -11.57 -30.64 -8.81
N GLN D 3 -11.71 -31.21 -7.61
CA GLN D 3 -12.65 -32.29 -7.36
C GLN D 3 -13.59 -31.88 -6.24
N LEU D 4 -14.88 -32.13 -6.44
CA LEU D 4 -15.91 -31.72 -5.50
C LEU D 4 -16.56 -32.94 -4.84
N VAL D 5 -16.93 -32.78 -3.58
CA VAL D 5 -17.58 -33.84 -2.80
C VAL D 5 -18.85 -33.26 -2.17
N GLU D 6 -19.99 -33.88 -2.47
CA GLU D 6 -21.29 -33.53 -1.92
C GLU D 6 -21.59 -34.33 -0.65
N SER D 7 -22.28 -33.68 0.28
CA SER D 7 -22.68 -34.33 1.53
C SER D 7 -23.86 -33.56 2.12
N GLY D 8 -24.53 -34.19 3.08
CA GLY D 8 -25.60 -33.57 3.84
C GLY D 8 -26.99 -34.07 3.54
N GLY D 9 -27.17 -34.78 2.44
CA GLY D 9 -28.48 -35.24 2.02
C GLY D 9 -28.99 -36.44 2.81
N GLY D 10 -29.91 -37.18 2.18
CA GLY D 10 -30.51 -38.35 2.80
C GLY D 10 -32.00 -38.43 2.62
N LEU D 11 -32.74 -38.47 3.72
CA LEU D 11 -34.20 -38.51 3.69
C LEU D 11 -34.76 -37.65 4.82
N VAL D 12 -35.84 -36.93 4.53
CA VAL D 12 -36.42 -36.00 5.49
C VAL D 12 -37.93 -35.99 5.32
N GLN D 13 -38.63 -35.63 6.39
CA GLN D 13 -40.09 -35.57 6.41
C GLN D 13 -40.59 -34.31 5.69
N ALA D 14 -41.92 -34.24 5.52
CA ALA D 14 -42.55 -33.13 4.83
C ALA D 14 -42.50 -31.88 5.71
N GLY D 15 -41.93 -30.81 5.18
CA GLY D 15 -41.78 -29.56 5.90
C GLY D 15 -40.50 -29.43 6.70
N GLY D 16 -39.66 -30.46 6.71
CA GLY D 16 -38.43 -30.44 7.46
C GLY D 16 -37.33 -29.63 6.79
N SER D 17 -36.16 -29.64 7.42
CA SER D 17 -35.00 -28.89 6.96
C SER D 17 -33.80 -29.83 6.80
N LEU D 18 -32.87 -29.43 5.95
CA LEU D 18 -31.67 -30.22 5.69
C LEU D 18 -30.61 -29.32 5.08
N ARG D 19 -29.37 -29.49 5.52
CA ARG D 19 -28.26 -28.63 5.13
C ARG D 19 -27.29 -29.43 4.26
N LEU D 20 -26.75 -28.78 3.22
CA LEU D 20 -25.95 -29.44 2.21
C LEU D 20 -24.56 -28.81 2.14
N SER D 21 -23.54 -29.67 2.05
CA SER D 21 -22.14 -29.25 1.99
C SER D 21 -21.49 -29.76 0.71
N CYS D 22 -20.49 -29.01 0.24
CA CYS D 22 -19.74 -29.35 -0.96
C CYS D 22 -18.32 -28.81 -0.84
N ALA D 23 -17.35 -29.72 -0.84
CA ALA D 23 -15.95 -29.37 -0.61
C ALA D 23 -15.13 -29.56 -1.89
N ALA D 24 -14.17 -28.65 -2.10
CA ALA D 24 -13.37 -28.59 -3.32
C ALA D 24 -11.91 -28.93 -3.04
N SER D 25 -11.26 -29.58 -4.00
CA SER D 25 -9.87 -29.97 -3.88
C SER D 25 -8.96 -28.94 -4.54
N GLY D 26 -7.88 -28.59 -3.87
CA GLY D 26 -6.90 -27.68 -4.42
C GLY D 26 -7.30 -26.22 -4.27
N ARG D 27 -6.32 -25.35 -4.50
CA ARG D 27 -6.50 -23.92 -4.33
C ARG D 27 -7.33 -23.34 -5.50
N THR D 28 -7.46 -22.02 -5.52
CA THR D 28 -8.25 -21.28 -6.52
C THR D 28 -9.71 -21.72 -6.57
N PHE D 29 -10.24 -22.13 -5.42
CA PHE D 29 -11.67 -22.22 -5.20
C PHE D 29 -12.29 -20.83 -5.04
N THR D 30 -11.51 -19.90 -4.50
CA THR D 30 -11.94 -18.51 -4.41
C THR D 30 -12.11 -17.88 -5.78
N SER D 31 -11.39 -18.40 -6.79
CA SER D 31 -11.45 -17.87 -8.13
C SER D 31 -12.64 -18.39 -8.93
N TYR D 32 -13.30 -19.45 -8.46
CA TYR D 32 -14.45 -20.06 -9.12
C TYR D 32 -15.73 -19.70 -8.38
N ALA D 33 -16.82 -19.52 -9.12
CA ALA D 33 -18.13 -19.34 -8.51
C ALA D 33 -18.78 -20.70 -8.32
N MET D 34 -19.82 -20.76 -7.49
CA MET D 34 -20.40 -22.06 -7.18
C MET D 34 -21.92 -22.01 -7.35
N GLY D 35 -22.48 -23.10 -7.87
CA GLY D 35 -23.92 -23.16 -8.01
C GLY D 35 -24.53 -24.54 -7.86
N TRP D 36 -25.45 -24.69 -6.91
CA TRP D 36 -26.17 -25.95 -6.72
C TRP D 36 -27.33 -26.05 -7.70
N PHE D 37 -27.48 -27.23 -8.31
CA PHE D 37 -28.64 -27.53 -9.15
C PHE D 37 -29.11 -28.97 -8.89
N ARG D 38 -30.41 -29.19 -9.06
CA ARG D 38 -31.01 -30.50 -8.76
C ARG D 38 -31.61 -31.13 -10.01
N GLN D 39 -31.66 -32.46 -10.01
CA GLN D 39 -32.27 -33.21 -11.11
C GLN D 39 -33.05 -34.39 -10.55
N ALA D 40 -34.32 -34.50 -10.95
CA ALA D 40 -35.20 -35.57 -10.51
C ALA D 40 -35.34 -36.62 -11.62
N PRO D 41 -35.72 -37.85 -11.26
CA PRO D 41 -35.89 -38.89 -12.29
C PRO D 41 -36.98 -38.52 -13.28
N GLY D 42 -36.69 -38.72 -14.56
CA GLY D 42 -37.62 -38.30 -15.61
C GLY D 42 -37.63 -36.81 -15.88
N LYS D 43 -37.73 -35.99 -14.84
CA LYS D 43 -37.77 -34.55 -15.00
C LYS D 43 -36.38 -34.01 -15.35
N GLU D 44 -36.35 -32.87 -16.03
CA GLU D 44 -35.11 -32.27 -16.46
C GLU D 44 -34.49 -31.44 -15.34
N ARG D 45 -33.20 -31.15 -15.47
CA ARG D 45 -32.45 -30.60 -14.35
C ARG D 45 -32.70 -29.11 -14.17
N GLU D 46 -32.81 -28.70 -12.91
CA GLU D 46 -33.26 -27.37 -12.50
C GLU D 46 -32.18 -26.70 -11.67
N SER D 47 -31.82 -25.47 -12.02
CA SER D 47 -30.75 -24.78 -11.31
C SER D 47 -31.31 -24.17 -10.01
N VAL D 48 -30.77 -24.61 -8.87
CA VAL D 48 -31.37 -24.26 -7.58
C VAL D 48 -30.88 -22.90 -7.10
N ALA D 49 -29.58 -22.76 -6.84
CA ALA D 49 -29.07 -21.52 -6.26
C ALA D 49 -27.62 -21.32 -6.68
N ALA D 50 -27.14 -20.09 -6.51
CA ALA D 50 -25.80 -19.74 -6.98
C ALA D 50 -25.19 -18.65 -6.11
N ILE D 51 -23.88 -18.75 -5.89
CA ILE D 51 -23.12 -17.75 -5.14
C ILE D 51 -21.86 -17.39 -5.92
N SER D 52 -21.53 -16.10 -5.89
CA SER D 52 -20.40 -15.55 -6.64
C SER D 52 -19.08 -16.08 -6.09
N SER D 53 -18.04 -15.97 -6.92
CA SER D 53 -16.72 -16.47 -6.54
C SER D 53 -16.21 -15.79 -5.29
N SER D 54 -16.45 -14.49 -5.15
CA SER D 54 -16.07 -13.76 -3.94
C SER D 54 -17.07 -13.92 -2.81
N GLY D 55 -18.25 -14.45 -3.09
CA GLY D 55 -19.28 -14.57 -2.08
C GLY D 55 -20.08 -13.30 -1.93
N GLY D 56 -20.94 -13.29 -0.92
CA GLY D 56 -21.77 -12.12 -0.64
C GLY D 56 -22.98 -11.92 -1.54
N SER D 57 -22.78 -11.97 -2.85
CA SER D 57 -23.87 -11.82 -3.82
C SER D 57 -24.41 -13.19 -4.17
N THR D 58 -25.72 -13.39 -4.00
CA THR D 58 -26.35 -14.69 -4.19
C THR D 58 -27.59 -14.57 -5.08
N HIS D 59 -27.97 -15.70 -5.68
CA HIS D 59 -29.13 -15.80 -6.54
C HIS D 59 -29.84 -17.12 -6.25
N TYR D 60 -31.16 -17.13 -6.43
CA TYR D 60 -31.96 -18.32 -6.20
C TYR D 60 -33.01 -18.46 -7.28
N ALA D 61 -33.47 -19.69 -7.49
CA ALA D 61 -34.60 -19.94 -8.38
C ALA D 61 -35.89 -19.53 -7.69
N ASP D 62 -36.85 -19.04 -8.48
CA ASP D 62 -38.13 -18.59 -7.94
C ASP D 62 -38.76 -19.66 -7.04
N SER D 63 -38.59 -20.93 -7.40
CA SER D 63 -39.21 -22.01 -6.63
C SER D 63 -38.64 -22.12 -5.23
N VAL D 64 -37.33 -21.89 -5.07
CA VAL D 64 -36.69 -22.00 -3.76
C VAL D 64 -36.49 -20.66 -3.07
N LYS D 65 -36.99 -19.57 -3.67
CA LYS D 65 -36.84 -18.25 -3.06
C LYS D 65 -37.61 -18.18 -1.75
N GLY D 66 -36.98 -17.56 -0.75
CA GLY D 66 -37.57 -17.44 0.57
C GLY D 66 -37.65 -18.73 1.36
N ARG D 67 -37.09 -19.80 0.83
CA ARG D 67 -37.06 -21.10 1.49
C ARG D 67 -35.67 -21.66 1.68
N PHE D 68 -34.80 -21.52 0.69
CA PHE D 68 -33.43 -22.00 0.77
C PHE D 68 -32.47 -20.82 0.91
N THR D 69 -31.25 -21.13 1.34
CA THR D 69 -30.18 -20.13 1.39
C THR D 69 -28.84 -20.78 1.08
N ILE D 70 -28.09 -20.17 0.14
CA ILE D 70 -26.77 -20.65 -0.28
C ILE D 70 -25.71 -19.76 0.34
N SER D 71 -24.58 -20.36 0.72
CA SER D 71 -23.51 -19.65 1.41
C SER D 71 -22.19 -20.37 1.14
N ARG D 72 -21.09 -19.71 1.48
CA ARG D 72 -19.78 -20.32 1.24
C ARG D 72 -18.75 -19.75 2.21
N ASP D 73 -17.88 -20.63 2.71
CA ASP D 73 -16.72 -20.22 3.49
C ASP D 73 -15.50 -20.60 2.67
N ASN D 74 -14.82 -19.58 2.10
CA ASN D 74 -13.67 -19.83 1.25
C ASN D 74 -12.50 -20.39 2.04
N SER D 75 -12.34 -19.94 3.29
CA SER D 75 -11.28 -20.48 4.14
C SER D 75 -11.45 -21.99 4.34
N LYS D 76 -12.68 -22.43 4.65
CA LYS D 76 -12.98 -23.86 4.68
C LYS D 76 -13.00 -24.48 3.31
N ASN D 77 -13.11 -23.66 2.27
CA ASN D 77 -13.08 -24.13 0.90
C ASN D 77 -14.35 -24.92 0.60
N THR D 78 -15.48 -24.48 1.19
CA THR D 78 -16.70 -25.27 1.17
C THR D 78 -17.90 -24.37 0.90
N VAL D 79 -18.93 -24.94 0.27
CA VAL D 79 -20.18 -24.24 0.02
C VAL D 79 -21.34 -25.02 0.64
N TYR D 80 -22.40 -24.30 0.99
CA TYR D 80 -23.50 -24.80 1.79
C TYR D 80 -24.82 -24.33 1.21
N LEU D 81 -25.84 -25.17 1.40
CA LEU D 81 -27.22 -24.87 0.99
C LEU D 81 -28.16 -25.36 2.08
N GLN D 82 -28.70 -24.43 2.86
CA GLN D 82 -29.66 -24.75 3.92
C GLN D 82 -31.07 -24.71 3.33
N MET D 83 -31.77 -25.84 3.39
CA MET D 83 -33.08 -26.01 2.78
C MET D 83 -34.15 -26.04 3.86
N ASN D 84 -34.58 -24.86 4.31
CA ASN D 84 -35.59 -24.78 5.36
C ASN D 84 -36.99 -25.00 4.77
N SER D 85 -37.78 -25.83 5.43
CA SER D 85 -39.16 -26.14 5.04
C SER D 85 -39.24 -26.73 3.62
N LEU D 86 -38.71 -27.94 3.50
CA LEU D 86 -38.71 -28.67 2.25
C LEU D 86 -40.12 -29.14 1.87
N LYS D 87 -40.36 -29.24 0.56
CA LYS D 87 -41.59 -29.74 -0.05
C LYS D 87 -41.34 -31.06 -0.77
N PRO D 88 -42.40 -31.81 -1.12
CA PRO D 88 -42.17 -33.10 -1.79
C PRO D 88 -41.60 -32.94 -3.19
N GLU D 89 -41.82 -31.81 -3.85
CA GLU D 89 -41.26 -31.56 -5.17
C GLU D 89 -39.78 -31.21 -5.13
N ASP D 90 -39.15 -31.25 -3.97
CA ASP D 90 -37.72 -30.99 -3.83
C ASP D 90 -36.88 -32.27 -3.87
N THR D 91 -37.51 -33.43 -4.03
CA THR D 91 -36.82 -34.71 -3.98
C THR D 91 -36.04 -34.92 -5.27
N ALA D 92 -34.71 -34.92 -5.20
CA ALA D 92 -33.90 -35.01 -6.39
C ALA D 92 -32.45 -35.29 -6.01
N VAL D 93 -31.63 -35.48 -7.04
CA VAL D 93 -30.18 -35.56 -6.88
C VAL D 93 -29.66 -34.13 -6.98
N TYR D 94 -29.15 -33.60 -5.87
CA TYR D 94 -28.53 -32.28 -5.89
C TYR D 94 -27.05 -32.41 -6.21
N TYR D 95 -26.59 -31.58 -7.14
CA TYR D 95 -25.20 -31.49 -7.54
C TYR D 95 -24.67 -30.08 -7.25
N CYS D 96 -23.38 -30.03 -6.96
CA CYS D 96 -22.63 -28.82 -6.71
C CYS D 96 -21.59 -28.66 -7.82
N ALA D 97 -21.57 -27.49 -8.46
CA ALA D 97 -20.74 -27.31 -9.64
C ALA D 97 -20.07 -25.95 -9.65
N ALA D 98 -18.79 -25.95 -10.03
CA ALA D 98 -17.98 -24.74 -10.09
C ALA D 98 -18.05 -24.13 -11.47
N ALA D 99 -18.09 -22.79 -11.51
CA ALA D 99 -18.20 -22.04 -12.75
C ALA D 99 -17.40 -20.75 -12.60
N MET D 100 -16.21 -20.75 -13.20
CA MET D 100 -15.53 -19.52 -13.59
C MET D 100 -15.97 -19.23 -15.01
N TYR D 101 -16.19 -17.94 -15.32
CA TYR D 101 -16.72 -17.47 -16.60
C TYR D 101 -18.15 -17.87 -16.98
N GLY D 102 -19.14 -17.10 -16.58
CA GLY D 102 -20.45 -17.23 -17.23
C GLY D 102 -21.12 -15.96 -17.71
N SER D 103 -22.44 -15.99 -17.68
CA SER D 103 -23.30 -14.84 -17.98
C SER D 103 -24.23 -14.73 -16.77
N ARG D 104 -25.33 -13.98 -16.91
CA ARG D 104 -26.32 -13.94 -15.84
C ARG D 104 -26.80 -15.35 -15.51
N TRP D 105 -26.66 -15.72 -14.23
CA TRP D 105 -27.16 -17.01 -13.77
C TRP D 105 -28.65 -17.12 -14.08
N PRO D 106 -29.16 -18.29 -14.48
CA PRO D 106 -28.54 -19.63 -14.58
C PRO D 106 -27.52 -19.85 -15.70
N ASP D 107 -27.32 -18.89 -16.59
CA ASP D 107 -26.39 -19.07 -17.71
C ASP D 107 -24.96 -18.89 -17.22
N TRP D 108 -24.36 -19.98 -16.75
CA TRP D 108 -22.94 -20.03 -16.42
C TRP D 108 -22.31 -21.21 -17.14
N GLU D 109 -21.02 -21.12 -17.44
CA GLU D 109 -20.27 -22.27 -17.96
C GLU D 109 -19.65 -23.01 -16.79
N TYR D 110 -20.31 -24.07 -16.36
CA TYR D 110 -19.82 -24.93 -15.29
C TYR D 110 -18.74 -25.84 -15.85
N ASP D 111 -17.50 -25.70 -15.35
CA ASP D 111 -16.39 -26.50 -15.83
C ASP D 111 -15.76 -27.34 -14.72
N TYR D 112 -16.56 -27.71 -13.71
CA TYR D 112 -16.21 -28.73 -12.71
C TYR D 112 -17.49 -29.20 -12.02
N TRP D 113 -17.60 -30.52 -11.81
CA TRP D 113 -18.78 -31.13 -11.19
C TRP D 113 -18.44 -31.72 -9.81
N GLY D 114 -19.46 -32.31 -9.20
CA GLY D 114 -19.30 -33.04 -7.95
C GLY D 114 -19.96 -34.41 -8.03
N GLN D 115 -19.85 -35.14 -6.91
CA GLN D 115 -20.41 -36.49 -6.84
C GLN D 115 -21.93 -36.46 -6.96
N GLY D 116 -22.60 -35.84 -5.99
CA GLY D 116 -24.06 -35.74 -6.03
C GLY D 116 -24.67 -36.40 -4.80
N THR D 117 -25.49 -35.64 -4.08
CA THR D 117 -26.16 -36.14 -2.89
C THR D 117 -27.66 -36.28 -3.17
N GLN D 118 -28.21 -37.42 -2.78
CA GLN D 118 -29.61 -37.74 -3.02
C GLN D 118 -30.48 -37.24 -1.86
N VAL D 119 -31.48 -36.43 -2.17
CA VAL D 119 -32.37 -35.87 -1.15
C VAL D 119 -33.78 -36.35 -1.42
N THR D 120 -34.37 -37.02 -0.43
CA THR D 120 -35.68 -37.64 -0.55
C THR D 120 -36.60 -37.05 0.52
N VAL D 121 -37.68 -36.41 0.08
CA VAL D 121 -38.64 -35.77 0.98
C VAL D 121 -39.90 -36.63 0.99
N SER D 122 -40.17 -37.27 2.13
CA SER D 122 -41.29 -38.18 2.26
C SER D 122 -42.59 -37.42 2.48
N SER D 123 -43.67 -37.89 1.86
CA SER D 123 -44.98 -37.26 1.97
C SER D 123 -45.55 -37.39 3.37
#